data_5EZH
# 
_entry.id   5EZH 
# 
_audit_conform.dict_name       mmcif_pdbx.dic 
_audit_conform.dict_version    5.383 
_audit_conform.dict_location   http://mmcif.pdb.org/dictionaries/ascii/mmcif_pdbx.dic 
# 
loop_
_database_2.database_id 
_database_2.database_code 
_database_2.pdbx_database_accession 
_database_2.pdbx_DOI 
PDB   5EZH         pdb_00005ezh 10.2210/pdb5ezh/pdb 
WWPDB D_1000215758 ?            ?                   
# 
loop_
_pdbx_audit_revision_history.ordinal 
_pdbx_audit_revision_history.data_content_type 
_pdbx_audit_revision_history.major_revision 
_pdbx_audit_revision_history.minor_revision 
_pdbx_audit_revision_history.revision_date 
1 'Structure model' 1 0 2016-02-03 
2 'Structure model' 1 1 2016-02-17 
3 'Structure model' 1 2 2017-09-13 
4 'Structure model' 1 3 2024-01-10 
# 
_pdbx_audit_revision_details.ordinal             1 
_pdbx_audit_revision_details.revision_ordinal    1 
_pdbx_audit_revision_details.data_content_type   'Structure model' 
_pdbx_audit_revision_details.provider            repository 
_pdbx_audit_revision_details.type                'Initial release' 
_pdbx_audit_revision_details.description         ? 
_pdbx_audit_revision_details.details             ? 
# 
loop_
_pdbx_audit_revision_group.ordinal 
_pdbx_audit_revision_group.revision_ordinal 
_pdbx_audit_revision_group.data_content_type 
_pdbx_audit_revision_group.group 
1 2 'Structure model' 'Database references'        
2 3 'Structure model' 'Author supporting evidence' 
3 4 'Structure model' 'Data collection'            
4 4 'Structure model' 'Database references'        
5 4 'Structure model' 'Refinement description'     
# 
loop_
_pdbx_audit_revision_category.ordinal 
_pdbx_audit_revision_category.revision_ordinal 
_pdbx_audit_revision_category.data_content_type 
_pdbx_audit_revision_category.category 
1 3 'Structure model' pdbx_audit_support            
2 4 'Structure model' chem_comp_atom                
3 4 'Structure model' chem_comp_bond                
4 4 'Structure model' database_2                    
5 4 'Structure model' pdbx_initial_refinement_model 
# 
loop_
_pdbx_audit_revision_item.ordinal 
_pdbx_audit_revision_item.revision_ordinal 
_pdbx_audit_revision_item.data_content_type 
_pdbx_audit_revision_item.item 
1 3 'Structure model' '_pdbx_audit_support.funding_organization' 
2 4 'Structure model' '_database_2.pdbx_DOI'                     
3 4 'Structure model' '_database_2.pdbx_database_accession'      
# 
_pdbx_database_status.status_code                     REL 
_pdbx_database_status.status_code_sf                  REL 
_pdbx_database_status.status_code_mr                  ? 
_pdbx_database_status.entry_id                        5EZH 
_pdbx_database_status.recvd_initial_deposition_date   2015-11-26 
_pdbx_database_status.SG_entry                        N 
_pdbx_database_status.deposit_site                    RCSB 
_pdbx_database_status.process_site                    PDBE 
_pdbx_database_status.status_code_cs                  ? 
_pdbx_database_status.methods_development_category    ? 
_pdbx_database_status.pdb_format_compatible           Y 
_pdbx_database_status.status_code_nmr_data            ? 
# 
loop_
_audit_author.name 
_audit_author.pdbx_ordinal 
'Surade, S.'      1 
'Blaszczyk, M.'   2 
'Nikiforov, P.O.' 3 
'Abell, C.'       4 
'Blundell, T.L.'  5 
# 
_citation.abstract                  ? 
_citation.abstract_id_CAS           ? 
_citation.book_id_ISBN              ? 
_citation.book_publisher            ? 
_citation.book_publisher_city       ? 
_citation.book_title                ? 
_citation.coordinate_linkage        ? 
_citation.country                   UK 
_citation.database_id_Medline       ? 
_citation.details                   ? 
_citation.id                        primary 
_citation.journal_abbrev            Org.Biomol.Chem. 
_citation.journal_id_ASTM           ? 
_citation.journal_id_CSD            ? 
_citation.journal_id_ISSN           1477-0539 
_citation.journal_full              ? 
_citation.journal_issue             ? 
_citation.journal_volume            14 
_citation.language                  ? 
_citation.page_first                2318 
_citation.page_last                 2326 
_citation.title                     
;A fragment merging approach towards the development of small molecule inhibitors of Mycobacterium tuberculosis EthR for use as ethionamide boosters.
;
_citation.year                      2016 
_citation.database_id_CSD           ? 
_citation.pdbx_database_id_DOI      10.1039/c5ob02630j 
_citation.pdbx_database_id_PubMed   26806381 
_citation.unpublished_flag          ? 
# 
loop_
_citation_author.citation_id 
_citation_author.name 
_citation_author.ordinal 
_citation_author.identifier_ORCID 
primary 'Nikiforov, P.O.' 1 ? 
primary 'Surade, S.'      2 ? 
primary 'Blaszczyk, M.'   3 ? 
primary 'Delorme, V.'     4 ? 
primary 'Brodin, P.'      5 ? 
primary 'Baulard, A.R.'   6 ? 
primary 'Blundell, T.L.'  7 ? 
primary 'Abell, C.'       8 ? 
# 
loop_
_entity.id 
_entity.type 
_entity.src_method 
_entity.pdbx_description 
_entity.formula_weight 
_entity.pdbx_number_of_molecules 
_entity.pdbx_ec 
_entity.pdbx_mutation 
_entity.pdbx_fragment 
_entity.details 
1 polymer     man 'HTH-type transcriptional regulator EthR'                              25259.254 1  ? ? ? ? 
2 non-polymer syn '~{N}-[(1-pyridin-2-ylpiperidin-4-yl)methyl]pyrrolidine-1-carboxamide' 288.388   2  ? ? ? ? 
3 non-polymer syn 'SULFATE ION'                                                          96.063    1  ? ? ? ? 
4 water       nat water                                                                  18.015    49 ? ? ? ? 
# 
_entity_poly.entity_id                      1 
_entity_poly.type                           'polypeptide(L)' 
_entity_poly.nstd_linkage                   no 
_entity_poly.nstd_monomer                   no 
_entity_poly.pdbx_seq_one_letter_code       
;MDIEFTTSAASQASLPRGRRTARPSGDDRELAILATAENLLEDRPLADISVDDLAKGAGISRPTFYFYFPSKEAVLLTLL
DRVVNQADMALQTLAENPADTDRENMWRTGINVFFETFGSHKAVTRAGQAARATSVEVAELWSTFMQKWIAYTAAVIDAE
RDRGAAPRTLPAHELATALNLMNERTLFASFAGEQPSVPEARVLDTLVHIWVTSIYGENRGSHHHHHH
;
_entity_poly.pdbx_seq_one_letter_code_can   
;MDIEFTTSAASQASLPRGRRTARPSGDDRELAILATAENLLEDRPLADISVDDLAKGAGISRPTFYFYFPSKEAVLLTLL
DRVVNQADMALQTLAENPADTDRENMWRTGINVFFETFGSHKAVTRAGQAARATSVEVAELWSTFMQKWIAYTAAVIDAE
RDRGAAPRTLPAHELATALNLMNERTLFASFAGEQPSVPEARVLDTLVHIWVTSIYGENRGSHHHHHH
;
_entity_poly.pdbx_strand_id                 A 
_entity_poly.pdbx_target_identifier         ? 
# 
loop_
_pdbx_entity_nonpoly.entity_id 
_pdbx_entity_nonpoly.name 
_pdbx_entity_nonpoly.comp_id 
2 '~{N}-[(1-pyridin-2-ylpiperidin-4-yl)methyl]pyrrolidine-1-carboxamide' 841 
3 'SULFATE ION'                                                          SO4 
4 water                                                                  HOH 
# 
loop_
_entity_poly_seq.entity_id 
_entity_poly_seq.num 
_entity_poly_seq.mon_id 
_entity_poly_seq.hetero 
1 1   MET n 
1 2   ASP n 
1 3   ILE n 
1 4   GLU n 
1 5   PHE n 
1 6   THR n 
1 7   THR n 
1 8   SER n 
1 9   ALA n 
1 10  ALA n 
1 11  SER n 
1 12  GLN n 
1 13  ALA n 
1 14  SER n 
1 15  LEU n 
1 16  PRO n 
1 17  ARG n 
1 18  GLY n 
1 19  ARG n 
1 20  ARG n 
1 21  THR n 
1 22  ALA n 
1 23  ARG n 
1 24  PRO n 
1 25  SER n 
1 26  GLY n 
1 27  ASP n 
1 28  ASP n 
1 29  ARG n 
1 30  GLU n 
1 31  LEU n 
1 32  ALA n 
1 33  ILE n 
1 34  LEU n 
1 35  ALA n 
1 36  THR n 
1 37  ALA n 
1 38  GLU n 
1 39  ASN n 
1 40  LEU n 
1 41  LEU n 
1 42  GLU n 
1 43  ASP n 
1 44  ARG n 
1 45  PRO n 
1 46  LEU n 
1 47  ALA n 
1 48  ASP n 
1 49  ILE n 
1 50  SER n 
1 51  VAL n 
1 52  ASP n 
1 53  ASP n 
1 54  LEU n 
1 55  ALA n 
1 56  LYS n 
1 57  GLY n 
1 58  ALA n 
1 59  GLY n 
1 60  ILE n 
1 61  SER n 
1 62  ARG n 
1 63  PRO n 
1 64  THR n 
1 65  PHE n 
1 66  TYR n 
1 67  PHE n 
1 68  TYR n 
1 69  PHE n 
1 70  PRO n 
1 71  SER n 
1 72  LYS n 
1 73  GLU n 
1 74  ALA n 
1 75  VAL n 
1 76  LEU n 
1 77  LEU n 
1 78  THR n 
1 79  LEU n 
1 80  LEU n 
1 81  ASP n 
1 82  ARG n 
1 83  VAL n 
1 84  VAL n 
1 85  ASN n 
1 86  GLN n 
1 87  ALA n 
1 88  ASP n 
1 89  MET n 
1 90  ALA n 
1 91  LEU n 
1 92  GLN n 
1 93  THR n 
1 94  LEU n 
1 95  ALA n 
1 96  GLU n 
1 97  ASN n 
1 98  PRO n 
1 99  ALA n 
1 100 ASP n 
1 101 THR n 
1 102 ASP n 
1 103 ARG n 
1 104 GLU n 
1 105 ASN n 
1 106 MET n 
1 107 TRP n 
1 108 ARG n 
1 109 THR n 
1 110 GLY n 
1 111 ILE n 
1 112 ASN n 
1 113 VAL n 
1 114 PHE n 
1 115 PHE n 
1 116 GLU n 
1 117 THR n 
1 118 PHE n 
1 119 GLY n 
1 120 SER n 
1 121 HIS n 
1 122 LYS n 
1 123 ALA n 
1 124 VAL n 
1 125 THR n 
1 126 ARG n 
1 127 ALA n 
1 128 GLY n 
1 129 GLN n 
1 130 ALA n 
1 131 ALA n 
1 132 ARG n 
1 133 ALA n 
1 134 THR n 
1 135 SER n 
1 136 VAL n 
1 137 GLU n 
1 138 VAL n 
1 139 ALA n 
1 140 GLU n 
1 141 LEU n 
1 142 TRP n 
1 143 SER n 
1 144 THR n 
1 145 PHE n 
1 146 MET n 
1 147 GLN n 
1 148 LYS n 
1 149 TRP n 
1 150 ILE n 
1 151 ALA n 
1 152 TYR n 
1 153 THR n 
1 154 ALA n 
1 155 ALA n 
1 156 VAL n 
1 157 ILE n 
1 158 ASP n 
1 159 ALA n 
1 160 GLU n 
1 161 ARG n 
1 162 ASP n 
1 163 ARG n 
1 164 GLY n 
1 165 ALA n 
1 166 ALA n 
1 167 PRO n 
1 168 ARG n 
1 169 THR n 
1 170 LEU n 
1 171 PRO n 
1 172 ALA n 
1 173 HIS n 
1 174 GLU n 
1 175 LEU n 
1 176 ALA n 
1 177 THR n 
1 178 ALA n 
1 179 LEU n 
1 180 ASN n 
1 181 LEU n 
1 182 MET n 
1 183 ASN n 
1 184 GLU n 
1 185 ARG n 
1 186 THR n 
1 187 LEU n 
1 188 PHE n 
1 189 ALA n 
1 190 SER n 
1 191 PHE n 
1 192 ALA n 
1 193 GLY n 
1 194 GLU n 
1 195 GLN n 
1 196 PRO n 
1 197 SER n 
1 198 VAL n 
1 199 PRO n 
1 200 GLU n 
1 201 ALA n 
1 202 ARG n 
1 203 VAL n 
1 204 LEU n 
1 205 ASP n 
1 206 THR n 
1 207 LEU n 
1 208 VAL n 
1 209 HIS n 
1 210 ILE n 
1 211 TRP n 
1 212 VAL n 
1 213 THR n 
1 214 SER n 
1 215 ILE n 
1 216 TYR n 
1 217 GLY n 
1 218 GLU n 
1 219 ASN n 
1 220 ARG n 
1 221 GLY n 
1 222 SER n 
1 223 HIS n 
1 224 HIS n 
1 225 HIS n 
1 226 HIS n 
1 227 HIS n 
1 228 HIS n 
# 
_entity_src_gen.entity_id                          1 
_entity_src_gen.pdbx_src_id                        1 
_entity_src_gen.pdbx_alt_source_flag               sample 
_entity_src_gen.pdbx_seq_type                      'Biological sequence' 
_entity_src_gen.pdbx_beg_seq_num                   1 
_entity_src_gen.pdbx_end_seq_num                   228 
_entity_src_gen.gene_src_common_name               ? 
_entity_src_gen.gene_src_genus                     ? 
_entity_src_gen.pdbx_gene_src_gene                 'ethR, etaR, MT3970' 
_entity_src_gen.gene_src_species                   ? 
_entity_src_gen.gene_src_strain                    ? 
_entity_src_gen.gene_src_tissue                    ? 
_entity_src_gen.gene_src_tissue_fraction           ? 
_entity_src_gen.gene_src_details                   ? 
_entity_src_gen.pdbx_gene_src_fragment             ? 
_entity_src_gen.pdbx_gene_src_scientific_name      'Mycobacterium tuberculosis' 
_entity_src_gen.pdbx_gene_src_ncbi_taxonomy_id     83331 
_entity_src_gen.pdbx_gene_src_variant              ? 
_entity_src_gen.pdbx_gene_src_cell_line            ? 
_entity_src_gen.pdbx_gene_src_atcc                 ? 
_entity_src_gen.pdbx_gene_src_organ                ? 
_entity_src_gen.pdbx_gene_src_organelle            ? 
_entity_src_gen.pdbx_gene_src_cell                 ? 
_entity_src_gen.pdbx_gene_src_cellular_location    ? 
_entity_src_gen.host_org_common_name               ? 
_entity_src_gen.pdbx_host_org_scientific_name      'Escherichia coli' 
_entity_src_gen.pdbx_host_org_ncbi_taxonomy_id     562 
_entity_src_gen.host_org_genus                     ? 
_entity_src_gen.pdbx_host_org_gene                 ? 
_entity_src_gen.pdbx_host_org_organ                ? 
_entity_src_gen.host_org_species                   ? 
_entity_src_gen.pdbx_host_org_tissue               ? 
_entity_src_gen.pdbx_host_org_tissue_fraction      ? 
_entity_src_gen.pdbx_host_org_strain               ? 
_entity_src_gen.pdbx_host_org_variant              ? 
_entity_src_gen.pdbx_host_org_cell_line            ? 
_entity_src_gen.pdbx_host_org_atcc                 ? 
_entity_src_gen.pdbx_host_org_culture_collection   ? 
_entity_src_gen.pdbx_host_org_cell                 ? 
_entity_src_gen.pdbx_host_org_organelle            ? 
_entity_src_gen.pdbx_host_org_cellular_location    ? 
_entity_src_gen.pdbx_host_org_vector_type          ? 
_entity_src_gen.pdbx_host_org_vector               ? 
_entity_src_gen.host_org_details                   ? 
_entity_src_gen.expression_system_id               ? 
_entity_src_gen.plasmid_name                       ? 
_entity_src_gen.plasmid_details                    ? 
_entity_src_gen.pdbx_description                   ? 
# 
loop_
_chem_comp.id 
_chem_comp.type 
_chem_comp.mon_nstd_flag 
_chem_comp.name 
_chem_comp.pdbx_synonyms 
_chem_comp.formula 
_chem_comp.formula_weight 
841 non-polymer         . '~{N}-[(1-pyridin-2-ylpiperidin-4-yl)methyl]pyrrolidine-1-carboxamide' ? 'C16 H24 N4 O'   288.388 
ALA 'L-peptide linking' y ALANINE                                                                ? 'C3 H7 N O2'     89.093  
ARG 'L-peptide linking' y ARGININE                                                               ? 'C6 H15 N4 O2 1' 175.209 
ASN 'L-peptide linking' y ASPARAGINE                                                             ? 'C4 H8 N2 O3'    132.118 
ASP 'L-peptide linking' y 'ASPARTIC ACID'                                                        ? 'C4 H7 N O4'     133.103 
GLN 'L-peptide linking' y GLUTAMINE                                                              ? 'C5 H10 N2 O3'   146.144 
GLU 'L-peptide linking' y 'GLUTAMIC ACID'                                                        ? 'C5 H9 N O4'     147.129 
GLY 'peptide linking'   y GLYCINE                                                                ? 'C2 H5 N O2'     75.067  
HIS 'L-peptide linking' y HISTIDINE                                                              ? 'C6 H10 N3 O2 1' 156.162 
HOH non-polymer         . WATER                                                                  ? 'H2 O'           18.015  
ILE 'L-peptide linking' y ISOLEUCINE                                                             ? 'C6 H13 N O2'    131.173 
LEU 'L-peptide linking' y LEUCINE                                                                ? 'C6 H13 N O2'    131.173 
LYS 'L-peptide linking' y LYSINE                                                                 ? 'C6 H15 N2 O2 1' 147.195 
MET 'L-peptide linking' y METHIONINE                                                             ? 'C5 H11 N O2 S'  149.211 
PHE 'L-peptide linking' y PHENYLALANINE                                                          ? 'C9 H11 N O2'    165.189 
PRO 'L-peptide linking' y PROLINE                                                                ? 'C5 H9 N O2'     115.130 
SER 'L-peptide linking' y SERINE                                                                 ? 'C3 H7 N O3'     105.093 
SO4 non-polymer         . 'SULFATE ION'                                                          ? 'O4 S -2'        96.063  
THR 'L-peptide linking' y THREONINE                                                              ? 'C4 H9 N O3'     119.119 
TRP 'L-peptide linking' y TRYPTOPHAN                                                             ? 'C11 H12 N2 O2'  204.225 
TYR 'L-peptide linking' y TYROSINE                                                               ? 'C9 H11 N O3'    181.189 
VAL 'L-peptide linking' y VALINE                                                                 ? 'C5 H11 N O2'    117.146 
# 
loop_
_pdbx_poly_seq_scheme.asym_id 
_pdbx_poly_seq_scheme.entity_id 
_pdbx_poly_seq_scheme.seq_id 
_pdbx_poly_seq_scheme.mon_id 
_pdbx_poly_seq_scheme.ndb_seq_num 
_pdbx_poly_seq_scheme.pdb_seq_num 
_pdbx_poly_seq_scheme.auth_seq_num 
_pdbx_poly_seq_scheme.pdb_mon_id 
_pdbx_poly_seq_scheme.auth_mon_id 
_pdbx_poly_seq_scheme.pdb_strand_id 
_pdbx_poly_seq_scheme.pdb_ins_code 
_pdbx_poly_seq_scheme.hetero 
A 1 1   MET 1   -3  ?   ?   ?   A . n 
A 1 2   ASP 2   -2  ?   ?   ?   A . n 
A 1 3   ILE 3   -1  ?   ?   ?   A . n 
A 1 4   GLU 4   0   ?   ?   ?   A . n 
A 1 5   PHE 5   1   ?   ?   ?   A . n 
A 1 6   THR 6   2   ?   ?   ?   A . n 
A 1 7   THR 7   3   ?   ?   ?   A . n 
A 1 8   SER 8   4   ?   ?   ?   A . n 
A 1 9   ALA 9   5   ?   ?   ?   A . n 
A 1 10  ALA 10  6   ?   ?   ?   A . n 
A 1 11  SER 11  7   ?   ?   ?   A . n 
A 1 12  GLN 12  8   ?   ?   ?   A . n 
A 1 13  ALA 13  9   ?   ?   ?   A . n 
A 1 14  SER 14  10  ?   ?   ?   A . n 
A 1 15  LEU 15  11  ?   ?   ?   A . n 
A 1 16  PRO 16  12  ?   ?   ?   A . n 
A 1 17  ARG 17  13  ?   ?   ?   A . n 
A 1 18  GLY 18  14  ?   ?   ?   A . n 
A 1 19  ARG 19  15  ?   ?   ?   A . n 
A 1 20  ARG 20  16  ?   ?   ?   A . n 
A 1 21  THR 21  17  ?   ?   ?   A . n 
A 1 22  ALA 22  18  ?   ?   ?   A . n 
A 1 23  ARG 23  19  ?   ?   ?   A . n 
A 1 24  PRO 24  20  ?   ?   ?   A . n 
A 1 25  SER 25  21  ?   ?   ?   A . n 
A 1 26  GLY 26  22  22  GLY GLY A . n 
A 1 27  ASP 27  23  23  ASP ASP A . n 
A 1 28  ASP 28  24  24  ASP ASP A . n 
A 1 29  ARG 29  25  25  ARG ARG A . n 
A 1 30  GLU 30  26  26  GLU GLU A . n 
A 1 31  LEU 31  27  27  LEU LEU A . n 
A 1 32  ALA 32  28  28  ALA ALA A . n 
A 1 33  ILE 33  29  29  ILE ILE A . n 
A 1 34  LEU 34  30  30  LEU LEU A . n 
A 1 35  ALA 35  31  31  ALA ALA A . n 
A 1 36  THR 36  32  32  THR THR A . n 
A 1 37  ALA 37  33  33  ALA ALA A . n 
A 1 38  GLU 38  34  34  GLU GLU A . n 
A 1 39  ASN 39  35  35  ASN ASN A . n 
A 1 40  LEU 40  36  36  LEU LEU A . n 
A 1 41  LEU 41  37  37  LEU LEU A . n 
A 1 42  GLU 42  38  38  GLU GLU A . n 
A 1 43  ASP 43  39  39  ASP ASP A . n 
A 1 44  ARG 44  40  40  ARG ARG A . n 
A 1 45  PRO 45  41  41  PRO PRO A . n 
A 1 46  LEU 46  42  42  LEU LEU A . n 
A 1 47  ALA 47  43  43  ALA ALA A . n 
A 1 48  ASP 48  44  44  ASP ASP A . n 
A 1 49  ILE 49  45  45  ILE ILE A . n 
A 1 50  SER 50  46  46  SER SER A . n 
A 1 51  VAL 51  47  47  VAL VAL A . n 
A 1 52  ASP 52  48  48  ASP ASP A . n 
A 1 53  ASP 53  49  49  ASP ASP A . n 
A 1 54  LEU 54  50  50  LEU LEU A . n 
A 1 55  ALA 55  51  51  ALA ALA A . n 
A 1 56  LYS 56  52  52  LYS LYS A . n 
A 1 57  GLY 57  53  53  GLY GLY A . n 
A 1 58  ALA 58  54  54  ALA ALA A . n 
A 1 59  GLY 59  55  55  GLY GLY A . n 
A 1 60  ILE 60  56  56  ILE ILE A . n 
A 1 61  SER 61  57  57  SER SER A . n 
A 1 62  ARG 62  58  58  ARG ARG A . n 
A 1 63  PRO 63  59  59  PRO PRO A . n 
A 1 64  THR 64  60  60  THR THR A . n 
A 1 65  PHE 65  61  61  PHE PHE A . n 
A 1 66  TYR 66  62  62  TYR TYR A . n 
A 1 67  PHE 67  63  63  PHE PHE A . n 
A 1 68  TYR 68  64  64  TYR TYR A . n 
A 1 69  PHE 69  65  65  PHE PHE A . n 
A 1 70  PRO 70  66  66  PRO PRO A . n 
A 1 71  SER 71  67  67  SER SER A . n 
A 1 72  LYS 72  68  68  LYS LYS A . n 
A 1 73  GLU 73  69  69  GLU GLU A . n 
A 1 74  ALA 74  70  70  ALA ALA A . n 
A 1 75  VAL 75  71  71  VAL VAL A . n 
A 1 76  LEU 76  72  72  LEU LEU A . n 
A 1 77  LEU 77  73  73  LEU LEU A . n 
A 1 78  THR 78  74  74  THR THR A . n 
A 1 79  LEU 79  75  75  LEU LEU A . n 
A 1 80  LEU 80  76  76  LEU LEU A . n 
A 1 81  ASP 81  77  77  ASP ASP A . n 
A 1 82  ARG 82  78  78  ARG ARG A . n 
A 1 83  VAL 83  79  79  VAL VAL A . n 
A 1 84  VAL 84  80  80  VAL VAL A . n 
A 1 85  ASN 85  81  81  ASN ASN A . n 
A 1 86  GLN 86  82  82  GLN GLN A . n 
A 1 87  ALA 87  83  83  ALA ALA A . n 
A 1 88  ASP 88  84  84  ASP ASP A . n 
A 1 89  MET 89  85  85  MET MET A . n 
A 1 90  ALA 90  86  86  ALA ALA A . n 
A 1 91  LEU 91  87  87  LEU LEU A . n 
A 1 92  GLN 92  88  88  GLN GLN A . n 
A 1 93  THR 93  89  89  THR THR A . n 
A 1 94  LEU 94  90  90  LEU LEU A . n 
A 1 95  ALA 95  91  91  ALA ALA A . n 
A 1 96  GLU 96  92  92  GLU GLU A . n 
A 1 97  ASN 97  93  93  ASN ASN A . n 
A 1 98  PRO 98  94  94  PRO PRO A . n 
A 1 99  ALA 99  95  95  ALA ALA A . n 
A 1 100 ASP 100 96  96  ASP ASP A . n 
A 1 101 THR 101 97  97  THR THR A . n 
A 1 102 ASP 102 98  98  ASP ASP A . n 
A 1 103 ARG 103 99  99  ARG ARG A . n 
A 1 104 GLU 104 100 100 GLU GLU A . n 
A 1 105 ASN 105 101 101 ASN ASN A . n 
A 1 106 MET 106 102 102 MET MET A . n 
A 1 107 TRP 107 103 103 TRP TRP A . n 
A 1 108 ARG 108 104 104 ARG ARG A . n 
A 1 109 THR 109 105 105 THR THR A . n 
A 1 110 GLY 110 106 106 GLY GLY A . n 
A 1 111 ILE 111 107 107 ILE ILE A . n 
A 1 112 ASN 112 108 108 ASN ASN A . n 
A 1 113 VAL 113 109 109 VAL VAL A . n 
A 1 114 PHE 114 110 110 PHE PHE A . n 
A 1 115 PHE 115 111 111 PHE PHE A . n 
A 1 116 GLU 116 112 112 GLU GLU A . n 
A 1 117 THR 117 113 113 THR THR A . n 
A 1 118 PHE 118 114 114 PHE PHE A . n 
A 1 119 GLY 119 115 115 GLY GLY A . n 
A 1 120 SER 120 116 116 SER SER A . n 
A 1 121 HIS 121 117 117 HIS HIS A . n 
A 1 122 LYS 122 118 118 LYS LYS A . n 
A 1 123 ALA 123 119 119 ALA ALA A . n 
A 1 124 VAL 124 120 120 VAL VAL A . n 
A 1 125 THR 125 121 121 THR THR A . n 
A 1 126 ARG 126 122 122 ARG ARG A . n 
A 1 127 ALA 127 123 123 ALA ALA A . n 
A 1 128 GLY 128 124 124 GLY GLY A . n 
A 1 129 GLN 129 125 125 GLN GLN A . n 
A 1 130 ALA 130 126 126 ALA ALA A . n 
A 1 131 ALA 131 127 127 ALA ALA A . n 
A 1 132 ARG 132 128 128 ARG ARG A . n 
A 1 133 ALA 133 129 129 ALA ALA A . n 
A 1 134 THR 134 130 130 THR THR A . n 
A 1 135 SER 135 131 131 SER SER A . n 
A 1 136 VAL 136 132 132 VAL VAL A . n 
A 1 137 GLU 137 133 133 GLU GLU A . n 
A 1 138 VAL 138 134 134 VAL VAL A . n 
A 1 139 ALA 139 135 135 ALA ALA A . n 
A 1 140 GLU 140 136 136 GLU GLU A . n 
A 1 141 LEU 141 137 137 LEU LEU A . n 
A 1 142 TRP 142 138 138 TRP TRP A . n 
A 1 143 SER 143 139 139 SER SER A . n 
A 1 144 THR 144 140 140 THR THR A . n 
A 1 145 PHE 145 141 141 PHE PHE A . n 
A 1 146 MET 146 142 142 MET MET A . n 
A 1 147 GLN 147 143 143 GLN GLN A . n 
A 1 148 LYS 148 144 144 LYS LYS A . n 
A 1 149 TRP 149 145 145 TRP TRP A . n 
A 1 150 ILE 150 146 146 ILE ILE A . n 
A 1 151 ALA 151 147 147 ALA ALA A . n 
A 1 152 TYR 152 148 148 TYR TYR A . n 
A 1 153 THR 153 149 149 THR THR A . n 
A 1 154 ALA 154 150 150 ALA ALA A . n 
A 1 155 ALA 155 151 151 ALA ALA A . n 
A 1 156 VAL 156 152 152 VAL VAL A . n 
A 1 157 ILE 157 153 153 ILE ILE A . n 
A 1 158 ASP 158 154 154 ASP ASP A . n 
A 1 159 ALA 159 155 155 ALA ALA A . n 
A 1 160 GLU 160 156 156 GLU GLU A . n 
A 1 161 ARG 161 157 157 ARG ARG A . n 
A 1 162 ASP 162 158 158 ASP ASP A . n 
A 1 163 ARG 163 159 159 ARG ARG A . n 
A 1 164 GLY 164 160 160 GLY GLY A . n 
A 1 165 ALA 165 161 161 ALA ALA A . n 
A 1 166 ALA 166 162 162 ALA ALA A . n 
A 1 167 PRO 167 163 163 PRO PRO A . n 
A 1 168 ARG 168 164 164 ARG ARG A . n 
A 1 169 THR 169 165 165 THR THR A . n 
A 1 170 LEU 170 166 166 LEU LEU A . n 
A 1 171 PRO 171 167 167 PRO PRO A . n 
A 1 172 ALA 172 168 168 ALA ALA A . n 
A 1 173 HIS 173 169 169 HIS HIS A . n 
A 1 174 GLU 174 170 170 GLU GLU A . n 
A 1 175 LEU 175 171 171 LEU LEU A . n 
A 1 176 ALA 176 172 172 ALA ALA A . n 
A 1 177 THR 177 173 173 THR THR A . n 
A 1 178 ALA 178 174 174 ALA ALA A . n 
A 1 179 LEU 179 175 175 LEU LEU A . n 
A 1 180 ASN 180 176 176 ASN ASN A . n 
A 1 181 LEU 181 177 177 LEU LEU A . n 
A 1 182 MET 182 178 178 MET MET A . n 
A 1 183 ASN 183 179 179 ASN ASN A . n 
A 1 184 GLU 184 180 180 GLU GLU A . n 
A 1 185 ARG 185 181 181 ARG ARG A . n 
A 1 186 THR 186 182 182 THR THR A . n 
A 1 187 LEU 187 183 183 LEU LEU A . n 
A 1 188 PHE 188 184 184 PHE PHE A . n 
A 1 189 ALA 189 185 185 ALA ALA A . n 
A 1 190 SER 190 186 186 SER SER A . n 
A 1 191 PHE 191 187 187 PHE PHE A . n 
A 1 192 ALA 192 188 188 ALA ALA A . n 
A 1 193 GLY 193 189 189 GLY GLY A . n 
A 1 194 GLU 194 190 190 GLU GLU A . n 
A 1 195 GLN 195 191 191 GLN GLN A . n 
A 1 196 PRO 196 192 192 PRO PRO A . n 
A 1 197 SER 197 193 193 SER SER A . n 
A 1 198 VAL 198 194 194 VAL VAL A . n 
A 1 199 PRO 199 195 195 PRO PRO A . n 
A 1 200 GLU 200 196 196 GLU GLU A . n 
A 1 201 ALA 201 197 197 ALA ALA A . n 
A 1 202 ARG 202 198 198 ARG ARG A . n 
A 1 203 VAL 203 199 199 VAL VAL A . n 
A 1 204 LEU 204 200 200 LEU LEU A . n 
A 1 205 ASP 205 201 201 ASP ASP A . n 
A 1 206 THR 206 202 202 THR THR A . n 
A 1 207 LEU 207 203 203 LEU LEU A . n 
A 1 208 VAL 208 204 204 VAL VAL A . n 
A 1 209 HIS 209 205 205 HIS HIS A . n 
A 1 210 ILE 210 206 206 ILE ILE A . n 
A 1 211 TRP 211 207 207 TRP TRP A . n 
A 1 212 VAL 212 208 208 VAL VAL A . n 
A 1 213 THR 213 209 209 THR THR A . n 
A 1 214 SER 214 210 210 SER SER A . n 
A 1 215 ILE 215 211 211 ILE ILE A . n 
A 1 216 TYR 216 212 212 TYR TYR A . n 
A 1 217 GLY 217 213 213 GLY GLY A . n 
A 1 218 GLU 218 214 214 GLU GLU A . n 
A 1 219 ASN 219 215 ?   ?   ?   A . n 
A 1 220 ARG 220 216 ?   ?   ?   A . n 
A 1 221 GLY 221 217 ?   ?   ?   A . n 
A 1 222 SER 222 218 ?   ?   ?   A . n 
A 1 223 HIS 223 219 ?   ?   ?   A . n 
A 1 224 HIS 224 220 ?   ?   ?   A . n 
A 1 225 HIS 225 221 ?   ?   ?   A . n 
A 1 226 HIS 226 222 ?   ?   ?   A . n 
A 1 227 HIS 227 223 ?   ?   ?   A . n 
A 1 228 HIS 228 224 ?   ?   ?   A . n 
# 
loop_
_pdbx_nonpoly_scheme.asym_id 
_pdbx_nonpoly_scheme.entity_id 
_pdbx_nonpoly_scheme.mon_id 
_pdbx_nonpoly_scheme.ndb_seq_num 
_pdbx_nonpoly_scheme.pdb_seq_num 
_pdbx_nonpoly_scheme.auth_seq_num 
_pdbx_nonpoly_scheme.pdb_mon_id 
_pdbx_nonpoly_scheme.auth_mon_id 
_pdbx_nonpoly_scheme.pdb_strand_id 
_pdbx_nonpoly_scheme.pdb_ins_code 
B 2 841 1  301 1  841 841 A . 
C 2 841 1  302 1  841 841 A . 
D 3 SO4 1  303 1  SO4 SO4 A . 
E 4 HOH 1  401 45 HOH HOH A . 
E 4 HOH 2  402 22 HOH HOH A . 
E 4 HOH 3  403 2  HOH HOH A . 
E 4 HOH 4  404 12 HOH HOH A . 
E 4 HOH 5  405 17 HOH HOH A . 
E 4 HOH 6  406 15 HOH HOH A . 
E 4 HOH 7  407 43 HOH HOH A . 
E 4 HOH 8  408 38 HOH HOH A . 
E 4 HOH 9  409 14 HOH HOH A . 
E 4 HOH 10 410 16 HOH HOH A . 
E 4 HOH 11 411 3  HOH HOH A . 
E 4 HOH 12 412 33 HOH HOH A . 
E 4 HOH 13 413 30 HOH HOH A . 
E 4 HOH 14 414 25 HOH HOH A . 
E 4 HOH 15 415 4  HOH HOH A . 
E 4 HOH 16 416 8  HOH HOH A . 
E 4 HOH 17 417 18 HOH HOH A . 
E 4 HOH 18 418 42 HOH HOH A . 
E 4 HOH 19 419 9  HOH HOH A . 
E 4 HOH 20 420 36 HOH HOH A . 
E 4 HOH 21 421 11 HOH HOH A . 
E 4 HOH 22 422 29 HOH HOH A . 
E 4 HOH 23 423 6  HOH HOH A . 
E 4 HOH 24 424 23 HOH HOH A . 
E 4 HOH 25 425 1  HOH HOH A . 
E 4 HOH 26 426 7  HOH HOH A . 
E 4 HOH 27 427 27 HOH HOH A . 
E 4 HOH 28 428 5  HOH HOH A . 
E 4 HOH 29 429 35 HOH HOH A . 
E 4 HOH 30 430 31 HOH HOH A . 
E 4 HOH 31 431 24 HOH HOH A . 
E 4 HOH 32 432 19 HOH HOH A . 
E 4 HOH 33 433 21 HOH HOH A . 
E 4 HOH 34 434 28 HOH HOH A . 
E 4 HOH 35 435 10 HOH HOH A . 
E 4 HOH 36 436 44 HOH HOH A . 
E 4 HOH 37 437 13 HOH HOH A . 
E 4 HOH 38 438 20 HOH HOH A . 
E 4 HOH 39 439 40 HOH HOH A . 
E 4 HOH 40 440 39 HOH HOH A . 
E 4 HOH 41 441 47 HOH HOH A . 
E 4 HOH 42 442 37 HOH HOH A . 
E 4 HOH 43 443 34 HOH HOH A . 
E 4 HOH 44 444 32 HOH HOH A . 
E 4 HOH 45 445 49 HOH HOH A . 
E 4 HOH 46 446 41 HOH HOH A . 
E 4 HOH 47 447 48 HOH HOH A . 
E 4 HOH 48 448 26 HOH HOH A . 
E 4 HOH 49 449 46 HOH HOH A . 
# 
loop_
_pdbx_unobs_or_zero_occ_atoms.id 
_pdbx_unobs_or_zero_occ_atoms.PDB_model_num 
_pdbx_unobs_or_zero_occ_atoms.polymer_flag 
_pdbx_unobs_or_zero_occ_atoms.occupancy_flag 
_pdbx_unobs_or_zero_occ_atoms.auth_asym_id 
_pdbx_unobs_or_zero_occ_atoms.auth_comp_id 
_pdbx_unobs_or_zero_occ_atoms.auth_seq_id 
_pdbx_unobs_or_zero_occ_atoms.PDB_ins_code 
_pdbx_unobs_or_zero_occ_atoms.auth_atom_id 
_pdbx_unobs_or_zero_occ_atoms.label_alt_id 
_pdbx_unobs_or_zero_occ_atoms.label_asym_id 
_pdbx_unobs_or_zero_occ_atoms.label_comp_id 
_pdbx_unobs_or_zero_occ_atoms.label_seq_id 
_pdbx_unobs_or_zero_occ_atoms.label_atom_id 
1 1 Y 1 A ASP 23  ? CG  ? A ASP 27  CG  
2 1 Y 1 A ASP 23  ? OD1 ? A ASP 27  OD1 
3 1 Y 1 A ASP 23  ? OD2 ? A ASP 27  OD2 
4 1 Y 1 A GLU 214 ? CD  ? A GLU 218 CD  
5 1 Y 1 A GLU 214 ? OE1 ? A GLU 218 OE1 
6 1 Y 1 A GLU 214 ? OE2 ? A GLU 218 OE2 
# 
loop_
_software.citation_id 
_software.classification 
_software.compiler_name 
_software.compiler_version 
_software.contact_author 
_software.contact_author_email 
_software.date 
_software.description 
_software.dependencies 
_software.hardware 
_software.language 
_software.location 
_software.mods 
_software.name 
_software.os 
_software.os_version 
_software.type 
_software.version 
_software.pdbx_ordinal 
? 'data scaling'    ? ? ? ? ? ? ? ? ? ? ? Aimless     ? ? ? 0.1.29   1 
? phasing           ? ? ? ? ? ? ? ? ? ? ? PHASER      ? ? ? 2.3.0    2 
? refinement        ? ? ? ? ? ? ? ? ? ? ? REFMAC      ? ? ? 5.6.0117 3 
? 'data extraction' ? ? ? ? ? ? ? ? ? ? ? PDB_EXTRACT ? ? ? 3.15     4 
? 'data reduction'  ? ? ? ? ? ? ? ? ? ? ? xia2        ? ? ? .        5 
? phasing           ? ? ? ? ? ? ? ? ? ? ? PHASER      ? ? ? .        6 
# 
_cell.angle_alpha                  90.000 
_cell.angle_alpha_esd              ? 
_cell.angle_beta                   90.000 
_cell.angle_beta_esd               ? 
_cell.angle_gamma                  90.000 
_cell.angle_gamma_esd              ? 
_cell.entry_id                     5EZH 
_cell.details                      ? 
_cell.formula_units_Z              ? 
_cell.length_a                     121.410 
_cell.length_a_esd                 ? 
_cell.length_b                     121.410 
_cell.length_b_esd                 ? 
_cell.length_c                     33.890 
_cell.length_c_esd                 ? 
_cell.volume                       ? 
_cell.volume_esd                   ? 
_cell.Z_PDB                        8 
_cell.reciprocal_angle_alpha       ? 
_cell.reciprocal_angle_beta        ? 
_cell.reciprocal_angle_gamma       ? 
_cell.reciprocal_angle_alpha_esd   ? 
_cell.reciprocal_angle_beta_esd    ? 
_cell.reciprocal_angle_gamma_esd   ? 
_cell.reciprocal_length_a          ? 
_cell.reciprocal_length_b          ? 
_cell.reciprocal_length_c          ? 
_cell.reciprocal_length_a_esd      ? 
_cell.reciprocal_length_b_esd      ? 
_cell.reciprocal_length_c_esd      ? 
_cell.pdbx_unique_axis             ? 
# 
_symmetry.entry_id                         5EZH 
_symmetry.cell_setting                     ? 
_symmetry.Int_Tables_number                92 
_symmetry.space_group_name_Hall            ? 
_symmetry.space_group_name_H-M             'P 41 21 2' 
_symmetry.pdbx_full_space_group_name_H-M   ? 
# 
_exptl.absorpt_coefficient_mu     ? 
_exptl.absorpt_correction_T_max   ? 
_exptl.absorpt_correction_T_min   ? 
_exptl.absorpt_correction_type    ? 
_exptl.absorpt_process_details    ? 
_exptl.entry_id                   5EZH 
_exptl.crystals_number            1 
_exptl.details                    ? 
_exptl.method                     'X-RAY DIFFRACTION' 
_exptl.method_details             ? 
# 
_exptl_crystal.colour                      ? 
_exptl_crystal.density_diffrn              ? 
_exptl_crystal.density_Matthews            2.47 
_exptl_crystal.density_method              ? 
_exptl_crystal.density_percent_sol         50.25 
_exptl_crystal.description                 ? 
_exptl_crystal.F_000                       ? 
_exptl_crystal.id                          1 
_exptl_crystal.preparation                 ? 
_exptl_crystal.size_max                    ? 
_exptl_crystal.size_mid                    ? 
_exptl_crystal.size_min                    ? 
_exptl_crystal.size_rad                    ? 
_exptl_crystal.colour_lustre               ? 
_exptl_crystal.colour_modifier             ? 
_exptl_crystal.colour_primary              ? 
_exptl_crystal.density_meas                ? 
_exptl_crystal.density_meas_esd            ? 
_exptl_crystal.density_meas_gt             ? 
_exptl_crystal.density_meas_lt             ? 
_exptl_crystal.density_meas_temp           ? 
_exptl_crystal.density_meas_temp_esd       ? 
_exptl_crystal.density_meas_temp_gt        ? 
_exptl_crystal.density_meas_temp_lt        ? 
_exptl_crystal.pdbx_crystal_image_url      ? 
_exptl_crystal.pdbx_crystal_image_format   ? 
_exptl_crystal.pdbx_mosaicity              ? 
_exptl_crystal.pdbx_mosaicity_esd          ? 
# 
_exptl_crystal_grow.apparatus       ? 
_exptl_crystal_grow.atmosphere      ? 
_exptl_crystal_grow.crystal_id      1 
_exptl_crystal_grow.details         ? 
_exptl_crystal_grow.method          'VAPOR DIFFUSION, SITTING DROP' 
_exptl_crystal_grow.method_ref      ? 
_exptl_crystal_grow.pH              ? 
_exptl_crystal_grow.pressure        ? 
_exptl_crystal_grow.pressure_esd    ? 
_exptl_crystal_grow.seeding         ? 
_exptl_crystal_grow.seeding_ref     ? 
_exptl_crystal_grow.temp            298 
_exptl_crystal_grow.temp_details    ? 
_exptl_crystal_grow.temp_esd        ? 
_exptl_crystal_grow.time            ? 
_exptl_crystal_grow.pdbx_details    'Ammonium sulphate, Glycerol, MES' 
_exptl_crystal_grow.pdbx_pH_range   '6.3 - 6.5' 
# 
_diffrn.ambient_environment    ? 
_diffrn.ambient_temp           100 
_diffrn.ambient_temp_details   ? 
_diffrn.ambient_temp_esd       ? 
_diffrn.crystal_id             1 
_diffrn.crystal_support        ? 
_diffrn.crystal_treatment      ? 
_diffrn.details                ? 
_diffrn.id                     1 
_diffrn.ambient_pressure       ? 
_diffrn.ambient_pressure_esd   ? 
_diffrn.ambient_pressure_gt    ? 
_diffrn.ambient_pressure_lt    ? 
_diffrn.ambient_temp_gt        ? 
_diffrn.ambient_temp_lt        ? 
# 
_diffrn_detector.details                      ? 
_diffrn_detector.detector                     PIXEL 
_diffrn_detector.diffrn_id                    1 
_diffrn_detector.type                         'DECTRIS PILATUS 6M' 
_diffrn_detector.area_resol_mean              ? 
_diffrn_detector.dtime                        ? 
_diffrn_detector.pdbx_frames_total            ? 
_diffrn_detector.pdbx_collection_time_total   ? 
_diffrn_detector.pdbx_collection_date         2013-12-11 
# 
_diffrn_radiation.collimation                      ? 
_diffrn_radiation.diffrn_id                        1 
_diffrn_radiation.filter_edge                      ? 
_diffrn_radiation.inhomogeneity                    ? 
_diffrn_radiation.monochromator                    ? 
_diffrn_radiation.polarisn_norm                    ? 
_diffrn_radiation.polarisn_ratio                   ? 
_diffrn_radiation.probe                            ? 
_diffrn_radiation.type                             ? 
_diffrn_radiation.xray_symbol                      ? 
_diffrn_radiation.wavelength_id                    1 
_diffrn_radiation.pdbx_monochromatic_or_laue_m_l   M 
_diffrn_radiation.pdbx_wavelength_list             ? 
_diffrn_radiation.pdbx_wavelength                  ? 
_diffrn_radiation.pdbx_diffrn_protocol             'SINGLE WAVELENGTH' 
_diffrn_radiation.pdbx_analyzer                    ? 
_diffrn_radiation.pdbx_scattering_type             x-ray 
# 
_diffrn_radiation_wavelength.id           1 
_diffrn_radiation_wavelength.wavelength   0.97943 
_diffrn_radiation_wavelength.wt           1.0 
# 
_diffrn_source.current                     ? 
_diffrn_source.details                     ? 
_diffrn_source.diffrn_id                   1 
_diffrn_source.power                       ? 
_diffrn_source.size                        ? 
_diffrn_source.source                      SYNCHROTRON 
_diffrn_source.target                      ? 
_diffrn_source.type                        'DIAMOND BEAMLINE I04' 
_diffrn_source.voltage                     ? 
_diffrn_source.take-off_angle              ? 
_diffrn_source.pdbx_wavelength_list        0.97943 
_diffrn_source.pdbx_wavelength             ? 
_diffrn_source.pdbx_synchrotron_beamline   I04 
_diffrn_source.pdbx_synchrotron_site       Diamond 
# 
_reflns.B_iso_Wilson_estimate            ? 
_reflns.entry_id                         5EZH 
_reflns.data_reduction_details           ? 
_reflns.data_reduction_method            ? 
_reflns.d_resolution_high                1.700 
_reflns.d_resolution_low                 85.850 
_reflns.details                          ? 
_reflns.limit_h_max                      ? 
_reflns.limit_h_min                      ? 
_reflns.limit_k_max                      ? 
_reflns.limit_k_min                      ? 
_reflns.limit_l_max                      ? 
_reflns.limit_l_min                      ? 
_reflns.number_all                       ? 
_reflns.number_obs                       28584 
_reflns.observed_criterion               ? 
_reflns.observed_criterion_F_max         ? 
_reflns.observed_criterion_F_min         ? 
_reflns.observed_criterion_I_max         ? 
_reflns.observed_criterion_I_min         ? 
_reflns.observed_criterion_sigma_F       ? 
_reflns.observed_criterion_sigma_I       ? 
_reflns.percent_possible_obs             100.000 
_reflns.R_free_details                   ? 
_reflns.Rmerge_F_all                     ? 
_reflns.Rmerge_F_obs                     ? 
_reflns.Friedel_coverage                 ? 
_reflns.number_gt                        ? 
_reflns.threshold_expression             ? 
_reflns.pdbx_redundancy                  12.600 
_reflns.pdbx_Rmerge_I_obs                0.051 
_reflns.pdbx_Rmerge_I_all                ? 
_reflns.pdbx_Rsym_value                  ? 
_reflns.pdbx_netI_over_av_sigmaI         ? 
_reflns.pdbx_netI_over_sigmaI            28.400 
_reflns.pdbx_res_netI_over_av_sigmaI_2   ? 
_reflns.pdbx_res_netI_over_sigmaI_2      ? 
_reflns.pdbx_chi_squared                 ? 
_reflns.pdbx_scaling_rejects             ? 
_reflns.pdbx_d_res_high_opt              ? 
_reflns.pdbx_d_res_low_opt               ? 
_reflns.pdbx_d_res_opt_method            ? 
_reflns.phase_calculation_details        ? 
_reflns.pdbx_Rrim_I_all                  ? 
_reflns.pdbx_Rpim_I_all                  0.015 
_reflns.pdbx_d_opt                       ? 
_reflns.pdbx_number_measured_all         359919 
_reflns.pdbx_diffrn_id                   1 
_reflns.pdbx_ordinal                     1 
_reflns.pdbx_CC_half                     1.000 
_reflns.pdbx_R_split                     ? 
# 
loop_
_reflns_shell.d_res_high 
_reflns_shell.d_res_low 
_reflns_shell.meanI_over_sigI_all 
_reflns_shell.meanI_over_sigI_obs 
_reflns_shell.number_measured_all 
_reflns_shell.number_measured_obs 
_reflns_shell.number_possible 
_reflns_shell.number_unique_all 
_reflns_shell.number_unique_obs 
_reflns_shell.percent_possible_all 
_reflns_shell.percent_possible_obs 
_reflns_shell.Rmerge_F_all 
_reflns_shell.Rmerge_F_obs 
_reflns_shell.Rmerge_I_all 
_reflns_shell.Rmerge_I_obs 
_reflns_shell.meanI_over_sigI_gt 
_reflns_shell.meanI_over_uI_all 
_reflns_shell.meanI_over_uI_gt 
_reflns_shell.number_measured_gt 
_reflns_shell.number_unique_gt 
_reflns_shell.percent_possible_gt 
_reflns_shell.Rmerge_F_gt 
_reflns_shell.Rmerge_I_gt 
_reflns_shell.pdbx_redundancy 
_reflns_shell.pdbx_Rsym_value 
_reflns_shell.pdbx_chi_squared 
_reflns_shell.pdbx_netI_over_sigmaI_all 
_reflns_shell.pdbx_netI_over_sigmaI_obs 
_reflns_shell.pdbx_Rrim_I_all 
_reflns_shell.pdbx_Rpim_I_all 
_reflns_shell.pdbx_rejects 
_reflns_shell.pdbx_ordinal 
_reflns_shell.pdbx_diffrn_id 
_reflns_shell.pdbx_CC_half 
_reflns_shell.pdbx_R_split 
1.700 1.740  ? 3.900  26001 ? ? 2056 ? 99.900 ? ? ? ? 0.815 ? ? ? ? ? ? ? ? 12.600 ? ? ? ? ? 0.236 0 1 1 0.884 ? 
7.600 85.850 ? 67.200 3823  ? ? 398  ? 99.300 ? ? ? ? 0.023 ? ? ? ? ? ? ? ? 9.600  ? ? ? ? ? 0.007 0 2 1 1.000 ? 
# 
_refine.aniso_B[1][1]                            0.0200 
_refine.aniso_B[1][2]                            0.0000 
_refine.aniso_B[1][3]                            0.0000 
_refine.aniso_B[2][2]                            0.0200 
_refine.aniso_B[2][3]                            0.0000 
_refine.aniso_B[3][3]                            -0.0500 
_refine.B_iso_max                                78.270 
_refine.B_iso_mean                               28.5600 
_refine.B_iso_min                                12.190 
_refine.correlation_coeff_Fo_to_Fc               0.9590 
_refine.correlation_coeff_Fo_to_Fc_free          0.9450 
_refine.details                                  
'HYDROGENS HAVE BEEN USED IF PRESENT IN THE INPUT U VALUES      : REFINED INDIVIDUALLY' 
_refine.diff_density_max                         ? 
_refine.diff_density_max_esd                     ? 
_refine.diff_density_min                         ? 
_refine.diff_density_min_esd                     ? 
_refine.diff_density_rms                         ? 
_refine.diff_density_rms_esd                     ? 
_refine.entry_id                                 5EZH 
_refine.pdbx_refine_id                           'X-RAY DIFFRACTION' 
_refine.ls_abs_structure_details                 ? 
_refine.ls_abs_structure_Flack                   ? 
_refine.ls_abs_structure_Flack_esd               ? 
_refine.ls_abs_structure_Rogers                  ? 
_refine.ls_abs_structure_Rogers_esd              ? 
_refine.ls_d_res_high                            1.7000 
_refine.ls_d_res_low                             60.7100 
_refine.ls_extinction_coef                       ? 
_refine.ls_extinction_coef_esd                   ? 
_refine.ls_extinction_expression                 ? 
_refine.ls_extinction_method                     ? 
_refine.ls_goodness_of_fit_all                   ? 
_refine.ls_goodness_of_fit_all_esd               ? 
_refine.ls_goodness_of_fit_obs                   ? 
_refine.ls_goodness_of_fit_obs_esd               ? 
_refine.ls_hydrogen_treatment                    ? 
_refine.ls_matrix_type                           ? 
_refine.ls_number_constraints                    ? 
_refine.ls_number_parameters                     ? 
_refine.ls_number_reflns_all                     ? 
_refine.ls_number_reflns_obs                     27091 
_refine.ls_number_reflns_R_free                  1443 
_refine.ls_number_reflns_R_work                  ? 
_refine.ls_number_restraints                     ? 
_refine.ls_percent_reflns_obs                    99.9400 
_refine.ls_percent_reflns_R_free                 5.1000 
_refine.ls_R_factor_all                          ? 
_refine.ls_R_factor_obs                          0.1959 
_refine.ls_R_factor_R_free                       0.2322 
_refine.ls_R_factor_R_free_error                 ? 
_refine.ls_R_factor_R_free_error_details         ? 
_refine.ls_R_factor_R_work                       0.1940 
_refine.ls_R_Fsqd_factor_obs                     ? 
_refine.ls_R_I_factor_obs                        ? 
_refine.ls_redundancy_reflns_all                 ? 
_refine.ls_redundancy_reflns_obs                 ? 
_refine.ls_restrained_S_all                      ? 
_refine.ls_restrained_S_obs                      ? 
_refine.ls_shift_over_esd_max                    ? 
_refine.ls_shift_over_esd_mean                   ? 
_refine.ls_structure_factor_coef                 ? 
_refine.ls_weighting_details                     ? 
_refine.ls_weighting_scheme                      ? 
_refine.ls_wR_factor_all                         ? 
_refine.ls_wR_factor_obs                         ? 
_refine.ls_wR_factor_R_free                      0.2302 
_refine.ls_wR_factor_R_work                      0.1884 
_refine.occupancy_max                            ? 
_refine.occupancy_min                            ? 
_refine.solvent_model_details                    MASK 
_refine.solvent_model_param_bsol                 ? 
_refine.solvent_model_param_ksol                 ? 
_refine.ls_R_factor_gt                           ? 
_refine.ls_goodness_of_fit_gt                    ? 
_refine.ls_goodness_of_fit_ref                   ? 
_refine.ls_shift_over_su_max                     ? 
_refine.ls_shift_over_su_max_lt                  ? 
_refine.ls_shift_over_su_mean                    ? 
_refine.ls_shift_over_su_mean_lt                 ? 
_refine.pdbx_ls_sigma_I                          ? 
_refine.pdbx_ls_sigma_F                          0.000 
_refine.pdbx_ls_sigma_Fsqd                       ? 
_refine.pdbx_data_cutoff_high_absF               ? 
_refine.pdbx_data_cutoff_high_rms_absF           ? 
_refine.pdbx_data_cutoff_low_absF                ? 
_refine.pdbx_isotropic_thermal_model             ? 
_refine.pdbx_ls_cross_valid_method               THROUGHOUT 
_refine.pdbx_method_to_determine_struct          'MOLECULAR REPLACEMENT' 
_refine.pdbx_starting_model                      1T56 
_refine.pdbx_stereochemistry_target_values       'MAXIMUM LIKELIHOOD' 
_refine.pdbx_R_Free_selection_details            RANDOM 
_refine.pdbx_stereochem_target_val_spec_case     ? 
_refine.pdbx_overall_ESU_R                       0.0930 
_refine.pdbx_overall_ESU_R_Free                  0.0970 
_refine.pdbx_solvent_vdw_probe_radii             1.2000 
_refine.pdbx_solvent_ion_probe_radii             0.8000 
_refine.pdbx_solvent_shrinkage_radii             0.8000 
_refine.pdbx_real_space_R                        ? 
_refine.pdbx_density_correlation                 ? 
_refine.pdbx_pd_number_of_powder_patterns        ? 
_refine.pdbx_pd_number_of_points                 ? 
_refine.pdbx_pd_meas_number_of_points            ? 
_refine.pdbx_pd_proc_ls_prof_R_factor            ? 
_refine.pdbx_pd_proc_ls_prof_wR_factor           ? 
_refine.pdbx_pd_Marquardt_correlation_coeff      ? 
_refine.pdbx_pd_Fsqrd_R_factor                   ? 
_refine.pdbx_pd_ls_matrix_band_width             ? 
_refine.pdbx_overall_phase_error                 ? 
_refine.pdbx_overall_SU_R_free_Cruickshank_DPI   ? 
_refine.pdbx_overall_SU_R_free_Blow_DPI          ? 
_refine.pdbx_overall_SU_R_Blow_DPI               ? 
_refine.pdbx_TLS_residual_ADP_flag               ? 
_refine.pdbx_diffrn_id                           1 
_refine.overall_SU_B                             1.6710 
_refine.overall_SU_ML                            0.0570 
_refine.overall_SU_R_Cruickshank_DPI             0.0930 
_refine.overall_SU_R_free                        0.0974 
_refine.overall_FOM_free_R_set                   ? 
_refine.overall_FOM_work_R_set                   0.8655 
_refine.pdbx_average_fsc_overall                 ? 
_refine.pdbx_average_fsc_work                    ? 
_refine.pdbx_average_fsc_free                    ? 
# 
_refine_hist.cycle_id                         final 
_refine_hist.pdbx_refine_id                   'X-RAY DIFFRACTION' 
_refine_hist.d_res_high                       1.7000 
_refine_hist.d_res_low                        60.7100 
_refine_hist.pdbx_number_atoms_ligand         47 
_refine_hist.number_atoms_solvent             49 
_refine_hist.number_atoms_total               1592 
_refine_hist.pdbx_number_residues_total       193 
_refine_hist.pdbx_B_iso_mean_ligand           26.51 
_refine_hist.pdbx_B_iso_mean_solvent          34.83 
_refine_hist.pdbx_number_atoms_protein        1496 
_refine_hist.pdbx_number_atoms_nucleic_acid   0 
# 
loop_
_refine_ls_restr.pdbx_refine_id 
_refine_ls_restr.criterion 
_refine_ls_restr.dev_ideal 
_refine_ls_restr.dev_ideal_target 
_refine_ls_restr.number 
_refine_ls_restr.rejects 
_refine_ls_restr.type 
_refine_ls_restr.weight 
_refine_ls_restr.pdbx_restraint_function 
'X-RAY DIFFRACTION' ? 0.024  0.020  1577 ? r_bond_refined_d       ? ? 
'X-RAY DIFFRACTION' ? 2.347  1.979  2148 ? r_angle_refined_deg    ? ? 
'X-RAY DIFFRACTION' ? 4.812  5.000  192  ? r_dihedral_angle_1_deg ? ? 
'X-RAY DIFFRACTION' ? 35.317 23.521 71   ? r_dihedral_angle_2_deg ? ? 
'X-RAY DIFFRACTION' ? 13.242 15.000 239  ? r_dihedral_angle_3_deg ? ? 
'X-RAY DIFFRACTION' ? 19.685 15.000 13   ? r_dihedral_angle_4_deg ? ? 
'X-RAY DIFFRACTION' ? 0.176  0.200  244  ? r_chiral_restr         ? ? 
'X-RAY DIFFRACTION' ? 0.013  0.021  1208 ? r_gen_planes_refined   ? ? 
# 
_refine_ls_shell.pdbx_refine_id                   'X-RAY DIFFRACTION' 
_refine_ls_shell.d_res_high                       1.7000 
_refine_ls_shell.d_res_low                        1.7440 
_refine_ls_shell.number_reflns_all                1864 
_refine_ls_shell.number_reflns_obs                ? 
_refine_ls_shell.number_reflns_R_free             89 
_refine_ls_shell.number_reflns_R_work             1775 
_refine_ls_shell.percent_reflns_obs               99.9500 
_refine_ls_shell.percent_reflns_R_free            ? 
_refine_ls_shell.R_factor_all                     ? 
_refine_ls_shell.R_factor_obs                     ? 
_refine_ls_shell.R_factor_R_free                  0.3390 
_refine_ls_shell.R_factor_R_free_error            ? 
_refine_ls_shell.R_factor_R_work                  0.2950 
_refine_ls_shell.redundancy_reflns_all            ? 
_refine_ls_shell.redundancy_reflns_obs            ? 
_refine_ls_shell.wR_factor_all                    ? 
_refine_ls_shell.wR_factor_obs                    ? 
_refine_ls_shell.wR_factor_R_free                 ? 
_refine_ls_shell.wR_factor_R_work                 ? 
_refine_ls_shell.pdbx_total_number_of_bins_used   20 
_refine_ls_shell.pdbx_phase_error                 ? 
_refine_ls_shell.pdbx_fsc_work                    ? 
_refine_ls_shell.pdbx_fsc_free                    ? 
# 
_struct.entry_id                     5EZH 
_struct.title                        
;Structure of Transcriptional Regulatory Repressor Protein - EthR from Mycobacterium Tuberculosis in complex with compound 21 at 1.7A resolution
;
_struct.pdbx_model_details           ? 
_struct.pdbx_formula_weight          ? 
_struct.pdbx_formula_weight_method   ? 
_struct.pdbx_model_type_details      ? 
_struct.pdbx_CASP_flag               ? 
# 
_struct_keywords.entry_id        5EZH 
_struct_keywords.text            'EthR, transcription, repressor, Mycobacterium tuberculosis' 
_struct_keywords.pdbx_keywords   TRANSCRIPTION 
# 
loop_
_struct_asym.id 
_struct_asym.pdbx_blank_PDB_chainid_flag 
_struct_asym.pdbx_modified 
_struct_asym.entity_id 
_struct_asym.details 
A N N 1 ? 
B N N 2 ? 
C N N 2 ? 
D N N 3 ? 
E N N 4 ? 
# 
_struct_ref.id                         1 
_struct_ref.db_name                    UNP 
_struct_ref.db_code                    ETHR_MYCTO 
_struct_ref.pdbx_db_accession          P9WMC0 
_struct_ref.pdbx_db_isoform            ? 
_struct_ref.entity_id                  1 
_struct_ref.pdbx_seq_one_letter_code   
;TTSAASQASLPRGRRTARPSGDDRELAILATAENLLEDRPLADISVDDLAKGAGISRPTFYFYFPSKEAVLLTLLDRVVN
QADMALQTLAENPADTDRENMWRTGINVFFETFGSHKAVTRAGQAARATSVEVAELWSTFMQKWIAYTAAVIDAERDRGA
APRTLPAHELATALNLMNERTLFASFAGEQPSVPEARVLDTLVHIWVTSIYGENR
;
_struct_ref.pdbx_align_begin           2 
# 
_struct_ref_seq.align_id                      1 
_struct_ref_seq.ref_id                        1 
_struct_ref_seq.pdbx_PDB_id_code              5EZH 
_struct_ref_seq.pdbx_strand_id                A 
_struct_ref_seq.seq_align_beg                 6 
_struct_ref_seq.pdbx_seq_align_beg_ins_code   ? 
_struct_ref_seq.seq_align_end                 220 
_struct_ref_seq.pdbx_seq_align_end_ins_code   ? 
_struct_ref_seq.pdbx_db_accession             P9WMC0 
_struct_ref_seq.db_align_beg                  2 
_struct_ref_seq.pdbx_db_align_beg_ins_code    ? 
_struct_ref_seq.db_align_end                  216 
_struct_ref_seq.pdbx_db_align_end_ins_code    ? 
_struct_ref_seq.pdbx_auth_seq_align_beg       2 
_struct_ref_seq.pdbx_auth_seq_align_end       216 
# 
loop_
_struct_ref_seq_dif.align_id 
_struct_ref_seq_dif.pdbx_pdb_id_code 
_struct_ref_seq_dif.mon_id 
_struct_ref_seq_dif.pdbx_pdb_strand_id 
_struct_ref_seq_dif.seq_num 
_struct_ref_seq_dif.pdbx_pdb_ins_code 
_struct_ref_seq_dif.pdbx_seq_db_name 
_struct_ref_seq_dif.pdbx_seq_db_accession_code 
_struct_ref_seq_dif.db_mon_id 
_struct_ref_seq_dif.pdbx_seq_db_seq_num 
_struct_ref_seq_dif.details 
_struct_ref_seq_dif.pdbx_auth_seq_num 
_struct_ref_seq_dif.pdbx_ordinal 
1 5EZH MET A 1   ? UNP P9WMC0 ? ? 'initiating methionine' -3  1  
1 5EZH ASP A 2   ? UNP P9WMC0 ? ? 'expression tag'        -2  2  
1 5EZH ILE A 3   ? UNP P9WMC0 ? ? 'expression tag'        -1  3  
1 5EZH GLU A 4   ? UNP P9WMC0 ? ? 'expression tag'        0   4  
1 5EZH PHE A 5   ? UNP P9WMC0 ? ? 'expression tag'        1   5  
1 5EZH GLY A 221 ? UNP P9WMC0 ? ? 'expression tag'        217 6  
1 5EZH SER A 222 ? UNP P9WMC0 ? ? 'expression tag'        218 7  
1 5EZH HIS A 223 ? UNP P9WMC0 ? ? 'expression tag'        219 8  
1 5EZH HIS A 224 ? UNP P9WMC0 ? ? 'expression tag'        220 9  
1 5EZH HIS A 225 ? UNP P9WMC0 ? ? 'expression tag'        221 10 
1 5EZH HIS A 226 ? UNP P9WMC0 ? ? 'expression tag'        222 11 
1 5EZH HIS A 227 ? UNP P9WMC0 ? ? 'expression tag'        223 12 
1 5EZH HIS A 228 ? UNP P9WMC0 ? ? 'expression tag'        224 13 
# 
_pdbx_struct_assembly.id                   1 
_pdbx_struct_assembly.details              software_defined_assembly 
_pdbx_struct_assembly.method_details       PISA 
_pdbx_struct_assembly.oligomeric_details   dimeric 
_pdbx_struct_assembly.oligomeric_count     2 
# 
loop_
_pdbx_struct_assembly_prop.biol_id 
_pdbx_struct_assembly_prop.type 
_pdbx_struct_assembly_prop.value 
_pdbx_struct_assembly_prop.details 
1 'ABSA (A^2)' 3110  ? 
1 MORE         -43   ? 
1 'SSA (A^2)'  17360 ? 
# 
_pdbx_struct_assembly_gen.assembly_id       1 
_pdbx_struct_assembly_gen.oper_expression   1,2 
_pdbx_struct_assembly_gen.asym_id_list      A,B,C,D,E 
# 
loop_
_pdbx_struct_oper_list.id 
_pdbx_struct_oper_list.type 
_pdbx_struct_oper_list.name 
_pdbx_struct_oper_list.symmetry_operation 
_pdbx_struct_oper_list.matrix[1][1] 
_pdbx_struct_oper_list.matrix[1][2] 
_pdbx_struct_oper_list.matrix[1][3] 
_pdbx_struct_oper_list.vector[1] 
_pdbx_struct_oper_list.matrix[2][1] 
_pdbx_struct_oper_list.matrix[2][2] 
_pdbx_struct_oper_list.matrix[2][3] 
_pdbx_struct_oper_list.vector[2] 
_pdbx_struct_oper_list.matrix[3][1] 
_pdbx_struct_oper_list.matrix[3][2] 
_pdbx_struct_oper_list.matrix[3][3] 
_pdbx_struct_oper_list.vector[3] 
1 'identity operation'         1_555 x,y,z  1.0000000000  0.0000000000 0.0000000000  0.0000000000   0.0000000000 1.0000000000 0.0000000000  0.0000000000  0.0000000000  0.0000000000  1.0000000000  0.0000000000  
2 'crystal symmetry operation' 7_555 y,x,-z -0.4070202611 0.8565624192 -0.3172307190 -20.5004195568 0.8565624192 0.2373090172 -0.4582414782 10.7311228882 -0.3172307190 -0.4582414782 -0.8302887561 -9.3447975789 
# 
loop_
_struct_conf.conf_type_id 
_struct_conf.id 
_struct_conf.pdbx_PDB_helix_id 
_struct_conf.beg_label_comp_id 
_struct_conf.beg_label_asym_id 
_struct_conf.beg_label_seq_id 
_struct_conf.pdbx_beg_PDB_ins_code 
_struct_conf.end_label_comp_id 
_struct_conf.end_label_asym_id 
_struct_conf.end_label_seq_id 
_struct_conf.pdbx_end_PDB_ins_code 
_struct_conf.beg_auth_comp_id 
_struct_conf.beg_auth_asym_id 
_struct_conf.beg_auth_seq_id 
_struct_conf.end_auth_comp_id 
_struct_conf.end_auth_asym_id 
_struct_conf.end_auth_seq_id 
_struct_conf.pdbx_PDB_helix_class 
_struct_conf.details 
_struct_conf.pdbx_PDB_helix_length 
HELX_P HELX_P1  AA1 GLY A 26  ? ARG A 44  ? GLY A 22  ARG A 40  1 ? 19 
HELX_P HELX_P2  AA2 PRO A 45  ? ILE A 49  ? PRO A 41  ILE A 45  5 ? 5  
HELX_P HELX_P3  AA3 SER A 50  ? GLY A 59  ? SER A 46  GLY A 55  1 ? 10 
HELX_P HELX_P4  AA4 SER A 61  ? PHE A 69  ? SER A 57  PHE A 65  1 ? 9  
HELX_P HELX_P5  AA5 SER A 71  ? ASN A 97  ? SER A 67  ASN A 93  1 ? 27 
HELX_P HELX_P6  AA6 ASP A 102 ? PHE A 118 ? ASP A 98  PHE A 114 1 ? 17 
HELX_P HELX_P7  AA7 HIS A 121 ? ALA A 133 ? HIS A 117 ALA A 129 1 ? 13 
HELX_P HELX_P8  AA8 SER A 135 ? ARG A 163 ? SER A 131 ARG A 159 1 ? 29 
HELX_P HELX_P9  AA9 PRO A 171 ? GLY A 193 ? PRO A 167 GLY A 189 1 ? 23 
HELX_P HELX_P10 AB1 PRO A 199 ? GLY A 217 ? PRO A 195 GLY A 213 1 ? 19 
# 
_struct_conf_type.id          HELX_P 
_struct_conf_type.criteria    ? 
_struct_conf_type.reference   ? 
# 
_struct_mon_prot_cis.pdbx_id                1 
_struct_mon_prot_cis.label_comp_id          GLN 
_struct_mon_prot_cis.label_seq_id           195 
_struct_mon_prot_cis.label_asym_id          A 
_struct_mon_prot_cis.label_alt_id           . 
_struct_mon_prot_cis.pdbx_PDB_ins_code      ? 
_struct_mon_prot_cis.auth_comp_id           GLN 
_struct_mon_prot_cis.auth_seq_id            191 
_struct_mon_prot_cis.auth_asym_id           A 
_struct_mon_prot_cis.pdbx_label_comp_id_2   PRO 
_struct_mon_prot_cis.pdbx_label_seq_id_2    196 
_struct_mon_prot_cis.pdbx_label_asym_id_2   A 
_struct_mon_prot_cis.pdbx_PDB_ins_code_2    ? 
_struct_mon_prot_cis.pdbx_auth_comp_id_2    PRO 
_struct_mon_prot_cis.pdbx_auth_seq_id_2     192 
_struct_mon_prot_cis.pdbx_auth_asym_id_2    A 
_struct_mon_prot_cis.pdbx_PDB_model_num     1 
_struct_mon_prot_cis.pdbx_omega_angle       0.73 
# 
loop_
_struct_site.id 
_struct_site.pdbx_evidence_code 
_struct_site.pdbx_auth_asym_id 
_struct_site.pdbx_auth_comp_id 
_struct_site.pdbx_auth_seq_id 
_struct_site.pdbx_auth_ins_code 
_struct_site.pdbx_num_residues 
_struct_site.details 
AC1 Software A 841 301 ? 13 'binding site for residue 841 A 301' 
AC2 Software A 841 302 ? 9  'binding site for residue 841 A 302' 
AC3 Software A SO4 303 ? 2  'binding site for residue SO4 A 303' 
# 
loop_
_struct_site_gen.id 
_struct_site_gen.site_id 
_struct_site_gen.pdbx_num_res 
_struct_site_gen.label_comp_id 
_struct_site_gen.label_asym_id 
_struct_site_gen.label_seq_id 
_struct_site_gen.pdbx_auth_ins_code 
_struct_site_gen.auth_comp_id 
_struct_site_gen.auth_asym_id 
_struct_site_gen.auth_seq_id 
_struct_site_gen.label_atom_id 
_struct_site_gen.label_alt_id 
_struct_site_gen.symmetry 
_struct_site_gen.details 
1  AC1 13 LEU A 80  ? LEU A 76  . ? 1_555 ? 
2  AC1 13 VAL A 84  ? VAL A 80  . ? 1_555 ? 
3  AC1 13 THR A 125 ? THR A 121 . ? 1_555 ? 
4  AC1 13 GLY A 128 ? GLY A 124 . ? 1_555 ? 
5  AC1 13 GLN A 129 ? GLN A 125 . ? 1_555 ? 
6  AC1 13 VAL A 138 ? VAL A 134 . ? 1_555 ? 
7  AC1 13 LEU A 141 ? LEU A 137 . ? 1_555 ? 
8  AC1 13 TRP A 142 ? TRP A 138 . ? 1_555 ? 
9  AC1 13 GLU A 184 ? GLU A 180 . ? 1_555 ? 
10 AC1 13 PHE A 188 ? PHE A 184 . ? 1_555 ? 
11 AC1 13 PHE A 191 ? PHE A 187 . ? 1_555 ? 
12 AC1 13 HOH E .   ? HOH A 401 . ? 1_555 ? 
13 AC1 13 HOH E .   ? HOH A 418 . ? 1_555 ? 
14 AC2 9  LEU A 91  ? LEU A 87  . ? 1_555 ? 
15 AC2 9  TRP A 107 ? TRP A 103 . ? 1_555 ? 
16 AC2 9  GLY A 110 ? GLY A 106 . ? 1_555 ? 
17 AC2 9  PHE A 114 ? PHE A 110 . ? 1_555 ? 
18 AC2 9  MET A 146 ? MET A 142 . ? 1_555 ? 
19 AC2 9  TYR A 152 ? TYR A 148 . ? 1_555 ? 
20 AC2 9  ASN A 180 ? ASN A 176 . ? 1_555 ? 
21 AC2 9  ASN A 183 ? ASN A 179 . ? 1_555 ? 
22 AC2 9  TRP A 211 ? TRP A 207 . ? 1_555 ? 
23 AC3 2  ASP A 102 ? ASP A 98  . ? 1_555 ? 
24 AC3 2  ARG A 103 ? ARG A 99  . ? 1_555 ? 
# 
loop_
_pdbx_validate_close_contact.id 
_pdbx_validate_close_contact.PDB_model_num 
_pdbx_validate_close_contact.auth_atom_id_1 
_pdbx_validate_close_contact.auth_asym_id_1 
_pdbx_validate_close_contact.auth_comp_id_1 
_pdbx_validate_close_contact.auth_seq_id_1 
_pdbx_validate_close_contact.PDB_ins_code_1 
_pdbx_validate_close_contact.label_alt_id_1 
_pdbx_validate_close_contact.auth_atom_id_2 
_pdbx_validate_close_contact.auth_asym_id_2 
_pdbx_validate_close_contact.auth_comp_id_2 
_pdbx_validate_close_contact.auth_seq_id_2 
_pdbx_validate_close_contact.PDB_ins_code_2 
_pdbx_validate_close_contact.label_alt_id_2 
_pdbx_validate_close_contact.dist 
1 1 O A HOH 407 ? ? O A HOH 436 ? ? 0.87 
2 1 O A HOH 401 ? ? O A HOH 418 ? ? 1.01 
# 
loop_
_pdbx_validate_rmsd_bond.id 
_pdbx_validate_rmsd_bond.PDB_model_num 
_pdbx_validate_rmsd_bond.auth_atom_id_1 
_pdbx_validate_rmsd_bond.auth_asym_id_1 
_pdbx_validate_rmsd_bond.auth_comp_id_1 
_pdbx_validate_rmsd_bond.auth_seq_id_1 
_pdbx_validate_rmsd_bond.PDB_ins_code_1 
_pdbx_validate_rmsd_bond.label_alt_id_1 
_pdbx_validate_rmsd_bond.auth_atom_id_2 
_pdbx_validate_rmsd_bond.auth_asym_id_2 
_pdbx_validate_rmsd_bond.auth_comp_id_2 
_pdbx_validate_rmsd_bond.auth_seq_id_2 
_pdbx_validate_rmsd_bond.PDB_ins_code_2 
_pdbx_validate_rmsd_bond.label_alt_id_2 
_pdbx_validate_rmsd_bond.bond_value 
_pdbx_validate_rmsd_bond.bond_target_value 
_pdbx_validate_rmsd_bond.bond_deviation 
_pdbx_validate_rmsd_bond.bond_standard_deviation 
_pdbx_validate_rmsd_bond.linker_flag 
1 1 CE2 A TRP 145 ? ? CD2 A TRP 145 ? ? 1.482 1.409 0.073 0.012 N 
2 1 CG  A HIS 169 ? ? CD2 A HIS 169 ? ? 1.409 1.354 0.055 0.009 N 
3 1 CE2 A TRP 207 ? ? CD2 A TRP 207 ? ? 1.485 1.409 0.076 0.012 N 
# 
loop_
_pdbx_validate_rmsd_angle.id 
_pdbx_validate_rmsd_angle.PDB_model_num 
_pdbx_validate_rmsd_angle.auth_atom_id_1 
_pdbx_validate_rmsd_angle.auth_asym_id_1 
_pdbx_validate_rmsd_angle.auth_comp_id_1 
_pdbx_validate_rmsd_angle.auth_seq_id_1 
_pdbx_validate_rmsd_angle.PDB_ins_code_1 
_pdbx_validate_rmsd_angle.label_alt_id_1 
_pdbx_validate_rmsd_angle.auth_atom_id_2 
_pdbx_validate_rmsd_angle.auth_asym_id_2 
_pdbx_validate_rmsd_angle.auth_comp_id_2 
_pdbx_validate_rmsd_angle.auth_seq_id_2 
_pdbx_validate_rmsd_angle.PDB_ins_code_2 
_pdbx_validate_rmsd_angle.label_alt_id_2 
_pdbx_validate_rmsd_angle.auth_atom_id_3 
_pdbx_validate_rmsd_angle.auth_asym_id_3 
_pdbx_validate_rmsd_angle.auth_comp_id_3 
_pdbx_validate_rmsd_angle.auth_seq_id_3 
_pdbx_validate_rmsd_angle.PDB_ins_code_3 
_pdbx_validate_rmsd_angle.label_alt_id_3 
_pdbx_validate_rmsd_angle.angle_value 
_pdbx_validate_rmsd_angle.angle_target_value 
_pdbx_validate_rmsd_angle.angle_deviation 
_pdbx_validate_rmsd_angle.angle_standard_deviation 
_pdbx_validate_rmsd_angle.linker_flag 
1 1 NE A ARG 128 ? ? CZ A ARG 128 ? ? NH2 A ARG 128 ? ? 116.19 120.30 -4.11 0.50 N 
2 1 NE A ARG 157 ? ? CZ A ARG 157 ? ? NH2 A ARG 157 ? ? 116.25 120.30 -4.05 0.50 N 
# 
_pdbx_validate_torsion.id              1 
_pdbx_validate_torsion.PDB_model_num   1 
_pdbx_validate_torsion.auth_comp_id    THR 
_pdbx_validate_torsion.auth_asym_id    A 
_pdbx_validate_torsion.auth_seq_id     165 
_pdbx_validate_torsion.PDB_ins_code    ? 
_pdbx_validate_torsion.label_alt_id    ? 
_pdbx_validate_torsion.phi             -105.40 
_pdbx_validate_torsion.psi             -103.16 
# 
loop_
_pdbx_struct_special_symmetry.id 
_pdbx_struct_special_symmetry.PDB_model_num 
_pdbx_struct_special_symmetry.auth_asym_id 
_pdbx_struct_special_symmetry.auth_comp_id 
_pdbx_struct_special_symmetry.auth_seq_id 
_pdbx_struct_special_symmetry.PDB_ins_code 
_pdbx_struct_special_symmetry.label_asym_id 
_pdbx_struct_special_symmetry.label_comp_id 
_pdbx_struct_special_symmetry.label_seq_id 
1 1 A HOH 413 ? E HOH . 
2 1 A HOH 446 ? E HOH . 
# 
_pdbx_phasing_MR.entry_id                     5EZH 
_pdbx_phasing_MR.method_rotation              ? 
_pdbx_phasing_MR.method_translation           ? 
_pdbx_phasing_MR.model_details                'Phaser MODE: MR_AUTO' 
_pdbx_phasing_MR.R_factor                     ? 
_pdbx_phasing_MR.R_rigid_body                 ? 
_pdbx_phasing_MR.correlation_coeff_Fo_to_Fc   ? 
_pdbx_phasing_MR.correlation_coeff_Io_to_Ic   ? 
_pdbx_phasing_MR.d_res_high_rotation          2.500 
_pdbx_phasing_MR.d_res_low_rotation           85.850 
_pdbx_phasing_MR.d_res_high_translation       2.500 
_pdbx_phasing_MR.d_res_low_translation        85.850 
_pdbx_phasing_MR.packing                      ? 
_pdbx_phasing_MR.reflns_percent_rotation      ? 
_pdbx_phasing_MR.reflns_percent_translation   ? 
_pdbx_phasing_MR.sigma_F_rotation             ? 
_pdbx_phasing_MR.sigma_F_translation          ? 
_pdbx_phasing_MR.sigma_I_rotation             ? 
_pdbx_phasing_MR.sigma_I_translation          ? 
# 
_phasing.method   MR 
# 
loop_
_pdbx_unobs_or_zero_occ_residues.id 
_pdbx_unobs_or_zero_occ_residues.PDB_model_num 
_pdbx_unobs_or_zero_occ_residues.polymer_flag 
_pdbx_unobs_or_zero_occ_residues.occupancy_flag 
_pdbx_unobs_or_zero_occ_residues.auth_asym_id 
_pdbx_unobs_or_zero_occ_residues.auth_comp_id 
_pdbx_unobs_or_zero_occ_residues.auth_seq_id 
_pdbx_unobs_or_zero_occ_residues.PDB_ins_code 
_pdbx_unobs_or_zero_occ_residues.label_asym_id 
_pdbx_unobs_or_zero_occ_residues.label_comp_id 
_pdbx_unobs_or_zero_occ_residues.label_seq_id 
1  1 Y 1 A MET -3  ? A MET 1   
2  1 Y 1 A ASP -2  ? A ASP 2   
3  1 Y 1 A ILE -1  ? A ILE 3   
4  1 Y 1 A GLU 0   ? A GLU 4   
5  1 Y 1 A PHE 1   ? A PHE 5   
6  1 Y 1 A THR 2   ? A THR 6   
7  1 Y 1 A THR 3   ? A THR 7   
8  1 Y 1 A SER 4   ? A SER 8   
9  1 Y 1 A ALA 5   ? A ALA 9   
10 1 Y 1 A ALA 6   ? A ALA 10  
11 1 Y 1 A SER 7   ? A SER 11  
12 1 Y 1 A GLN 8   ? A GLN 12  
13 1 Y 1 A ALA 9   ? A ALA 13  
14 1 Y 1 A SER 10  ? A SER 14  
15 1 Y 1 A LEU 11  ? A LEU 15  
16 1 Y 1 A PRO 12  ? A PRO 16  
17 1 Y 1 A ARG 13  ? A ARG 17  
18 1 Y 1 A GLY 14  ? A GLY 18  
19 1 Y 1 A ARG 15  ? A ARG 19  
20 1 Y 1 A ARG 16  ? A ARG 20  
21 1 Y 1 A THR 17  ? A THR 21  
22 1 Y 1 A ALA 18  ? A ALA 22  
23 1 Y 1 A ARG 19  ? A ARG 23  
24 1 Y 1 A PRO 20  ? A PRO 24  
25 1 Y 1 A SER 21  ? A SER 25  
26 1 Y 1 A ASN 215 ? A ASN 219 
27 1 Y 1 A ARG 216 ? A ARG 220 
28 1 Y 1 A GLY 217 ? A GLY 221 
29 1 Y 1 A SER 218 ? A SER 222 
30 1 Y 1 A HIS 219 ? A HIS 223 
31 1 Y 1 A HIS 220 ? A HIS 224 
32 1 Y 1 A HIS 221 ? A HIS 225 
33 1 Y 1 A HIS 222 ? A HIS 226 
34 1 Y 1 A HIS 223 ? A HIS 227 
35 1 Y 1 A HIS 224 ? A HIS 228 
# 
loop_
_chem_comp_atom.comp_id 
_chem_comp_atom.atom_id 
_chem_comp_atom.type_symbol 
_chem_comp_atom.pdbx_aromatic_flag 
_chem_comp_atom.pdbx_stereo_config 
_chem_comp_atom.pdbx_ordinal 
841 O    O N N 1   
841 C11  C N N 2   
841 N3   N N N 3   
841 C15  C N N 4   
841 C14  C N N 5   
841 C13  C N N 6   
841 C12  C N N 7   
841 N2   N N N 8   
841 C10  C N N 9   
841 C7   C N N 10  
841 C6   C N N 11  
841 C5   C N N 12  
841 C8   C N N 13  
841 C9   C N N 14  
841 N1   N N N 15  
841 C3   C Y N 16  
841 C4   C Y N 17  
841 C    C Y N 18  
841 N    N Y N 19  
841 C2   C Y N 20  
841 C1   C Y N 21  
841 H1   H N N 22  
841 H2   H N N 23  
841 H3   H N N 24  
841 H4   H N N 25  
841 H5   H N N 26  
841 H6   H N N 27  
841 H7   H N N 28  
841 H8   H N N 29  
841 H9   H N N 30  
841 H10  H N N 31  
841 H11  H N N 32  
841 H12  H N N 33  
841 H13  H N N 34  
841 H14  H N N 35  
841 H15  H N N 36  
841 H16  H N N 37  
841 H17  H N N 38  
841 H18  H N N 39  
841 H19  H N N 40  
841 H20  H N N 41  
841 H21  H N N 42  
841 H22  H N N 43  
841 H23  H N N 44  
841 H24  H N N 45  
ALA N    N N N 46  
ALA CA   C N S 47  
ALA C    C N N 48  
ALA O    O N N 49  
ALA CB   C N N 50  
ALA OXT  O N N 51  
ALA H    H N N 52  
ALA H2   H N N 53  
ALA HA   H N N 54  
ALA HB1  H N N 55  
ALA HB2  H N N 56  
ALA HB3  H N N 57  
ALA HXT  H N N 58  
ARG N    N N N 59  
ARG CA   C N S 60  
ARG C    C N N 61  
ARG O    O N N 62  
ARG CB   C N N 63  
ARG CG   C N N 64  
ARG CD   C N N 65  
ARG NE   N N N 66  
ARG CZ   C N N 67  
ARG NH1  N N N 68  
ARG NH2  N N N 69  
ARG OXT  O N N 70  
ARG H    H N N 71  
ARG H2   H N N 72  
ARG HA   H N N 73  
ARG HB2  H N N 74  
ARG HB3  H N N 75  
ARG HG2  H N N 76  
ARG HG3  H N N 77  
ARG HD2  H N N 78  
ARG HD3  H N N 79  
ARG HE   H N N 80  
ARG HH11 H N N 81  
ARG HH12 H N N 82  
ARG HH21 H N N 83  
ARG HH22 H N N 84  
ARG HXT  H N N 85  
ASN N    N N N 86  
ASN CA   C N S 87  
ASN C    C N N 88  
ASN O    O N N 89  
ASN CB   C N N 90  
ASN CG   C N N 91  
ASN OD1  O N N 92  
ASN ND2  N N N 93  
ASN OXT  O N N 94  
ASN H    H N N 95  
ASN H2   H N N 96  
ASN HA   H N N 97  
ASN HB2  H N N 98  
ASN HB3  H N N 99  
ASN HD21 H N N 100 
ASN HD22 H N N 101 
ASN HXT  H N N 102 
ASP N    N N N 103 
ASP CA   C N S 104 
ASP C    C N N 105 
ASP O    O N N 106 
ASP CB   C N N 107 
ASP CG   C N N 108 
ASP OD1  O N N 109 
ASP OD2  O N N 110 
ASP OXT  O N N 111 
ASP H    H N N 112 
ASP H2   H N N 113 
ASP HA   H N N 114 
ASP HB2  H N N 115 
ASP HB3  H N N 116 
ASP HD2  H N N 117 
ASP HXT  H N N 118 
GLN N    N N N 119 
GLN CA   C N S 120 
GLN C    C N N 121 
GLN O    O N N 122 
GLN CB   C N N 123 
GLN CG   C N N 124 
GLN CD   C N N 125 
GLN OE1  O N N 126 
GLN NE2  N N N 127 
GLN OXT  O N N 128 
GLN H    H N N 129 
GLN H2   H N N 130 
GLN HA   H N N 131 
GLN HB2  H N N 132 
GLN HB3  H N N 133 
GLN HG2  H N N 134 
GLN HG3  H N N 135 
GLN HE21 H N N 136 
GLN HE22 H N N 137 
GLN HXT  H N N 138 
GLU N    N N N 139 
GLU CA   C N S 140 
GLU C    C N N 141 
GLU O    O N N 142 
GLU CB   C N N 143 
GLU CG   C N N 144 
GLU CD   C N N 145 
GLU OE1  O N N 146 
GLU OE2  O N N 147 
GLU OXT  O N N 148 
GLU H    H N N 149 
GLU H2   H N N 150 
GLU HA   H N N 151 
GLU HB2  H N N 152 
GLU HB3  H N N 153 
GLU HG2  H N N 154 
GLU HG3  H N N 155 
GLU HE2  H N N 156 
GLU HXT  H N N 157 
GLY N    N N N 158 
GLY CA   C N N 159 
GLY C    C N N 160 
GLY O    O N N 161 
GLY OXT  O N N 162 
GLY H    H N N 163 
GLY H2   H N N 164 
GLY HA2  H N N 165 
GLY HA3  H N N 166 
GLY HXT  H N N 167 
HIS N    N N N 168 
HIS CA   C N S 169 
HIS C    C N N 170 
HIS O    O N N 171 
HIS CB   C N N 172 
HIS CG   C Y N 173 
HIS ND1  N Y N 174 
HIS CD2  C Y N 175 
HIS CE1  C Y N 176 
HIS NE2  N Y N 177 
HIS OXT  O N N 178 
HIS H    H N N 179 
HIS H2   H N N 180 
HIS HA   H N N 181 
HIS HB2  H N N 182 
HIS HB3  H N N 183 
HIS HD1  H N N 184 
HIS HD2  H N N 185 
HIS HE1  H N N 186 
HIS HE2  H N N 187 
HIS HXT  H N N 188 
HOH O    O N N 189 
HOH H1   H N N 190 
HOH H2   H N N 191 
ILE N    N N N 192 
ILE CA   C N S 193 
ILE C    C N N 194 
ILE O    O N N 195 
ILE CB   C N S 196 
ILE CG1  C N N 197 
ILE CG2  C N N 198 
ILE CD1  C N N 199 
ILE OXT  O N N 200 
ILE H    H N N 201 
ILE H2   H N N 202 
ILE HA   H N N 203 
ILE HB   H N N 204 
ILE HG12 H N N 205 
ILE HG13 H N N 206 
ILE HG21 H N N 207 
ILE HG22 H N N 208 
ILE HG23 H N N 209 
ILE HD11 H N N 210 
ILE HD12 H N N 211 
ILE HD13 H N N 212 
ILE HXT  H N N 213 
LEU N    N N N 214 
LEU CA   C N S 215 
LEU C    C N N 216 
LEU O    O N N 217 
LEU CB   C N N 218 
LEU CG   C N N 219 
LEU CD1  C N N 220 
LEU CD2  C N N 221 
LEU OXT  O N N 222 
LEU H    H N N 223 
LEU H2   H N N 224 
LEU HA   H N N 225 
LEU HB2  H N N 226 
LEU HB3  H N N 227 
LEU HG   H N N 228 
LEU HD11 H N N 229 
LEU HD12 H N N 230 
LEU HD13 H N N 231 
LEU HD21 H N N 232 
LEU HD22 H N N 233 
LEU HD23 H N N 234 
LEU HXT  H N N 235 
LYS N    N N N 236 
LYS CA   C N S 237 
LYS C    C N N 238 
LYS O    O N N 239 
LYS CB   C N N 240 
LYS CG   C N N 241 
LYS CD   C N N 242 
LYS CE   C N N 243 
LYS NZ   N N N 244 
LYS OXT  O N N 245 
LYS H    H N N 246 
LYS H2   H N N 247 
LYS HA   H N N 248 
LYS HB2  H N N 249 
LYS HB3  H N N 250 
LYS HG2  H N N 251 
LYS HG3  H N N 252 
LYS HD2  H N N 253 
LYS HD3  H N N 254 
LYS HE2  H N N 255 
LYS HE3  H N N 256 
LYS HZ1  H N N 257 
LYS HZ2  H N N 258 
LYS HZ3  H N N 259 
LYS HXT  H N N 260 
MET N    N N N 261 
MET CA   C N S 262 
MET C    C N N 263 
MET O    O N N 264 
MET CB   C N N 265 
MET CG   C N N 266 
MET SD   S N N 267 
MET CE   C N N 268 
MET OXT  O N N 269 
MET H    H N N 270 
MET H2   H N N 271 
MET HA   H N N 272 
MET HB2  H N N 273 
MET HB3  H N N 274 
MET HG2  H N N 275 
MET HG3  H N N 276 
MET HE1  H N N 277 
MET HE2  H N N 278 
MET HE3  H N N 279 
MET HXT  H N N 280 
PHE N    N N N 281 
PHE CA   C N S 282 
PHE C    C N N 283 
PHE O    O N N 284 
PHE CB   C N N 285 
PHE CG   C Y N 286 
PHE CD1  C Y N 287 
PHE CD2  C Y N 288 
PHE CE1  C Y N 289 
PHE CE2  C Y N 290 
PHE CZ   C Y N 291 
PHE OXT  O N N 292 
PHE H    H N N 293 
PHE H2   H N N 294 
PHE HA   H N N 295 
PHE HB2  H N N 296 
PHE HB3  H N N 297 
PHE HD1  H N N 298 
PHE HD2  H N N 299 
PHE HE1  H N N 300 
PHE HE2  H N N 301 
PHE HZ   H N N 302 
PHE HXT  H N N 303 
PRO N    N N N 304 
PRO CA   C N S 305 
PRO C    C N N 306 
PRO O    O N N 307 
PRO CB   C N N 308 
PRO CG   C N N 309 
PRO CD   C N N 310 
PRO OXT  O N N 311 
PRO H    H N N 312 
PRO HA   H N N 313 
PRO HB2  H N N 314 
PRO HB3  H N N 315 
PRO HG2  H N N 316 
PRO HG3  H N N 317 
PRO HD2  H N N 318 
PRO HD3  H N N 319 
PRO HXT  H N N 320 
SER N    N N N 321 
SER CA   C N S 322 
SER C    C N N 323 
SER O    O N N 324 
SER CB   C N N 325 
SER OG   O N N 326 
SER OXT  O N N 327 
SER H    H N N 328 
SER H2   H N N 329 
SER HA   H N N 330 
SER HB2  H N N 331 
SER HB3  H N N 332 
SER HG   H N N 333 
SER HXT  H N N 334 
SO4 S    S N N 335 
SO4 O1   O N N 336 
SO4 O2   O N N 337 
SO4 O3   O N N 338 
SO4 O4   O N N 339 
THR N    N N N 340 
THR CA   C N S 341 
THR C    C N N 342 
THR O    O N N 343 
THR CB   C N R 344 
THR OG1  O N N 345 
THR CG2  C N N 346 
THR OXT  O N N 347 
THR H    H N N 348 
THR H2   H N N 349 
THR HA   H N N 350 
THR HB   H N N 351 
THR HG1  H N N 352 
THR HG21 H N N 353 
THR HG22 H N N 354 
THR HG23 H N N 355 
THR HXT  H N N 356 
TRP N    N N N 357 
TRP CA   C N S 358 
TRP C    C N N 359 
TRP O    O N N 360 
TRP CB   C N N 361 
TRP CG   C Y N 362 
TRP CD1  C Y N 363 
TRP CD2  C Y N 364 
TRP NE1  N Y N 365 
TRP CE2  C Y N 366 
TRP CE3  C Y N 367 
TRP CZ2  C Y N 368 
TRP CZ3  C Y N 369 
TRP CH2  C Y N 370 
TRP OXT  O N N 371 
TRP H    H N N 372 
TRP H2   H N N 373 
TRP HA   H N N 374 
TRP HB2  H N N 375 
TRP HB3  H N N 376 
TRP HD1  H N N 377 
TRP HE1  H N N 378 
TRP HE3  H N N 379 
TRP HZ2  H N N 380 
TRP HZ3  H N N 381 
TRP HH2  H N N 382 
TRP HXT  H N N 383 
TYR N    N N N 384 
TYR CA   C N S 385 
TYR C    C N N 386 
TYR O    O N N 387 
TYR CB   C N N 388 
TYR CG   C Y N 389 
TYR CD1  C Y N 390 
TYR CD2  C Y N 391 
TYR CE1  C Y N 392 
TYR CE2  C Y N 393 
TYR CZ   C Y N 394 
TYR OH   O N N 395 
TYR OXT  O N N 396 
TYR H    H N N 397 
TYR H2   H N N 398 
TYR HA   H N N 399 
TYR HB2  H N N 400 
TYR HB3  H N N 401 
TYR HD1  H N N 402 
TYR HD2  H N N 403 
TYR HE1  H N N 404 
TYR HE2  H N N 405 
TYR HH   H N N 406 
TYR HXT  H N N 407 
VAL N    N N N 408 
VAL CA   C N S 409 
VAL C    C N N 410 
VAL O    O N N 411 
VAL CB   C N N 412 
VAL CG1  C N N 413 
VAL CG2  C N N 414 
VAL OXT  O N N 415 
VAL H    H N N 416 
VAL H2   H N N 417 
VAL HA   H N N 418 
VAL HB   H N N 419 
VAL HG11 H N N 420 
VAL HG12 H N N 421 
VAL HG13 H N N 422 
VAL HG21 H N N 423 
VAL HG22 H N N 424 
VAL HG23 H N N 425 
VAL HXT  H N N 426 
# 
loop_
_chem_comp_bond.comp_id 
_chem_comp_bond.atom_id_1 
_chem_comp_bond.atom_id_2 
_chem_comp_bond.value_order 
_chem_comp_bond.pdbx_aromatic_flag 
_chem_comp_bond.pdbx_stereo_config 
_chem_comp_bond.pdbx_ordinal 
841 C14 C15  sing N N 1   
841 C14 C13  sing N N 2   
841 C15 N3   sing N N 3   
841 C13 C12  sing N N 4   
841 N3  C12  sing N N 5   
841 N3  C11  sing N N 6   
841 O   C11  doub N N 7   
841 C11 N2   sing N N 8   
841 C9  C8   sing N N 9   
841 C9  N1   sing N N 10  
841 C8  C7   sing N N 11  
841 N2  C10  sing N N 12  
841 C7  C10  sing N N 13  
841 C7  C6   sing N N 14  
841 N1  C5   sing N N 15  
841 N1  C3   sing N N 16  
841 C5  C6   sing N N 17  
841 N   C3   doub Y N 18  
841 N   C2   sing Y N 19  
841 C3  C4   sing Y N 20  
841 C2  C1   doub Y N 21  
841 C4  C    doub Y N 22  
841 C1  C    sing Y N 23  
841 C15 H1   sing N N 24  
841 C15 H2   sing N N 25  
841 C14 H3   sing N N 26  
841 C14 H4   sing N N 27  
841 C13 H5   sing N N 28  
841 C13 H6   sing N N 29  
841 C12 H7   sing N N 30  
841 C12 H8   sing N N 31  
841 N2  H9   sing N N 32  
841 C10 H10  sing N N 33  
841 C10 H11  sing N N 34  
841 C7  H12  sing N N 35  
841 C6  H13  sing N N 36  
841 C6  H14  sing N N 37  
841 C5  H15  sing N N 38  
841 C5  H16  sing N N 39  
841 C8  H17  sing N N 40  
841 C8  H18  sing N N 41  
841 C9  H19  sing N N 42  
841 C9  H20  sing N N 43  
841 C4  H21  sing N N 44  
841 C   H22  sing N N 45  
841 C2  H23  sing N N 46  
841 C1  H24  sing N N 47  
ALA N   CA   sing N N 48  
ALA N   H    sing N N 49  
ALA N   H2   sing N N 50  
ALA CA  C    sing N N 51  
ALA CA  CB   sing N N 52  
ALA CA  HA   sing N N 53  
ALA C   O    doub N N 54  
ALA C   OXT  sing N N 55  
ALA CB  HB1  sing N N 56  
ALA CB  HB2  sing N N 57  
ALA CB  HB3  sing N N 58  
ALA OXT HXT  sing N N 59  
ARG N   CA   sing N N 60  
ARG N   H    sing N N 61  
ARG N   H2   sing N N 62  
ARG CA  C    sing N N 63  
ARG CA  CB   sing N N 64  
ARG CA  HA   sing N N 65  
ARG C   O    doub N N 66  
ARG C   OXT  sing N N 67  
ARG CB  CG   sing N N 68  
ARG CB  HB2  sing N N 69  
ARG CB  HB3  sing N N 70  
ARG CG  CD   sing N N 71  
ARG CG  HG2  sing N N 72  
ARG CG  HG3  sing N N 73  
ARG CD  NE   sing N N 74  
ARG CD  HD2  sing N N 75  
ARG CD  HD3  sing N N 76  
ARG NE  CZ   sing N N 77  
ARG NE  HE   sing N N 78  
ARG CZ  NH1  sing N N 79  
ARG CZ  NH2  doub N N 80  
ARG NH1 HH11 sing N N 81  
ARG NH1 HH12 sing N N 82  
ARG NH2 HH21 sing N N 83  
ARG NH2 HH22 sing N N 84  
ARG OXT HXT  sing N N 85  
ASN N   CA   sing N N 86  
ASN N   H    sing N N 87  
ASN N   H2   sing N N 88  
ASN CA  C    sing N N 89  
ASN CA  CB   sing N N 90  
ASN CA  HA   sing N N 91  
ASN C   O    doub N N 92  
ASN C   OXT  sing N N 93  
ASN CB  CG   sing N N 94  
ASN CB  HB2  sing N N 95  
ASN CB  HB3  sing N N 96  
ASN CG  OD1  doub N N 97  
ASN CG  ND2  sing N N 98  
ASN ND2 HD21 sing N N 99  
ASN ND2 HD22 sing N N 100 
ASN OXT HXT  sing N N 101 
ASP N   CA   sing N N 102 
ASP N   H    sing N N 103 
ASP N   H2   sing N N 104 
ASP CA  C    sing N N 105 
ASP CA  CB   sing N N 106 
ASP CA  HA   sing N N 107 
ASP C   O    doub N N 108 
ASP C   OXT  sing N N 109 
ASP CB  CG   sing N N 110 
ASP CB  HB2  sing N N 111 
ASP CB  HB3  sing N N 112 
ASP CG  OD1  doub N N 113 
ASP CG  OD2  sing N N 114 
ASP OD2 HD2  sing N N 115 
ASP OXT HXT  sing N N 116 
GLN N   CA   sing N N 117 
GLN N   H    sing N N 118 
GLN N   H2   sing N N 119 
GLN CA  C    sing N N 120 
GLN CA  CB   sing N N 121 
GLN CA  HA   sing N N 122 
GLN C   O    doub N N 123 
GLN C   OXT  sing N N 124 
GLN CB  CG   sing N N 125 
GLN CB  HB2  sing N N 126 
GLN CB  HB3  sing N N 127 
GLN CG  CD   sing N N 128 
GLN CG  HG2  sing N N 129 
GLN CG  HG3  sing N N 130 
GLN CD  OE1  doub N N 131 
GLN CD  NE2  sing N N 132 
GLN NE2 HE21 sing N N 133 
GLN NE2 HE22 sing N N 134 
GLN OXT HXT  sing N N 135 
GLU N   CA   sing N N 136 
GLU N   H    sing N N 137 
GLU N   H2   sing N N 138 
GLU CA  C    sing N N 139 
GLU CA  CB   sing N N 140 
GLU CA  HA   sing N N 141 
GLU C   O    doub N N 142 
GLU C   OXT  sing N N 143 
GLU CB  CG   sing N N 144 
GLU CB  HB2  sing N N 145 
GLU CB  HB3  sing N N 146 
GLU CG  CD   sing N N 147 
GLU CG  HG2  sing N N 148 
GLU CG  HG3  sing N N 149 
GLU CD  OE1  doub N N 150 
GLU CD  OE2  sing N N 151 
GLU OE2 HE2  sing N N 152 
GLU OXT HXT  sing N N 153 
GLY N   CA   sing N N 154 
GLY N   H    sing N N 155 
GLY N   H2   sing N N 156 
GLY CA  C    sing N N 157 
GLY CA  HA2  sing N N 158 
GLY CA  HA3  sing N N 159 
GLY C   O    doub N N 160 
GLY C   OXT  sing N N 161 
GLY OXT HXT  sing N N 162 
HIS N   CA   sing N N 163 
HIS N   H    sing N N 164 
HIS N   H2   sing N N 165 
HIS CA  C    sing N N 166 
HIS CA  CB   sing N N 167 
HIS CA  HA   sing N N 168 
HIS C   O    doub N N 169 
HIS C   OXT  sing N N 170 
HIS CB  CG   sing N N 171 
HIS CB  HB2  sing N N 172 
HIS CB  HB3  sing N N 173 
HIS CG  ND1  sing Y N 174 
HIS CG  CD2  doub Y N 175 
HIS ND1 CE1  doub Y N 176 
HIS ND1 HD1  sing N N 177 
HIS CD2 NE2  sing Y N 178 
HIS CD2 HD2  sing N N 179 
HIS CE1 NE2  sing Y N 180 
HIS CE1 HE1  sing N N 181 
HIS NE2 HE2  sing N N 182 
HIS OXT HXT  sing N N 183 
HOH O   H1   sing N N 184 
HOH O   H2   sing N N 185 
ILE N   CA   sing N N 186 
ILE N   H    sing N N 187 
ILE N   H2   sing N N 188 
ILE CA  C    sing N N 189 
ILE CA  CB   sing N N 190 
ILE CA  HA   sing N N 191 
ILE C   O    doub N N 192 
ILE C   OXT  sing N N 193 
ILE CB  CG1  sing N N 194 
ILE CB  CG2  sing N N 195 
ILE CB  HB   sing N N 196 
ILE CG1 CD1  sing N N 197 
ILE CG1 HG12 sing N N 198 
ILE CG1 HG13 sing N N 199 
ILE CG2 HG21 sing N N 200 
ILE CG2 HG22 sing N N 201 
ILE CG2 HG23 sing N N 202 
ILE CD1 HD11 sing N N 203 
ILE CD1 HD12 sing N N 204 
ILE CD1 HD13 sing N N 205 
ILE OXT HXT  sing N N 206 
LEU N   CA   sing N N 207 
LEU N   H    sing N N 208 
LEU N   H2   sing N N 209 
LEU CA  C    sing N N 210 
LEU CA  CB   sing N N 211 
LEU CA  HA   sing N N 212 
LEU C   O    doub N N 213 
LEU C   OXT  sing N N 214 
LEU CB  CG   sing N N 215 
LEU CB  HB2  sing N N 216 
LEU CB  HB3  sing N N 217 
LEU CG  CD1  sing N N 218 
LEU CG  CD2  sing N N 219 
LEU CG  HG   sing N N 220 
LEU CD1 HD11 sing N N 221 
LEU CD1 HD12 sing N N 222 
LEU CD1 HD13 sing N N 223 
LEU CD2 HD21 sing N N 224 
LEU CD2 HD22 sing N N 225 
LEU CD2 HD23 sing N N 226 
LEU OXT HXT  sing N N 227 
LYS N   CA   sing N N 228 
LYS N   H    sing N N 229 
LYS N   H2   sing N N 230 
LYS CA  C    sing N N 231 
LYS CA  CB   sing N N 232 
LYS CA  HA   sing N N 233 
LYS C   O    doub N N 234 
LYS C   OXT  sing N N 235 
LYS CB  CG   sing N N 236 
LYS CB  HB2  sing N N 237 
LYS CB  HB3  sing N N 238 
LYS CG  CD   sing N N 239 
LYS CG  HG2  sing N N 240 
LYS CG  HG3  sing N N 241 
LYS CD  CE   sing N N 242 
LYS CD  HD2  sing N N 243 
LYS CD  HD3  sing N N 244 
LYS CE  NZ   sing N N 245 
LYS CE  HE2  sing N N 246 
LYS CE  HE3  sing N N 247 
LYS NZ  HZ1  sing N N 248 
LYS NZ  HZ2  sing N N 249 
LYS NZ  HZ3  sing N N 250 
LYS OXT HXT  sing N N 251 
MET N   CA   sing N N 252 
MET N   H    sing N N 253 
MET N   H2   sing N N 254 
MET CA  C    sing N N 255 
MET CA  CB   sing N N 256 
MET CA  HA   sing N N 257 
MET C   O    doub N N 258 
MET C   OXT  sing N N 259 
MET CB  CG   sing N N 260 
MET CB  HB2  sing N N 261 
MET CB  HB3  sing N N 262 
MET CG  SD   sing N N 263 
MET CG  HG2  sing N N 264 
MET CG  HG3  sing N N 265 
MET SD  CE   sing N N 266 
MET CE  HE1  sing N N 267 
MET CE  HE2  sing N N 268 
MET CE  HE3  sing N N 269 
MET OXT HXT  sing N N 270 
PHE N   CA   sing N N 271 
PHE N   H    sing N N 272 
PHE N   H2   sing N N 273 
PHE CA  C    sing N N 274 
PHE CA  CB   sing N N 275 
PHE CA  HA   sing N N 276 
PHE C   O    doub N N 277 
PHE C   OXT  sing N N 278 
PHE CB  CG   sing N N 279 
PHE CB  HB2  sing N N 280 
PHE CB  HB3  sing N N 281 
PHE CG  CD1  doub Y N 282 
PHE CG  CD2  sing Y N 283 
PHE CD1 CE1  sing Y N 284 
PHE CD1 HD1  sing N N 285 
PHE CD2 CE2  doub Y N 286 
PHE CD2 HD2  sing N N 287 
PHE CE1 CZ   doub Y N 288 
PHE CE1 HE1  sing N N 289 
PHE CE2 CZ   sing Y N 290 
PHE CE2 HE2  sing N N 291 
PHE CZ  HZ   sing N N 292 
PHE OXT HXT  sing N N 293 
PRO N   CA   sing N N 294 
PRO N   CD   sing N N 295 
PRO N   H    sing N N 296 
PRO CA  C    sing N N 297 
PRO CA  CB   sing N N 298 
PRO CA  HA   sing N N 299 
PRO C   O    doub N N 300 
PRO C   OXT  sing N N 301 
PRO CB  CG   sing N N 302 
PRO CB  HB2  sing N N 303 
PRO CB  HB3  sing N N 304 
PRO CG  CD   sing N N 305 
PRO CG  HG2  sing N N 306 
PRO CG  HG3  sing N N 307 
PRO CD  HD2  sing N N 308 
PRO CD  HD3  sing N N 309 
PRO OXT HXT  sing N N 310 
SER N   CA   sing N N 311 
SER N   H    sing N N 312 
SER N   H2   sing N N 313 
SER CA  C    sing N N 314 
SER CA  CB   sing N N 315 
SER CA  HA   sing N N 316 
SER C   O    doub N N 317 
SER C   OXT  sing N N 318 
SER CB  OG   sing N N 319 
SER CB  HB2  sing N N 320 
SER CB  HB3  sing N N 321 
SER OG  HG   sing N N 322 
SER OXT HXT  sing N N 323 
SO4 S   O1   doub N N 324 
SO4 S   O2   doub N N 325 
SO4 S   O3   sing N N 326 
SO4 S   O4   sing N N 327 
THR N   CA   sing N N 328 
THR N   H    sing N N 329 
THR N   H2   sing N N 330 
THR CA  C    sing N N 331 
THR CA  CB   sing N N 332 
THR CA  HA   sing N N 333 
THR C   O    doub N N 334 
THR C   OXT  sing N N 335 
THR CB  OG1  sing N N 336 
THR CB  CG2  sing N N 337 
THR CB  HB   sing N N 338 
THR OG1 HG1  sing N N 339 
THR CG2 HG21 sing N N 340 
THR CG2 HG22 sing N N 341 
THR CG2 HG23 sing N N 342 
THR OXT HXT  sing N N 343 
TRP N   CA   sing N N 344 
TRP N   H    sing N N 345 
TRP N   H2   sing N N 346 
TRP CA  C    sing N N 347 
TRP CA  CB   sing N N 348 
TRP CA  HA   sing N N 349 
TRP C   O    doub N N 350 
TRP C   OXT  sing N N 351 
TRP CB  CG   sing N N 352 
TRP CB  HB2  sing N N 353 
TRP CB  HB3  sing N N 354 
TRP CG  CD1  doub Y N 355 
TRP CG  CD2  sing Y N 356 
TRP CD1 NE1  sing Y N 357 
TRP CD1 HD1  sing N N 358 
TRP CD2 CE2  doub Y N 359 
TRP CD2 CE3  sing Y N 360 
TRP NE1 CE2  sing Y N 361 
TRP NE1 HE1  sing N N 362 
TRP CE2 CZ2  sing Y N 363 
TRP CE3 CZ3  doub Y N 364 
TRP CE3 HE3  sing N N 365 
TRP CZ2 CH2  doub Y N 366 
TRP CZ2 HZ2  sing N N 367 
TRP CZ3 CH2  sing Y N 368 
TRP CZ3 HZ3  sing N N 369 
TRP CH2 HH2  sing N N 370 
TRP OXT HXT  sing N N 371 
TYR N   CA   sing N N 372 
TYR N   H    sing N N 373 
TYR N   H2   sing N N 374 
TYR CA  C    sing N N 375 
TYR CA  CB   sing N N 376 
TYR CA  HA   sing N N 377 
TYR C   O    doub N N 378 
TYR C   OXT  sing N N 379 
TYR CB  CG   sing N N 380 
TYR CB  HB2  sing N N 381 
TYR CB  HB3  sing N N 382 
TYR CG  CD1  doub Y N 383 
TYR CG  CD2  sing Y N 384 
TYR CD1 CE1  sing Y N 385 
TYR CD1 HD1  sing N N 386 
TYR CD2 CE2  doub Y N 387 
TYR CD2 HD2  sing N N 388 
TYR CE1 CZ   doub Y N 389 
TYR CE1 HE1  sing N N 390 
TYR CE2 CZ   sing Y N 391 
TYR CE2 HE2  sing N N 392 
TYR CZ  OH   sing N N 393 
TYR OH  HH   sing N N 394 
TYR OXT HXT  sing N N 395 
VAL N   CA   sing N N 396 
VAL N   H    sing N N 397 
VAL N   H2   sing N N 398 
VAL CA  C    sing N N 399 
VAL CA  CB   sing N N 400 
VAL CA  HA   sing N N 401 
VAL C   O    doub N N 402 
VAL C   OXT  sing N N 403 
VAL CB  CG1  sing N N 404 
VAL CB  CG2  sing N N 405 
VAL CB  HB   sing N N 406 
VAL CG1 HG11 sing N N 407 
VAL CG1 HG12 sing N N 408 
VAL CG1 HG13 sing N N 409 
VAL CG2 HG21 sing N N 410 
VAL CG2 HG22 sing N N 411 
VAL CG2 HG23 sing N N 412 
VAL OXT HXT  sing N N 413 
# 
loop_
_pdbx_audit_support.funding_organization 
_pdbx_audit_support.country 
_pdbx_audit_support.grant_number 
_pdbx_audit_support.ordinal 
'Engineering and Physical Sciences Research Council' 'United Kingdom' ? 1 
'Bill & Melinda Gates Foundation'                    'United States'  ? 2 
'European Union'                                     ?                ? 3 
# 
_pdbx_initial_refinement_model.id               1 
_pdbx_initial_refinement_model.entity_id_list   ? 
_pdbx_initial_refinement_model.type             'experimental model' 
_pdbx_initial_refinement_model.source_name      PDB 
_pdbx_initial_refinement_model.accession_code   1T56 
_pdbx_initial_refinement_model.details          ? 
# 
_atom_sites.entry_id                    5EZH 
_atom_sites.fract_transf_matrix[1][1]   -0.00797611 
_atom_sites.fract_transf_matrix[1][2]   -0.00202221 
_atom_sites.fract_transf_matrix[1][3]   -0.00037482 
_atom_sites.fract_transf_matrix[2][1]   0.00163320 
_atom_sites.fract_transf_matrix[2][2]   -0.00714017 
_atom_sites.fract_transf_matrix[2][3]   0.00376813 
_atom_sites.fract_transf_matrix[3][1]   -0.00447780 
_atom_sites.fract_transf_matrix[3][2]   0.01280465 
_atom_sites.fract_transf_matrix[3][3]   0.02620407 
_atom_sites.fract_transf_vector[1]      0.138844 
_atom_sites.fract_transf_vector[2]      0.284160 
_atom_sites.fract_transf_vector[3]      0.007833 
# 
loop_
_atom_type.symbol 
C 
N 
O 
S 
# 
loop_
_atom_site.group_PDB 
_atom_site.id 
_atom_site.type_symbol 
_atom_site.label_atom_id 
_atom_site.label_alt_id 
_atom_site.label_comp_id 
_atom_site.label_asym_id 
_atom_site.label_entity_id 
_atom_site.label_seq_id 
_atom_site.pdbx_PDB_ins_code 
_atom_site.Cartn_x 
_atom_site.Cartn_y 
_atom_site.Cartn_z 
_atom_site.occupancy 
_atom_site.B_iso_or_equiv 
_atom_site.pdbx_formal_charge 
_atom_site.auth_seq_id 
_atom_site.auth_comp_id 
_atom_site.auth_asym_id 
_atom_site.auth_atom_id 
_atom_site.pdbx_PDB_model_num 
ATOM   1    N N   . GLY A 1 26  ? 6.008   -24.888 12.882  1.00 68.27 ? 22  GLY A N   1 
ATOM   2    C CA  . GLY A 1 26  ? 5.233   -23.957 13.762  1.00 62.18 ? 22  GLY A CA  1 
ATOM   3    C C   . GLY A 1 26  ? 5.171   -22.583 13.117  1.00 70.77 ? 22  GLY A C   1 
ATOM   4    O O   . GLY A 1 26  ? 4.137   -22.199 12.567  1.00 68.66 ? 22  GLY A O   1 
ATOM   5    N N   . ASP A 1 27  ? 6.280   -21.841 13.158  1.00 65.98 ? 23  ASP A N   1 
ATOM   6    C CA  . ASP A 1 27  ? 6.396   -20.639 12.326  1.00 59.83 ? 23  ASP A CA  1 
ATOM   7    C C   . ASP A 1 27  ? 6.246   -21.083 10.858  1.00 60.76 ? 23  ASP A C   1 
ATOM   8    O O   . ASP A 1 27  ? 5.707   -20.335 10.041  1.00 52.77 ? 23  ASP A O   1 
ATOM   9    C CB  . ASP A 1 27  ? 7.705   -19.868 12.578  1.00 61.48 ? 23  ASP A CB  1 
ATOM   10   N N   . ASP A 1 28  ? 6.677   -22.320 10.569  1.00 55.75 ? 24  ASP A N   1 
ATOM   11   C CA  . ASP A 1 28  ? 6.504   -23.009 9.266   1.00 52.19 ? 24  ASP A CA  1 
ATOM   12   C C   . ASP A 1 28  ? 5.070   -23.156 8.782   1.00 45.18 ? 24  ASP A C   1 
ATOM   13   O O   . ASP A 1 28  ? 4.759   -22.836 7.626   1.00 43.06 ? 24  ASP A O   1 
ATOM   14   C CB  . ASP A 1 28  ? 7.112   -24.422 9.328   1.00 64.16 ? 24  ASP A CB  1 
ATOM   15   C CG  . ASP A 1 28  ? 8.475   -24.518 8.658   1.00 69.50 ? 24  ASP A CG  1 
ATOM   16   O OD1 . ASP A 1 28  ? 9.063   -23.475 8.304   1.00 76.63 ? 24  ASP A OD1 1 
ATOM   17   O OD2 . ASP A 1 28  ? 8.962   -25.654 8.484   1.00 77.44 ? 24  ASP A OD2 1 
ATOM   18   N N   . ARG A 1 29  ? 4.192   -23.685 9.642   1.00 39.71 ? 25  ARG A N   1 
ATOM   19   C CA  . ARG A 1 29  ? 2.815   -23.918 9.238   1.00 34.17 ? 25  ARG A CA  1 
ATOM   20   C C   . ARG A 1 29  ? 2.134   -22.544 9.010   1.00 33.80 ? 25  ARG A C   1 
ATOM   21   O O   . ARG A 1 29  ? 1.285   -22.423 8.128   1.00 33.63 ? 25  ARG A O   1 
ATOM   22   C CB  . ARG A 1 29  ? 2.112   -24.791 10.274  1.00 41.30 ? 25  ARG A CB  1 
ATOM   23   C CG  . ARG A 1 29  ? 2.599   -26.258 10.128  1.00 42.46 ? 25  ARG A CG  1 
ATOM   24   C CD  . ARG A 1 29  ? 1.796   -27.313 10.899  1.00 47.68 ? 25  ARG A CD  1 
ATOM   25   N NE  . ARG A 1 29  ? 1.882   -27.158 12.348  1.00 51.11 ? 25  ARG A NE  1 
ATOM   26   C CZ  . ARG A 1 29  ? 1.605   -28.104 13.259  1.00 52.35 ? 25  ARG A CZ  1 
ATOM   27   N NH1 . ARG A 1 29  ? 1.249   -29.350 12.915  1.00 47.09 ? 25  ARG A NH1 1 
ATOM   28   N NH2 . ARG A 1 29  ? 1.726   -27.799 14.542  1.00 52.45 ? 25  ARG A NH2 1 
ATOM   29   N N   . GLU A 1 30  ? 2.514   -21.565 9.800   1.00 30.10 ? 26  GLU A N   1 
ATOM   30   C CA  . GLU A 1 30  ? 1.885   -20.217 9.719   1.00 34.70 ? 26  GLU A CA  1 
ATOM   31   C C   . GLU A 1 30  ? 2.213   -19.578 8.367   1.00 33.51 ? 26  GLU A C   1 
ATOM   32   O O   . GLU A 1 30  ? 1.314   -19.073 7.631   1.00 32.37 ? 26  GLU A O   1 
ATOM   33   C CB  . GLU A 1 30  ? 2.340   -19.262 10.818  1.00 37.15 ? 26  GLU A CB  1 
ATOM   34   C CG  . GLU A 1 30  ? 1.414   -18.063 10.806  1.00 43.09 ? 26  GLU A CG  1 
ATOM   35   C CD  . GLU A 1 30  ? 1.686   -17.042 11.895  1.00 57.14 ? 26  GLU A CD  1 
ATOM   36   O OE1 . GLU A 1 30  ? 1.943   -17.463 13.044  1.00 54.00 ? 26  GLU A OE1 1 
ATOM   37   O OE2 . GLU A 1 30  ? 1.568   -15.820 11.603  1.00 56.13 ? 26  GLU A OE2 1 
ATOM   38   N N   . LEU A 1 31  ? 3.509   -19.617 8.056   1.00 36.03 ? 27  LEU A N   1 
ATOM   39   C CA  . LEU A 1 31  ? 4.005   -19.137 6.762   1.00 36.01 ? 27  LEU A CA  1 
ATOM   40   C C   . LEU A 1 31  ? 3.382   -19.944 5.619   1.00 35.18 ? 27  LEU A C   1 
ATOM   41   O O   . LEU A 1 31  ? 3.051   -19.405 4.572   1.00 31.95 ? 27  LEU A O   1 
ATOM   42   C CB  . LEU A 1 31  ? 5.542   -19.161 6.739   1.00 40.92 ? 27  LEU A CB  1 
ATOM   43   C CG  . LEU A 1 31  ? 6.159   -18.060 7.622   1.00 45.09 ? 27  LEU A CG  1 
ATOM   44   C CD1 . LEU A 1 31  ? 7.635   -18.367 7.867   1.00 46.39 ? 27  LEU A CD1 1 
ATOM   45   C CD2 . LEU A 1 31  ? 5.958   -16.666 7.008   1.00 49.95 ? 27  LEU A CD2 1 
ATOM   46   N N   . ALA A 1 32  ? 3.134   -21.243 5.796   1.00 31.18 ? 28  ALA A N   1 
ATOM   47   C CA  . ALA A 1 32  ? 2.515   -21.966 4.688   1.00 29.98 ? 28  ALA A CA  1 
ATOM   48   C C   . ALA A 1 32  ? 1.049   -21.611 4.516   1.00 26.17 ? 28  ALA A C   1 
ATOM   49   O O   . ALA A 1 32  ? 0.536   -21.605 3.398   1.00 26.91 ? 28  ALA A O   1 
ATOM   50   C CB  . ALA A 1 32  ? 2.654   -23.493 4.853   1.00 35.50 ? 28  ALA A CB  1 
ATOM   51   N N   . ILE A 1 33  ? 0.361   -21.328 5.633   1.00 24.62 ? 29  ILE A N   1 
ATOM   52   C CA  . ILE A 1 33  ? -1.000  -20.931 5.529   1.00 22.88 ? 29  ILE A CA  1 
ATOM   53   C C   . ILE A 1 33  ? -1.021  -19.530 4.779   1.00 21.15 ? 29  ILE A C   1 
ATOM   54   O O   . ILE A 1 33  ? -1.857  -19.342 3.877   1.00 23.05 ? 29  ILE A O   1 
ATOM   55   C CB  . ILE A 1 33  ? -1.603  -20.652 6.914   1.00 23.56 ? 29  ILE A CB  1 
ATOM   56   C CG1 . ILE A 1 33  ? -1.928  -22.033 7.584   1.00 23.05 ? 29  ILE A CG1 1 
ATOM   57   C CG2 . ILE A 1 33  ? -3.019  -20.070 6.763   1.00 23.10 ? 29  ILE A CG2 1 
ATOM   58   C CD1 . ILE A 1 33  ? -2.186  -21.882 9.078   1.00 27.95 ? 29  ILE A CD1 1 
ATOM   59   N N   . LEU A 1 34  ? -0.150  -18.645 5.189   1.00 24.22 ? 30  LEU A N   1 
ATOM   60   C CA  . LEU A 1 34  ? -0.151  -17.272 4.499   1.00 23.88 ? 30  LEU A CA  1 
ATOM   61   C C   . LEU A 1 34  ? 0.181   -17.421 2.987   1.00 26.78 ? 30  LEU A C   1 
ATOM   62   O O   . LEU A 1 34  ? -0.454  -16.782 2.137   1.00 25.58 ? 30  LEU A O   1 
ATOM   63   C CB  . LEU A 1 34  ? 0.864   -16.389 5.179   1.00 24.84 ? 30  LEU A CB  1 
ATOM   64   C CG  . LEU A 1 34  ? 0.543   -16.030 6.651   1.00 26.04 ? 30  LEU A CG  1 
ATOM   65   C CD1 . LEU A 1 34  ? 1.740   -15.466 7.360   1.00 28.39 ? 30  LEU A CD1 1 
ATOM   66   C CD2 . LEU A 1 34  ? -0.633  -15.014 6.592   1.00 27.48 ? 30  LEU A CD2 1 
ATOM   67   N N   . ALA A 1 35  ? 1.110   -18.298 2.657   1.00 24.81 ? 31  ALA A N   1 
ATOM   68   C CA  . ALA A 1 35  ? 1.521   -18.503 1.247   1.00 28.17 ? 31  ALA A CA  1 
ATOM   69   C C   . ALA A 1 35  ? 0.398   -19.111 0.450   1.00 29.29 ? 31  ALA A C   1 
ATOM   70   O O   . ALA A 1 35  ? 0.112   -18.679 -0.667  1.00 28.03 ? 31  ALA A O   1 
ATOM   71   C CB  . ALA A 1 35  ? 2.755   -19.377 1.193   1.00 32.78 ? 31  ALA A CB  1 
ATOM   72   N N   . THR A 1 36  ? -0.290  -20.113 1.030   1.00 25.51 ? 32  THR A N   1 
ATOM   73   C CA  . THR A 1 36  ? -1.469  -20.623 0.404   1.00 26.02 ? 32  THR A CA  1 
ATOM   74   C C   . THR A 1 36  ? -2.554  -19.567 0.107   1.00 26.06 ? 32  THR A C   1 
ATOM   75   O O   . THR A 1 36  ? -3.140  -19.535 -0.964  1.00 28.29 ? 32  THR A O   1 
ATOM   76   C CB  . THR A 1 36  ? -2.037  -21.753 1.303   1.00 28.65 ? 32  THR A CB  1 
ATOM   77   O OG1 . THR A 1 36  ? -1.005  -22.735 1.407   1.00 31.97 ? 32  THR A OG1 1 
ATOM   78   C CG2 . THR A 1 36  ? -3.236  -22.341 0.690   1.00 30.08 ? 32  THR A CG2 1 
ATOM   79   N N   . ALA A 1 37  ? -2.882  -18.739 1.098   1.00 23.07 ? 33  ALA A N   1 
ATOM   80   C CA  . ALA A 1 37  ? -3.906  -17.744 0.904   1.00 24.59 ? 33  ALA A CA  1 
ATOM   81   C C   . ALA A 1 37  ? -3.458  -16.826 -0.260  1.00 23.75 ? 33  ALA A C   1 
ATOM   82   O O   . ALA A 1 37  ? -4.275  -16.522 -1.114  1.00 26.13 ? 33  ALA A O   1 
ATOM   83   C CB  . ALA A 1 37  ? -4.033  -16.953 2.220   1.00 22.30 ? 33  ALA A CB  1 
ATOM   84   N N   . GLU A 1 38  ? -2.202  -16.440 -0.244  1.00 24.34 ? 34  GLU A N   1 
ATOM   85   C CA  . GLU A 1 38  ? -1.746  -15.435 -1.282  1.00 25.20 ? 34  GLU A CA  1 
ATOM   86   C C   . GLU A 1 38  ? -1.815  -16.088 -2.636  1.00 32.00 ? 34  GLU A C   1 
ATOM   87   O O   . GLU A 1 38  ? -2.274  -15.477 -3.610  1.00 28.96 ? 34  GLU A O   1 
ATOM   88   C CB  . GLU A 1 38  ? -0.387  -14.890 -1.018  1.00 24.76 ? 34  GLU A CB  1 
ATOM   89   C CG  . GLU A 1 38  ? 0.015   -13.844 -2.078  1.00 27.89 ? 34  GLU A CG  1 
ATOM   90   C CD  . GLU A 1 38  ? 1.208   -13.033 -1.606  1.00 35.77 ? 34  GLU A CD  1 
ATOM   91   O OE1 . GLU A 1 38  ? 1.957   -13.494 -0.725  1.00 39.41 ? 34  GLU A OE1 1 
ATOM   92   O OE2 . GLU A 1 38  ? 1.354   -11.892 -2.076  1.00 33.43 ? 34  GLU A OE2 1 
ATOM   93   N N   . ASN A 1 39  ? -1.417  -17.356 -2.712  1.00 29.35 ? 35  ASN A N   1 
ATOM   94   C CA  . ASN A 1 39  ? -1.600  -18.091 -3.990  1.00 32.05 ? 35  ASN A CA  1 
ATOM   95   C C   . ASN A 1 39  ? -3.019  -18.222 -4.418  1.00 30.98 ? 35  ASN A C   1 
ATOM   96   O O   . ASN A 1 39  ? -3.355  -18.014 -5.599  1.00 33.83 ? 35  ASN A O   1 
ATOM   97   C CB  . ASN A 1 39  ? -0.955  -19.489 -3.868  1.00 39.06 ? 35  ASN A CB  1 
ATOM   98   C CG  . ASN A 1 39  ? 0.548   -19.419 -3.924  1.00 52.84 ? 35  ASN A CG  1 
ATOM   99   O OD1 . ASN A 1 39  ? 1.113   -18.538 -4.576  1.00 62.34 ? 35  ASN A OD1 1 
ATOM   100  N ND2 . ASN A 1 39  ? 1.221   -20.356 -3.246  1.00 58.79 ? 35  ASN A ND2 1 
ATOM   101  N N   . LEU A 1 40  ? -3.924  -18.616 -3.489  1.00 27.32 ? 36  LEU A N   1 
ATOM   102  C CA  . LEU A 1 40  ? -5.281  -18.778 -3.876  1.00 25.26 ? 36  LEU A CA  1 
ATOM   103  C C   . LEU A 1 40  ? -5.934  -17.465 -4.314  1.00 31.04 ? 36  LEU A C   1 
ATOM   104  O O   . LEU A 1 40  ? -6.849  -17.470 -5.153  1.00 29.20 ? 36  LEU A O   1 
ATOM   105  C CB  . LEU A 1 40  ? -6.155  -19.478 -2.799  1.00 27.72 ? 36  LEU A CB  1 
ATOM   106  C CG  . LEU A 1 40  ? -5.597  -20.880 -2.536  1.00 27.24 ? 36  LEU A CG  1 
ATOM   107  C CD1 . LEU A 1 40  ? -6.503  -21.523 -1.457  1.00 29.65 ? 36  LEU A CD1 1 
ATOM   108  C CD2 . LEU A 1 40  ? -5.553  -21.653 -3.867  1.00 35.62 ? 36  LEU A CD2 1 
ATOM   109  N N   . LEU A 1 41  ? -5.508  -16.349 -3.689  1.00 29.20 ? 37  LEU A N   1 
ATOM   110  C CA  . LEU A 1 41  ? -6.215  -15.062 -3.942  1.00 29.85 ? 37  LEU A CA  1 
ATOM   111  C C   . LEU A 1 41  ? -5.866  -14.556 -5.339  1.00 31.36 ? 37  LEU A C   1 
ATOM   112  O O   . LEU A 1 41  ? -6.567  -13.693 -5.870  1.00 31.87 ? 37  LEU A O   1 
ATOM   113  C CB  . LEU A 1 41  ? -5.761  -14.005 -2.921  1.00 27.07 ? 37  LEU A CB  1 
ATOM   114  C CG  . LEU A 1 41  ? -6.525  -14.117 -1.567  1.00 24.85 ? 37  LEU A CG  1 
ATOM   115  C CD1 . LEU A 1 41  ? -5.742  -13.281 -0.551  1.00 27.20 ? 37  LEU A CD1 1 
ATOM   116  C CD2 . LEU A 1 41  ? -8.002  -13.776 -1.569  1.00 27.22 ? 37  LEU A CD2 1 
ATOM   117  N N   . GLU A 1 42  ? -4.771  -15.053 -5.872  1.00 29.32 ? 38  GLU A N   1 
ATOM   118  C CA  . GLU A 1 42  ? -4.503  -14.830 -7.335  1.00 39.08 ? 38  GLU A CA  1 
ATOM   119  C C   . GLU A 1 42  ? -5.630  -15.304 -8.263  1.00 48.07 ? 38  GLU A C   1 
ATOM   120  O O   . GLU A 1 42  ? -5.895  -14.645 -9.265  1.00 46.05 ? 38  GLU A O   1 
ATOM   121  C CB  . GLU A 1 42  ? -3.132  -15.358 -7.729  1.00 39.03 ? 38  GLU A CB  1 
ATOM   122  C CG  . GLU A 1 42  ? -2.048  -14.307 -7.532  1.00 57.98 ? 38  GLU A CG  1 
ATOM   123  C CD  . GLU A 1 42  ? -0.919  -14.776 -6.619  1.00 67.20 ? 38  GLU A CD  1 
ATOM   124  O OE1 . GLU A 1 42  ? -0.335  -15.853 -6.911  1.00 71.76 ? 38  GLU A OE1 1 
ATOM   125  O OE2 . GLU A 1 42  ? -0.617  -14.076 -5.607  1.00 58.48 ? 38  GLU A OE2 1 
ATOM   126  N N   . ASP A 1 43  ? -6.336  -16.394 -7.904  1.00 44.60 ? 39  ASP A N   1 
ATOM   127  C CA  . ASP A 1 43  ? -7.384  -16.937 -8.779  1.00 49.14 ? 39  ASP A CA  1 
ATOM   128  C C   . ASP A 1 43  ? -8.809  -16.650 -8.398  1.00 45.87 ? 39  ASP A C   1 
ATOM   129  O O   . ASP A 1 43  ? -9.680  -16.757 -9.234  1.00 46.96 ? 39  ASP A O   1 
ATOM   130  C CB  . ASP A 1 43  ? -7.229  -18.438 -8.965  1.00 53.04 ? 39  ASP A CB  1 
ATOM   131  C CG  . ASP A 1 43  ? -5.823  -18.827 -9.378  1.00 66.77 ? 39  ASP A CG  1 
ATOM   132  O OD1 . ASP A 1 43  ? -5.282  -18.226 -10.338 1.00 68.57 ? 39  ASP A OD1 1 
ATOM   133  O OD2 . ASP A 1 43  ? -5.249  -19.728 -8.728  1.00 73.22 ? 39  ASP A OD2 1 
ATOM   134  N N   . ARG A 1 44  ? -9.076  -16.361 -7.135  1.00 38.22 ? 40  ARG A N   1 
ATOM   135  C CA  . ARG A 1 44  ? -10.453 -16.023 -6.726  1.00 37.36 ? 40  ARG A CA  1 
ATOM   136  C C   . ARG A 1 44  ? -10.540 -15.182 -5.481  1.00 34.36 ? 40  ARG A C   1 
ATOM   137  O O   . ARG A 1 44  ? -9.528  -15.063 -4.763  1.00 36.65 ? 40  ARG A O   1 
ATOM   138  C CB  . ARG A 1 44  ? -11.305 -17.272 -6.555  1.00 46.39 ? 40  ARG A CB  1 
ATOM   139  C CG  . ARG A 1 44  ? -10.714 -18.304 -5.665  1.00 45.99 ? 40  ARG A CG  1 
ATOM   140  C CD  . ARG A 1 44  ? -11.305 -19.625 -6.105  1.00 52.15 ? 40  ARG A CD  1 
ATOM   141  N NE  . ARG A 1 44  ? -11.145 -20.599 -5.042  1.00 57.75 ? 40  ARG A NE  1 
ATOM   142  C CZ  . ARG A 1 44  ? -10.095 -21.399 -4.920  1.00 58.64 ? 40  ARG A CZ  1 
ATOM   143  N NH1 . ARG A 1 44  ? -9.123  -21.337 -5.825  1.00 59.75 ? 40  ARG A NH1 1 
ATOM   144  N NH2 . ARG A 1 44  ? -10.029 -22.260 -3.896  1.00 49.19 ? 40  ARG A NH2 1 
ATOM   145  N N   . PRO A 1 45  ? -11.732 -14.620 -5.200  1.00 37.79 ? 41  PRO A N   1 
ATOM   146  C CA  . PRO A 1 45  ? -11.863 -13.707 -4.054  1.00 36.37 ? 41  PRO A CA  1 
ATOM   147  C C   . PRO A 1 45  ? -11.926 -14.494 -2.754  1.00 39.52 ? 41  PRO A C   1 
ATOM   148  O O   . PRO A 1 45  ? -12.096 -15.737 -2.797  1.00 37.82 ? 41  PRO A O   1 
ATOM   149  C CB  . PRO A 1 45  ? -13.204 -13.040 -4.290  1.00 39.23 ? 41  PRO A CB  1 
ATOM   150  C CG  . PRO A 1 45  ? -13.995 -14.064 -5.066  1.00 44.45 ? 41  PRO A CG  1 
ATOM   151  C CD  . PRO A 1 45  ? -12.986 -14.644 -5.999  1.00 42.78 ? 41  PRO A CD  1 
ATOM   152  N N   . LEU A 1 46  ? -11.845 -13.769 -1.639  1.00 35.09 ? 42  LEU A N   1 
ATOM   153  C CA  . LEU A 1 46  ? -11.782 -14.406 -0.306  1.00 37.36 ? 42  LEU A CA  1 
ATOM   154  C C   . LEU A 1 46  ? -13.096 -15.182 -0.036  1.00 39.75 ? 42  LEU A C   1 
ATOM   155  O O   . LEU A 1 46  ? -13.102 -16.266 0.598   1.00 34.85 ? 42  LEU A O   1 
ATOM   156  C CB  . LEU A 1 46  ? -11.488 -13.368 0.759   1.00 37.32 ? 42  LEU A CB  1 
ATOM   157  C CG  . LEU A 1 46  ? -11.192 -13.944 2.161   1.00 35.82 ? 42  LEU A CG  1 
ATOM   158  C CD1 . LEU A 1 46  ? -9.905  -14.778 2.124   1.00 37.54 ? 42  LEU A CD1 1 
ATOM   159  C CD2 . LEU A 1 46  ? -11.165 -12.849 3.258   1.00 34.74 ? 42  LEU A CD2 1 
ATOM   160  N N   . ALA A 1 47  ? -14.198 -14.637 -0.533  1.00 41.33 ? 43  ALA A N   1 
ATOM   161  C CA  . ALA A 1 47  ? -15.510 -15.282 -0.422  1.00 46.51 ? 43  ALA A CA  1 
ATOM   162  C C   . ALA A 1 47  ? -15.547 -16.709 -1.018  1.00 47.26 ? 43  ALA A C   1 
ATOM   163  O O   . ALA A 1 47  ? -16.337 -17.538 -0.565  1.00 50.63 ? 43  ALA A O   1 
ATOM   164  C CB  . ALA A 1 47  ? -16.579 -14.403 -1.051  1.00 48.04 ? 43  ALA A CB  1 
ATOM   165  N N   . ASP A 1 48  ? -14.678 -17.008 -1.984  1.00 43.62 ? 44  ASP A N   1 
ATOM   166  C CA  . ASP A 1 48  ? -14.622 -18.326 -2.657  1.00 44.85 ? 44  ASP A CA  1 
ATOM   167  C C   . ASP A 1 48  ? -13.513 -19.229 -2.169  1.00 40.75 ? 44  ASP A C   1 
ATOM   168  O O   . ASP A 1 48  ? -13.189 -20.246 -2.822  1.00 37.80 ? 44  ASP A O   1 
ATOM   169  C CB  . ASP A 1 48  ? -14.413 -18.159 -4.162  1.00 46.54 ? 44  ASP A CB  1 
ATOM   170  C CG  . ASP A 1 48  ? -15.648 -17.627 -4.877  1.00 59.40 ? 44  ASP A CG  1 
ATOM   171  O OD1 . ASP A 1 48  ? -16.693 -17.365 -4.224  1.00 59.66 ? 44  ASP A OD1 1 
ATOM   172  O OD2 . ASP A 1 48  ? -15.564 -17.483 -6.110  1.00 62.39 ? 44  ASP A OD2 1 
ATOM   173  N N   . ILE A 1 49  ? -12.844 -18.808 -1.098  1.00 33.16 ? 45  ILE A N   1 
ATOM   174  C CA  . ILE A 1 49  ? -11.773 -19.602 -0.482  1.00 35.34 ? 45  ILE A CA  1 
ATOM   175  C C   . ILE A 1 49  ? -12.317 -20.074 0.871   1.00 39.08 ? 45  ILE A C   1 
ATOM   176  O O   . ILE A 1 49  ? -12.851 -19.283 1.621   1.00 35.68 ? 45  ILE A O   1 
ATOM   177  C CB  . ILE A 1 49  ? -10.475 -18.787 -0.278  1.00 34.81 ? 45  ILE A CB  1 
ATOM   178  C CG1 . ILE A 1 49  ? -9.958  -18.319 -1.631  1.00 32.79 ? 45  ILE A CG1 1 
ATOM   179  C CG2 . ILE A 1 49  ? -9.363  -19.608 0.396   1.00 31.81 ? 45  ILE A CG2 1 
ATOM   180  C CD1 . ILE A 1 49  ? -8.797  -17.349 -1.565  1.00 32.48 ? 45  ILE A CD1 1 
ATOM   181  N N   . SER A 1 50  ? -12.195 -21.365 1.180   1.00 40.18 ? 46  SER A N   1 
ATOM   182  C CA  . SER A 1 50  ? -12.657 -21.822 2.497   1.00 39.55 ? 46  SER A CA  1 
ATOM   183  C C   . SER A 1 50  ? -11.457 -22.070 3.418   1.00 34.32 ? 46  SER A C   1 
ATOM   184  O O   . SER A 1 50  ? -10.335 -22.345 2.977   1.00 34.02 ? 46  SER A O   1 
ATOM   185  C CB  . SER A 1 50  ? -13.483 -23.109 2.351   1.00 40.93 ? 46  SER A CB  1 
ATOM   186  O OG  . SER A 1 50  ? -12.660 -24.146 1.861   1.00 37.00 ? 46  SER A OG  1 
ATOM   187  N N   . VAL A 1 51  ? -11.718 -22.070 4.731   1.00 33.64 ? 47  VAL A N   1 
ATOM   188  C CA  . VAL A 1 51  ? -10.697 -22.529 5.672   1.00 31.60 ? 47  VAL A CA  1 
ATOM   189  C C   . VAL A 1 51  ? -10.145 -23.916 5.257   1.00 29.86 ? 47  VAL A C   1 
ATOM   190  O O   . VAL A 1 51  ? -8.942  -24.194 5.394   1.00 29.77 ? 47  VAL A O   1 
ATOM   191  C CB  . VAL A 1 51  ? -11.262 -22.499 7.124   1.00 38.03 ? 47  VAL A CB  1 
ATOM   192  C CG1 . VAL A 1 51  ? -10.288 -23.193 8.090   1.00 33.67 ? 47  VAL A CG1 1 
ATOM   193  C CG2 . VAL A 1 51  ? -11.503 -21.012 7.517   1.00 37.19 ? 47  VAL A CG2 1 
ATOM   194  N N   . ASP A 1 52  ? -11.031 -24.781 4.775   1.00 34.48 ? 48  ASP A N   1 
ATOM   195  C CA  . ASP A 1 52  ? -10.589 -26.107 4.356   1.00 37.78 ? 48  ASP A CA  1 
ATOM   196  C C   . ASP A 1 52  ? -9.587  -26.037 3.159   1.00 34.86 ? 48  ASP A C   1 
ATOM   197  O O   . ASP A 1 52  ? -8.613  -26.747 3.170   1.00 34.47 ? 48  ASP A O   1 
ATOM   198  C CB  . ASP A 1 52  ? -11.784 -27.013 4.050   1.00 41.98 ? 48  ASP A CB  1 
ATOM   199  C CG  . ASP A 1 52  ? -12.400 -27.646 5.312   1.00 45.52 ? 48  ASP A CG  1 
ATOM   200  O OD1 . ASP A 1 52  ? -11.716 -27.807 6.358   1.00 45.45 ? 48  ASP A OD1 1 
ATOM   201  O OD2 . ASP A 1 52  ? -13.597 -27.971 5.250   1.00 48.11 ? 48  ASP A OD2 1 
ATOM   202  N N   . ASP A 1 53  ? -9.777  -25.080 2.229   1.00 37.90 ? 49  ASP A N   1 
ATOM   203  C CA  . ASP A 1 53  ? -8.823  -24.840 1.151   1.00 36.04 ? 49  ASP A CA  1 
ATOM   204  C C   . ASP A 1 53  ? -7.462  -24.366 1.677   1.00 31.82 ? 49  ASP A C   1 
ATOM   205  O O   . ASP A 1 53  ? -6.394  -24.758 1.190   1.00 32.76 ? 49  ASP A O   1 
ATOM   206  C CB  . ASP A 1 53  ? -9.356  -23.748 0.143   1.00 35.38 ? 49  ASP A CB  1 
ATOM   207  C CG  . ASP A 1 53  ? -10.637 -24.132 -0.584  1.00 46.26 ? 49  ASP A CG  1 
ATOM   208  O OD1 . ASP A 1 53  ? -10.883 -25.327 -0.885  1.00 49.80 ? 49  ASP A OD1 1 
ATOM   209  O OD2 . ASP A 1 53  ? -11.425 -23.212 -0.906  1.00 43.80 ? 49  ASP A OD2 1 
ATOM   210  N N   . LEU A 1 54  ? -7.456  -23.508 2.711   1.00 29.51 ? 50  LEU A N   1 
ATOM   211  C CA  . LEU A 1 54  ? -6.207  -23.005 3.220   1.00 25.30 ? 50  LEU A CA  1 
ATOM   212  C C   . LEU A 1 54  ? -5.454  -24.088 3.961   1.00 24.26 ? 50  LEU A C   1 
ATOM   213  O O   . LEU A 1 54  ? -4.234  -24.175 3.953   1.00 27.49 ? 50  LEU A O   1 
ATOM   214  C CB  . LEU A 1 54  ? -6.488  -21.793 4.149   1.00 28.34 ? 50  LEU A CB  1 
ATOM   215  C CG  . LEU A 1 54  ? -7.080  -20.551 3.478   1.00 28.43 ? 50  LEU A CG  1 
ATOM   216  C CD1 . LEU A 1 54  ? -7.390  -19.509 4.551   1.00 29.40 ? 50  LEU A CD1 1 
ATOM   217  C CD2 . LEU A 1 54  ? -5.981  -20.031 2.544   1.00 30.98 ? 50  LEU A CD2 1 
ATOM   218  N N   . ALA A 1 55  ? -6.214  -24.906 4.716   1.00 30.21 ? 51  ALA A N   1 
ATOM   219  C CA  . ALA A 1 55  ? -5.573  -25.932 5.519   1.00 30.75 ? 51  ALA A CA  1 
ATOM   220  C C   . ALA A 1 55  ? -4.971  -27.015 4.568   1.00 27.74 ? 51  ALA A C   1 
ATOM   221  O O   . ALA A 1 55  ? -3.800  -27.386 4.704   1.00 27.86 ? 51  ALA A O   1 
ATOM   222  C CB  . ALA A 1 55  ? -6.642  -26.576 6.427   1.00 29.79 ? 51  ALA A CB  1 
ATOM   223  N N   . LYS A 1 56  ? -5.769  -27.344 3.575   1.00 30.67 ? 52  LYS A N   1 
ATOM   224  C CA  . LYS A 1 56  ? -5.376  -28.378 2.573   1.00 35.10 ? 52  LYS A CA  1 
ATOM   225  C C   . LYS A 1 56  ? -4.094  -27.906 1.854   1.00 37.01 ? 52  LYS A C   1 
ATOM   226  O O   . LYS A 1 56  ? -3.110  -28.622 1.766   1.00 36.66 ? 52  LYS A O   1 
ATOM   227  C CB  . LYS A 1 56  ? -6.504  -28.702 1.621   1.00 38.36 ? 52  LYS A CB  1 
ATOM   228  C CG  . LYS A 1 56  ? -6.073  -29.547 0.414   1.00 49.65 ? 52  LYS A CG  1 
ATOM   229  C CD  . LYS A 1 56  ? -7.277  -29.788 -0.476  1.00 46.91 ? 52  LYS A CD  1 
ATOM   230  C CE  . LYS A 1 56  ? -8.469  -30.110 0.403   1.00 50.47 ? 52  LYS A CE  1 
ATOM   231  N NZ  . LYS A 1 56  ? -9.772  -29.932 -0.302  1.00 52.58 ? 52  LYS A NZ  1 
ATOM   232  N N   . GLY A 1 57  ? -4.063  -26.645 1.415   1.00 34.65 ? 53  GLY A N   1 
ATOM   233  C CA  . GLY A 1 57  ? -2.831  -26.107 0.852   1.00 33.86 ? 53  GLY A CA  1 
ATOM   234  C C   . GLY A 1 57  ? -1.633  -26.056 1.762   1.00 28.79 ? 53  GLY A C   1 
ATOM   235  O O   . GLY A 1 57  ? -0.525  -26.142 1.296   1.00 34.24 ? 53  GLY A O   1 
ATOM   236  N N   . ALA A 1 58  ? -1.817  -25.897 3.088   1.00 29.25 ? 54  ALA A N   1 
ATOM   237  C CA  . ALA A 1 58  ? -0.711  -25.786 4.040   1.00 29.60 ? 54  ALA A CA  1 
ATOM   238  C C   . ALA A 1 58  ? -0.315  -27.170 4.601   1.00 32.06 ? 54  ALA A C   1 
ATOM   239  O O   . ALA A 1 58  ? 0.598   -27.280 5.418   1.00 35.73 ? 54  ALA A O   1 
ATOM   240  C CB  . ALA A 1 58  ? -1.136  -24.898 5.222   1.00 34.39 ? 54  ALA A CB  1 
ATOM   241  N N   . GLY A 1 59  ? -1.081  -28.176 4.204   1.00 38.41 ? 55  GLY A N   1 
ATOM   242  C CA  . GLY A 1 59  ? -0.780  -29.562 4.612   1.00 32.49 ? 55  GLY A CA  1 
ATOM   243  C C   . GLY A 1 59  ? -1.145  -29.806 6.070   1.00 32.67 ? 55  GLY A C   1 
ATOM   244  O O   . GLY A 1 59  ? -0.437  -30.517 6.796   1.00 36.14 ? 55  GLY A O   1 
ATOM   245  N N   . ILE A 1 60  ? -2.211  -29.156 6.514   1.00 31.06 ? 56  ILE A N   1 
ATOM   246  C CA  . ILE A 1 60  ? -2.668  -29.303 7.939   1.00 25.75 ? 56  ILE A CA  1 
ATOM   247  C C   . ILE A 1 60  ? -4.137  -29.609 7.926   1.00 26.20 ? 56  ILE A C   1 
ATOM   248  O O   . ILE A 1 60  ? -4.824  -29.490 6.893   1.00 27.69 ? 56  ILE A O   1 
ATOM   249  C CB  . ILE A 1 60  ? -2.358  -28.035 8.797   1.00 26.40 ? 56  ILE A CB  1 
ATOM   250  C CG1 . ILE A 1 60  ? -3.093  -26.846 8.150   1.00 23.40 ? 56  ILE A CG1 1 
ATOM   251  C CG2 . ILE A 1 60  ? -0.841  -27.908 9.080   1.00 28.13 ? 56  ILE A CG2 1 
ATOM   252  C CD1 . ILE A 1 60  ? -2.936  -25.603 8.994   1.00 25.39 ? 56  ILE A CD1 1 
ATOM   253  N N   . SER A 1 61  ? -4.717  -30.016 9.107   1.00 26.33 ? 57  SER A N   1 
ATOM   254  C CA  . SER A 1 61  ? -6.146  -30.185 9.174   1.00 26.85 ? 57  SER A CA  1 
ATOM   255  C C   . SER A 1 61  ? -6.887  -28.895 9.491   1.00 23.42 ? 57  SER A C   1 
ATOM   256  O O   . SER A 1 61  ? -6.235  -27.959 9.947   1.00 25.04 ? 57  SER A O   1 
ATOM   257  C CB  . SER A 1 61  ? -6.447  -31.174 10.345  1.00 27.41 ? 57  SER A CB  1 
ATOM   258  O OG  . SER A 1 61  ? -5.996  -30.568 11.516  1.00 24.10 ? 57  SER A OG  1 
ATOM   259  N N   . ARG A 1 62  ? -8.210  -28.884 9.375   1.00 26.39 ? 58  ARG A N   1 
ATOM   260  C CA  . ARG A 1 62  ? -8.996  -27.726 9.812   1.00 25.04 ? 58  ARG A CA  1 
ATOM   261  C C   . ARG A 1 62  ? -8.784  -27.286 11.255  1.00 24.55 ? 58  ARG A C   1 
ATOM   262  O O   . ARG A 1 62  ? -8.527  -26.135 11.563  1.00 21.23 ? 58  ARG A O   1 
ATOM   263  C CB  . ARG A 1 62  ? -10.477 -27.972 9.525   1.00 26.07 ? 58  ARG A CB  1 
ATOM   264  C CG  . ARG A 1 62  ? -11.434 -26.873 9.863   1.00 33.81 ? 58  ARG A CG  1 
ATOM   265  C CD  . ARG A 1 62  ? -12.831 -27.420 9.441   1.00 42.21 ? 58  ARG A CD  1 
ATOM   266  N NE  . ARG A 1 62  ? -13.872 -26.405 9.593   1.00 63.13 ? 58  ARG A NE  1 
ATOM   267  C CZ  . ARG A 1 62  ? -14.225 -25.514 8.653   1.00 68.59 ? 58  ARG A CZ  1 
ATOM   268  N NH1 . ARG A 1 62  ? -13.638 -25.511 7.458   1.00 67.90 ? 58  ARG A NH1 1 
ATOM   269  N NH2 . ARG A 1 62  ? -15.190 -24.628 8.899   1.00 62.25 ? 58  ARG A NH2 1 
ATOM   270  N N   . PRO A 1 63  ? -8.821  -28.230 12.277  1.00 21.92 ? 59  PRO A N   1 
ATOM   271  C CA  . PRO A 1 63  ? -8.667  -27.660 13.577  1.00 20.92 ? 59  PRO A CA  1 
ATOM   272  C C   . PRO A 1 63  ? -7.229  -27.203 13.867  1.00 19.81 ? 59  PRO A C   1 
ATOM   273  O O   . PRO A 1 63  ? -7.015  -26.318 14.707  1.00 21.28 ? 59  PRO A O   1 
ATOM   274  C CB  . PRO A 1 63  ? -9.063  -28.875 14.558  1.00 21.91 ? 59  PRO A CB  1 
ATOM   275  C CG  . PRO A 1 63  ? -8.787  -30.071 13.654  1.00 23.05 ? 59  PRO A CG  1 
ATOM   276  C CD  . PRO A 1 63  ? -9.311  -29.626 12.292  1.00 26.63 ? 59  PRO A CD  1 
ATOM   277  N N   . THR A 1 64  ? -6.263  -27.720 13.146  1.00 20.43 ? 60  THR A N   1 
ATOM   278  C CA  . THR A 1 64  ? -4.923  -27.227 13.315  1.00 19.65 ? 60  THR A CA  1 
ATOM   279  C C   . THR A 1 64  ? -4.807  -25.735 12.790  1.00 19.82 ? 60  THR A C   1 
ATOM   280  O O   . THR A 1 64  ? -4.049  -24.971 13.413  1.00 24.01 ? 60  THR A O   1 
ATOM   281  C CB  . THR A 1 64  ? -3.896  -28.154 12.668  1.00 24.30 ? 60  THR A CB  1 
ATOM   282  O OG1 . THR A 1 64  ? -3.850  -29.386 13.486  1.00 23.05 ? 60  THR A OG1 1 
ATOM   283  C CG2 . THR A 1 64  ? -2.457  -27.574 12.741  1.00 26.77 ? 60  THR A CG2 1 
ATOM   284  N N   . PHE A 1 65  ? -5.523  -25.508 11.754  1.00 22.29 ? 61  PHE A N   1 
ATOM   285  C CA  . PHE A 1 65  ? -5.610  -24.086 11.136  1.00 20.80 ? 61  PHE A CA  1 
ATOM   286  C C   . PHE A 1 65  ? -6.000  -23.113 12.234  1.00 25.54 ? 61  PHE A C   1 
ATOM   287  O O   . PHE A 1 65  ? -5.364  -22.065 12.425  1.00 25.80 ? 61  PHE A O   1 
ATOM   288  C CB  . PHE A 1 65  ? -6.473  -24.078 9.916   1.00 24.38 ? 61  PHE A CB  1 
ATOM   289  C CG  . PHE A 1 65  ? -6.838  -22.698 9.439   1.00 23.99 ? 61  PHE A CG  1 
ATOM   290  C CD1 . PHE A 1 65  ? -6.127  -22.116 8.429   1.00 25.19 ? 61  PHE A CD1 1 
ATOM   291  C CD2 . PHE A 1 65  ? -7.798  -21.967 10.114  1.00 25.99 ? 61  PHE A CD2 1 
ATOM   292  C CE1 . PHE A 1 65  ? -6.466  -20.777 8.053   1.00 25.00 ? 61  PHE A CE1 1 
ATOM   293  C CE2 . PHE A 1 65  ? -8.140  -20.637 9.768   1.00 29.83 ? 61  PHE A CE2 1 
ATOM   294  C CZ  . PHE A 1 65  ? -7.444  -20.060 8.704   1.00 27.14 ? 61  PHE A CZ  1 
ATOM   295  N N   . TYR A 1 66  ? -7.009  -23.515 13.014  1.00 26.95 ? 62  TYR A N   1 
ATOM   296  C CA  . TYR A 1 66  ? -7.536  -22.656 14.061  1.00 30.27 ? 62  TYR A CA  1 
ATOM   297  C C   . TYR A 1 66  ? -6.643  -22.407 15.210  1.00 29.71 ? 62  TYR A C   1 
ATOM   298  O O   . TYR A 1 66  ? -6.791  -21.420 15.975  1.00 29.84 ? 62  TYR A O   1 
ATOM   299  C CB  . TYR A 1 66  ? -8.895  -23.139 14.511  1.00 25.93 ? 62  TYR A CB  1 
ATOM   300  C CG  . TYR A 1 66  ? -9.936  -22.979 13.538  1.00 27.88 ? 62  TYR A CG  1 
ATOM   301  C CD1 . TYR A 1 66  ? -10.263 -21.693 13.017  1.00 26.87 ? 62  TYR A CD1 1 
ATOM   302  C CD2 . TYR A 1 66  ? -10.722 -24.040 13.144  1.00 28.61 ? 62  TYR A CD2 1 
ATOM   303  C CE1 . TYR A 1 66  ? -11.314 -21.544 12.153  1.00 27.74 ? 62  TYR A CE1 1 
ATOM   304  C CE2 . TYR A 1 66  ? -11.768 -23.887 12.251  1.00 34.02 ? 62  TYR A CE2 1 
ATOM   305  C CZ  . TYR A 1 66  ? -12.027 -22.603 11.719  1.00 28.14 ? 62  TYR A CZ  1 
ATOM   306  O OH  . TYR A 1 66  ? -13.083 -22.447 10.857  1.00 32.59 ? 62  TYR A OH  1 
ATOM   307  N N   . PHE A 1 67  ? -5.659  -23.261 15.402  1.00 26.36 ? 63  PHE A N   1 
ATOM   308  C CA  . PHE A 1 67  ? -4.624  -22.925 16.266  1.00 27.47 ? 63  PHE A CA  1 
ATOM   309  C C   . PHE A 1 67  ? -3.776  -21.669 15.873  1.00 33.86 ? 63  PHE A C   1 
ATOM   310  O O   . PHE A 1 67  ? -3.185  -20.974 16.714  1.00 32.79 ? 63  PHE A O   1 
ATOM   311  C CB  . PHE A 1 67  ? -3.711  -24.132 16.497  1.00 31.49 ? 63  PHE A CB  1 
ATOM   312  C CG  . PHE A 1 67  ? -2.627  -23.896 17.512  1.00 33.83 ? 63  PHE A CG  1 
ATOM   313  C CD1 . PHE A 1 67  ? -2.952  -23.842 18.895  1.00 41.84 ? 63  PHE A CD1 1 
ATOM   314  C CD2 . PHE A 1 67  ? -1.309  -23.786 17.144  1.00 36.00 ? 63  PHE A CD2 1 
ATOM   315  C CE1 . PHE A 1 67  ? -1.962  -23.604 19.828  1.00 39.89 ? 63  PHE A CE1 1 
ATOM   316  C CE2 . PHE A 1 67  ? -0.306  -23.554 18.088  1.00 44.37 ? 63  PHE A CE2 1 
ATOM   317  C CZ  . PHE A 1 67  ? -0.635  -23.482 19.443  1.00 41.56 ? 63  PHE A CZ  1 
ATOM   318  N N   . TYR A 1 68  ? -3.639  -21.449 14.573  1.00 28.57 ? 64  TYR A N   1 
ATOM   319  C CA  . TYR A 1 68  ? -2.815  -20.377 14.080  1.00 27.10 ? 64  TYR A CA  1 
ATOM   320  C C   . TYR A 1 68  ? -3.609  -19.093 13.732  1.00 25.23 ? 64  TYR A C   1 
ATOM   321  O O   . TYR A 1 68  ? -3.048  -17.991 13.885  1.00 26.42 ? 64  TYR A O   1 
ATOM   322  C CB  . TYR A 1 68  ? -2.145  -20.845 12.747  1.00 26.56 ? 64  TYR A CB  1 
ATOM   323  C CG  . TYR A 1 68  ? -1.080  -21.849 13.056  1.00 26.19 ? 64  TYR A CG  1 
ATOM   324  C CD1 . TYR A 1 68  ? 0.116   -21.440 13.583  1.00 29.36 ? 64  TYR A CD1 1 
ATOM   325  C CD2 . TYR A 1 68  ? -1.337  -23.207 12.924  1.00 27.16 ? 64  TYR A CD2 1 
ATOM   326  C CE1 . TYR A 1 68  ? 1.115   -22.373 13.941  1.00 32.37 ? 64  TYR A CE1 1 
ATOM   327  C CE2 . TYR A 1 68  ? -0.392  -24.150 13.333  1.00 26.86 ? 64  TYR A CE2 1 
ATOM   328  C CZ  . TYR A 1 68  ? 0.826   -23.734 13.803  1.00 33.54 ? 64  TYR A CZ  1 
ATOM   329  O OH  . TYR A 1 68  ? 1.823   -24.659 14.150  1.00 39.05 ? 64  TYR A OH  1 
ATOM   330  N N   . PHE A 1 69  ? -4.825  -19.258 13.232  1.00 25.81 ? 65  PHE A N   1 
ATOM   331  C CA  . PHE A 1 69  ? -5.700  -18.146 12.879  1.00 28.80 ? 65  PHE A CA  1 
ATOM   332  C C   . PHE A 1 69  ? -7.114  -18.433 13.247  1.00 28.46 ? 65  PHE A C   1 
ATOM   333  O O   . PHE A 1 69  ? -7.594  -19.547 13.027  1.00 30.12 ? 65  PHE A O   1 
ATOM   334  C CB  . PHE A 1 69  ? -5.649  -17.872 11.339  1.00 25.97 ? 65  PHE A CB  1 
ATOM   335  C CG  . PHE A 1 69  ? -4.320  -17.435 10.869  1.00 27.94 ? 65  PHE A CG  1 
ATOM   336  C CD1 . PHE A 1 69  ? -3.958  -16.066 10.906  1.00 26.16 ? 65  PHE A CD1 1 
ATOM   337  C CD2 . PHE A 1 69  ? -3.402  -18.369 10.338  1.00 27.04 ? 65  PHE A CD2 1 
ATOM   338  C CE1 . PHE A 1 69  ? -2.700  -15.684 10.491  1.00 25.98 ? 65  PHE A CE1 1 
ATOM   339  C CE2 . PHE A 1 69  ? -2.129  -17.974 9.924   1.00 26.01 ? 65  PHE A CE2 1 
ATOM   340  C CZ  . PHE A 1 69  ? -1.755  -16.620 9.988   1.00 26.98 ? 65  PHE A CZ  1 
ATOM   341  N N   . PRO A 1 70  ? -7.860  -17.394 13.727  1.00 29.92 ? 66  PRO A N   1 
ATOM   342  C CA  . PRO A 1 70  ? -9.290  -17.642 13.968  1.00 27.99 ? 66  PRO A CA  1 
ATOM   343  C C   . PRO A 1 70  ? -10.187 -17.723 12.800  1.00 30.28 ? 66  PRO A C   1 
ATOM   344  O O   . PRO A 1 70  ? -11.317 -18.150 12.987  1.00 26.59 ? 66  PRO A O   1 
ATOM   345  C CB  . PRO A 1 70  ? -9.722  -16.448 14.845  1.00 29.71 ? 66  PRO A CB  1 
ATOM   346  C CG  . PRO A 1 70  ? -8.782  -15.345 14.418  1.00 29.29 ? 66  PRO A CG  1 
ATOM   347  C CD  . PRO A 1 70  ? -7.449  -16.062 14.234  1.00 28.55 ? 66  PRO A CD  1 
ATOM   348  N N   . SER A 1 71  ? -9.750  -17.323 11.574  1.00 25.59 ? 67  SER A N   1 
ATOM   349  C CA  . SER A 1 71  ? -10.676 -17.236 10.489  1.00 24.46 ? 67  SER A CA  1 
ATOM   350  C C   . SER A 1 71  ? -9.820  -16.915 9.234   1.00 22.03 ? 67  SER A C   1 
ATOM   351  O O   . SER A 1 71  ? -8.644  -16.559 9.376   1.00 26.13 ? 67  SER A O   1 
ATOM   352  C CB  . SER A 1 71  ? -11.661 -16.021 10.594  1.00 31.54 ? 67  SER A CB  1 
ATOM   353  O OG  . SER A 1 71  ? -10.914 -14.813 10.658  1.00 29.03 ? 67  SER A OG  1 
ATOM   354  N N   . LYS A 1 72  ? -10.442 -17.066 8.092   1.00 23.76 ? 68  LYS A N   1 
ATOM   355  C CA  . LYS A 1 72  ? -9.735  -16.776 6.816   1.00 28.86 ? 68  LYS A CA  1 
ATOM   356  C C   . LYS A 1 72  ? -9.575  -15.268 6.738   1.00 28.17 ? 68  LYS A C   1 
ATOM   357  O O   . LYS A 1 72  ? -8.578  -14.802 6.168   1.00 26.07 ? 68  LYS A O   1 
ATOM   358  C CB  . LYS A 1 72  ? -10.492 -17.251 5.571   1.00 27.62 ? 68  LYS A CB  1 
ATOM   359  C CG  . LYS A 1 72  ? -11.850 -16.628 5.309   1.00 30.24 ? 68  LYS A CG  1 
ATOM   360  C CD  . LYS A 1 72  ? -12.636 -17.336 4.197   1.00 32.92 ? 68  LYS A CD  1 
ATOM   361  C CE  . LYS A 1 72  ? -13.986 -16.639 3.986   1.00 35.57 ? 68  LYS A CE  1 
ATOM   362  N NZ  . LYS A 1 72  ? -14.709 -17.352 2.905   1.00 36.42 ? 68  LYS A NZ  1 
ATOM   363  N N   . GLU A 1 73  ? -10.501 -14.534 7.338   1.00 29.57 ? 69  GLU A N   1 
ATOM   364  C CA  . GLU A 1 73  ? -10.350 -13.055 7.367   1.00 33.47 ? 69  GLU A CA  1 
ATOM   365  C C   . GLU A 1 73  ? -9.103  -12.631 8.137   1.00 30.82 ? 69  GLU A C   1 
ATOM   366  O O   . GLU A 1 73  ? -8.423  -11.678 7.745   1.00 27.11 ? 69  GLU A O   1 
ATOM   367  C CB  . GLU A 1 73  ? -11.652 -12.321 7.871   1.00 30.54 ? 69  GLU A CB  1 
ATOM   368  C CG  . GLU A 1 73  ? -12.852 -12.449 6.974   1.00 36.94 ? 69  GLU A CG  1 
ATOM   369  C CD  . GLU A 1 73  ? -13.609 -13.785 7.080   1.00 42.60 ? 69  GLU A CD  1 
ATOM   370  O OE1 . GLU A 1 73  ? -13.309 -14.625 7.981   1.00 36.63 ? 69  GLU A OE1 1 
ATOM   371  O OE2 . GLU A 1 73  ? -14.477 -14.020 6.213   1.00 49.69 ? 69  GLU A OE2 1 
ATOM   372  N N   . ALA A 1 74  ? -8.749  -13.305 9.249   1.00 24.07 ? 70  ALA A N   1 
ATOM   373  C CA  . ALA A 1 74  ? -7.577  -12.974 9.968   1.00 24.12 ? 70  ALA A CA  1 
ATOM   374  C C   . ALA A 1 74  ? -6.367  -13.325 9.154   1.00 22.70 ? 70  ALA A C   1 
ATOM   375  O O   . ALA A 1 74  ? -5.351  -12.755 9.373   1.00 25.33 ? 70  ALA A O   1 
ATOM   376  C CB  . ALA A 1 74  ? -7.531  -13.675 11.354  1.00 30.48 ? 70  ALA A CB  1 
ATOM   377  N N   . VAL A 1 75  ? -6.424  -14.341 8.289   1.00 22.13 ? 71  VAL A N   1 
ATOM   378  C CA  . VAL A 1 75  ? -5.229  -14.610 7.443   1.00 20.68 ? 71  VAL A CA  1 
ATOM   379  C C   . VAL A 1 75  ? -5.014  -13.398 6.485   1.00 18.90 ? 71  VAL A C   1 
ATOM   380  O O   . VAL A 1 75  ? -3.856  -12.983 6.345   1.00 23.24 ? 71  VAL A O   1 
ATOM   381  C CB  . VAL A 1 75  ? -5.456  -15.858 6.570   1.00 22.98 ? 71  VAL A CB  1 
ATOM   382  C CG1 . VAL A 1 75  ? -4.252  -16.132 5.620   1.00 24.09 ? 71  VAL A CG1 1 
ATOM   383  C CG2 . VAL A 1 75  ? -5.582  -17.060 7.561   1.00 21.92 ? 71  VAL A CG2 1 
ATOM   384  N N   . LEU A 1 76  ? -6.127  -12.991 5.880   1.00 22.93 ? 72  LEU A N   1 
ATOM   385  C CA  . LEU A 1 76  ? -6.015  -11.752 4.950   1.00 22.84 ? 72  LEU A CA  1 
ATOM   386  C C   . LEU A 1 76  ? -5.441  -10.577 5.746   1.00 21.66 ? 72  LEU A C   1 
ATOM   387  O O   . LEU A 1 76  ? -4.517  -9.935  5.270   1.00 24.28 ? 72  LEU A O   1 
ATOM   388  C CB  . LEU A 1 76  ? -7.297  -11.411 4.227   1.00 25.54 ? 72  LEU A CB  1 
ATOM   389  C CG  . LEU A 1 76  ? -7.250  -10.061 3.408   1.00 23.25 ? 72  LEU A CG  1 
ATOM   390  C CD1 . LEU A 1 76  ? -6.291  -10.337 2.266   1.00 22.94 ? 72  LEU A CD1 1 
ATOM   391  C CD2 . LEU A 1 76  ? -8.628  -9.865  2.906   1.00 25.45 ? 72  LEU A CD2 1 
ATOM   392  N N   . LEU A 1 77  ? -5.925  -10.262 6.927   1.00 23.97 ? 73  LEU A N   1 
ATOM   393  C CA  . LEU A 1 77  ? -5.406  -9.169  7.697   1.00 25.00 ? 73  LEU A CA  1 
ATOM   394  C C   . LEU A 1 77  ? -3.975  -9.281  8.001   1.00 24.55 ? 73  LEU A C   1 
ATOM   395  O O   . LEU A 1 77  ? -3.233  -8.298  7.941   1.00 25.24 ? 73  LEU A O   1 
ATOM   396  C CB  . LEU A 1 77  ? -6.213  -9.024  9.003   1.00 24.81 ? 73  LEU A CB  1 
ATOM   397  C CG  . LEU A 1 77  ? -5.951  -7.831  9.890   1.00 30.87 ? 73  LEU A CG  1 
ATOM   398  C CD1 . LEU A 1 77  ? -6.241  -6.526  9.110   1.00 29.52 ? 73  LEU A CD1 1 
ATOM   399  C CD2 . LEU A 1 77  ? -6.847  -7.948  11.137  1.00 32.18 ? 73  LEU A CD2 1 
ATOM   400  N N   . THR A 1 78  ? -3.494  -10.515 8.339   1.00 22.08 ? 74  THR A N   1 
ATOM   401  C CA  . THR A 1 78  ? -2.111  -10.653 8.496   1.00 20.75 ? 74  THR A CA  1 
ATOM   402  C C   . THR A 1 78  ? -1.302  -10.376 7.215   1.00 22.05 ? 74  THR A C   1 
ATOM   403  O O   . THR A 1 78  ? -0.176  -9.788  7.311   1.00 23.77 ? 74  THR A O   1 
ATOM   404  C CB  . THR A 1 78  ? -1.786  -12.098 9.012   1.00 25.85 ? 74  THR A CB  1 
ATOM   405  O OG1 . THR A 1 78  ? -2.478  -12.183 10.281  1.00 28.69 ? 74  THR A OG1 1 
ATOM   406  C CG2 . THR A 1 78  ? -0.319  -12.226 9.247   1.00 25.26 ? 74  THR A CG2 1 
ATOM   407  N N   . LEU A 1 79  ? -1.816  -10.842 6.058   1.00 23.06 ? 75  LEU A N   1 
ATOM   408  C CA  . LEU A 1 79  ? -1.059  -10.585 4.789   1.00 21.74 ? 75  LEU A CA  1 
ATOM   409  C C   . LEU A 1 79  ? -0.989  -9.082  4.543   1.00 21.29 ? 75  LEU A C   1 
ATOM   410  O O   . LEU A 1 79  ? 0.108   -8.536  4.193   1.00 21.35 ? 75  LEU A O   1 
ATOM   411  C CB  . LEU A 1 79  ? -1.721  -11.224 3.587   1.00 21.69 ? 75  LEU A CB  1 
ATOM   412  C CG  . LEU A 1 79  ? -1.669  -12.768 3.583   1.00 23.34 ? 75  LEU A CG  1 
ATOM   413  C CD1 . LEU A 1 79  ? -2.735  -13.338 2.673   1.00 24.32 ? 75  LEU A CD1 1 
ATOM   414  C CD2 . LEU A 1 79  ? -0.279  -13.166 3.208   1.00 23.56 ? 75  LEU A CD2 1 
ATOM   415  N N   . LEU A 1 80  ? -2.097  -8.452  4.839   1.00 21.46 ? 76  LEU A N   1 
ATOM   416  C CA  . LEU A 1 80  ? -2.103  -6.928  4.585   1.00 20.66 ? 76  LEU A CA  1 
ATOM   417  C C   . LEU A 1 80  ? -1.199  -6.203  5.530   1.00 21.09 ? 76  LEU A C   1 
ATOM   418  O O   . LEU A 1 80  ? -0.468  -5.273  5.186   1.00 24.99 ? 76  LEU A O   1 
ATOM   419  C CB  . LEU A 1 80  ? -3.512  -6.368  4.813   1.00 22.35 ? 76  LEU A CB  1 
ATOM   420  C CG  . LEU A 1 80  ? -4.556  -6.960  3.850   1.00 26.95 ? 76  LEU A CG  1 
ATOM   421  C CD1 . LEU A 1 80  ? -5.968  -6.575  4.258   1.00 25.37 ? 76  LEU A CD1 1 
ATOM   422  C CD2 . LEU A 1 80  ? -4.341  -6.526  2.400   1.00 22.23 ? 76  LEU A CD2 1 
ATOM   423  N N   . ASP A 1 81  ? -1.177  -6.625  6.806   1.00 21.46 ? 77  ASP A N   1 
ATOM   424  C CA  . ASP A 1 81  ? -0.285  -6.059  7.747   1.00 24.11 ? 77  ASP A CA  1 
ATOM   425  C C   . ASP A 1 81  ? 1.175   -6.243  7.376   1.00 21.66 ? 77  ASP A C   1 
ATOM   426  O O   . ASP A 1 81  ? 2.048   -5.342  7.535   1.00 23.16 ? 77  ASP A O   1 
ATOM   427  C CB  . ASP A 1 81  ? -0.578  -6.744  9.124   1.00 24.93 ? 77  ASP A CB  1 
ATOM   428  C CG  . ASP A 1 81  ? 0.154   -6.016  10.264  1.00 34.74 ? 77  ASP A CG  1 
ATOM   429  O OD1 . ASP A 1 81  ? -0.309  -4.959  10.693  1.00 37.17 ? 77  ASP A OD1 1 
ATOM   430  O OD2 . ASP A 1 81  ? 1.273   -6.453  10.615  1.00 43.86 ? 77  ASP A OD2 1 
ATOM   431  N N   . ARG A 1 82  ? 1.520   -7.420  6.831   1.00 21.75 ? 78  ARG A N   1 
ATOM   432  C CA  . ARG A 1 82  ? 2.894   -7.605  6.376   1.00 22.16 ? 78  ARG A CA  1 
ATOM   433  C C   . ARG A 1 82  ? 3.260   -6.697  5.203   1.00 22.44 ? 78  ARG A C   1 
ATOM   434  O O   . ARG A 1 82  ? 4.332   -6.083  5.266   1.00 22.43 ? 78  ARG A O   1 
ATOM   435  C CB  . ARG A 1 82  ? 3.213   -9.080  6.072   1.00 28.15 ? 78  ARG A CB  1 
ATOM   436  C CG  . ARG A 1 82  ? 3.084   -9.910  7.389   1.00 33.34 ? 78  ARG A CG  1 
ATOM   437  C CD  . ARG A 1 82  ? 2.972   -11.410 7.129   1.00 45.53 ? 78  ARG A CD  1 
ATOM   438  N NE  . ARG A 1 82  ? 4.297   -12.006 6.947   1.00 60.95 ? 78  ARG A NE  1 
ATOM   439  C CZ  . ARG A 1 82  ? 4.755   -12.472 5.794   1.00 61.05 ? 78  ARG A CZ  1 
ATOM   440  N NH1 . ARG A 1 82  ? 4.003   -12.413 4.696   1.00 71.11 ? 78  ARG A NH1 1 
ATOM   441  N NH2 . ARG A 1 82  ? 5.972   -12.997 5.739   1.00 57.13 ? 78  ARG A NH2 1 
ATOM   442  N N   . VAL A 1 83  ? 2.351   -6.577  4.239   1.00 22.03 ? 79  VAL A N   1 
ATOM   443  C CA  . VAL A 1 83  ? 2.688   -5.727  3.046   1.00 21.87 ? 79  VAL A CA  1 
ATOM   444  C C   . VAL A 1 83  ? 2.788   -4.233  3.480   1.00 19.05 ? 79  VAL A C   1 
ATOM   445  O O   . VAL A 1 83  ? 3.749   -3.507  3.103   1.00 21.00 ? 79  VAL A O   1 
ATOM   446  C CB  . VAL A 1 83  ? 1.673   -5.947  1.890   1.00 22.55 ? 79  VAL A CB  1 
ATOM   447  C CG1 . VAL A 1 83  ? 2.109   -5.058  0.691   1.00 23.20 ? 79  VAL A CG1 1 
ATOM   448  C CG2 . VAL A 1 83  ? 1.646   -7.414  1.407   1.00 26.90 ? 79  VAL A CG2 1 
ATOM   449  N N   . VAL A 1 84  ? 1.870   -3.783  4.314   1.00 21.38 ? 80  VAL A N   1 
ATOM   450  C CA  . VAL A 1 84  ? 1.851   -2.362  4.713   1.00 21.06 ? 80  VAL A CA  1 
ATOM   451  C C   . VAL A 1 84  ? 3.106   -2.035  5.556   1.00 20.76 ? 80  VAL A C   1 
ATOM   452  O O   . VAL A 1 84  ? 3.730   -0.982  5.418   1.00 20.50 ? 80  VAL A O   1 
ATOM   453  C CB  . VAL A 1 84  ? 0.499   -1.917  5.289   1.00 22.64 ? 80  VAL A CB  1 
ATOM   454  C CG1 . VAL A 1 84  ? 0.422   -2.264  6.751   1.00 27.58 ? 80  VAL A CG1 1 
ATOM   455  C CG2 . VAL A 1 84  ? 0.393   -0.343  5.190   1.00 26.83 ? 80  VAL A CG2 1 
ATOM   456  N N   . ASN A 1 85  ? 3.505   -3.006  6.435   1.00 22.81 ? 81  ASN A N   1 
ATOM   457  C CA  . ASN A 1 85  ? 4.744   -2.743  7.156   1.00 23.91 ? 81  ASN A CA  1 
ATOM   458  C C   . ASN A 1 85  ? 5.994   -2.769  6.319   1.00 22.28 ? 81  ASN A C   1 
ATOM   459  O O   . ASN A 1 85  ? 6.897   -2.011  6.580   1.00 24.23 ? 81  ASN A O   1 
ATOM   460  C CB  . ASN A 1 85  ? 4.775   -3.689  8.398   1.00 28.61 ? 81  ASN A CB  1 
ATOM   461  C CG  . ASN A 1 85  ? 3.974   -3.067  9.551   1.00 29.37 ? 81  ASN A CG  1 
ATOM   462  O OD1 . ASN A 1 85  ? 4.473   -2.106  10.215  1.00 31.66 ? 81  ASN A OD1 1 
ATOM   463  N ND2 . ASN A 1 85  ? 2.719   -3.465  9.702   1.00 30.71 ? 81  ASN A ND2 1 
ATOM   464  N N   . GLN A 1 86  ? 6.053   -3.609  5.279   1.00 23.84 ? 82  GLN A N   1 
ATOM   465  C CA  . GLN A 1 86  ? 7.125   -3.593  4.359   1.00 21.80 ? 82  GLN A CA  1 
ATOM   466  C C   . GLN A 1 86  ? 7.294   -2.218  3.690   1.00 22.10 ? 82  GLN A C   1 
ATOM   467  O O   . GLN A 1 86  ? 8.415   -1.671  3.586   1.00 21.20 ? 82  GLN A O   1 
ATOM   468  C CB  . GLN A 1 86  ? 6.910   -4.675  3.297   1.00 25.68 ? 82  GLN A CB  1 
ATOM   469  C CG  . GLN A 1 86  ? 8.101   -4.943  2.394   1.00 33.86 ? 82  GLN A CG  1 
ATOM   470  C CD  . GLN A 1 86  ? 7.830   -6.150  1.480   1.00 39.81 ? 82  GLN A CD  1 
ATOM   471  O OE1 . GLN A 1 86  ? 7.251   -7.151  1.917   1.00 55.46 ? 82  GLN A OE1 1 
ATOM   472  N NE2 . GLN A 1 86  ? 8.240   -6.054  0.222   1.00 46.58 ? 82  GLN A NE2 1 
ATOM   473  N N   . ALA A 1 87  ? 6.148   -1.703  3.217   1.00 21.41 ? 83  ALA A N   1 
ATOM   474  C CA  . ALA A 1 87  ? 6.199   -0.402  2.554   1.00 18.84 ? 83  ALA A CA  1 
ATOM   475  C C   . ALA A 1 87  ? 6.629   0.636   3.570   1.00 18.29 ? 83  ALA A C   1 
ATOM   476  O O   . ALA A 1 87  ? 7.447   1.497   3.273   1.00 20.59 ? 83  ALA A O   1 
ATOM   477  C CB  . ALA A 1 87  ? 4.767   -0.100  1.959   1.00 20.65 ? 83  ALA A CB  1 
ATOM   478  N N   . ASP A 1 88  ? 6.064   0.606   4.767   1.00 18.91 ? 84  ASP A N   1 
ATOM   479  C CA  . ASP A 1 88  ? 6.377   1.623   5.776   1.00 21.45 ? 84  ASP A CA  1 
ATOM   480  C C   . ASP A 1 88  ? 7.865   1.580   6.144   1.00 21.57 ? 84  ASP A C   1 
ATOM   481  O O   . ASP A 1 88  ? 8.464   2.595   6.203   1.00 21.34 ? 84  ASP A O   1 
ATOM   482  C CB  . ASP A 1 88  ? 5.487   1.459   7.027   1.00 21.57 ? 84  ASP A CB  1 
ATOM   483  C CG  . ASP A 1 88  ? 5.612   2.644   7.961   1.00 30.04 ? 84  ASP A CG  1 
ATOM   484  O OD1 . ASP A 1 88  ? 5.416   3.804   7.559   1.00 29.93 ? 84  ASP A OD1 1 
ATOM   485  O OD2 . ASP A 1 88  ? 6.038   2.382   9.045   1.00 30.65 ? 84  ASP A OD2 1 
ATOM   486  N N   . MET A 1 89  ? 8.394   0.362   6.349   1.00 22.47 ? 85  MET A N   1 
ATOM   487  C CA  . MET A 1 89  ? 9.840   0.266   6.635   1.00 23.86 ? 85  MET A CA  1 
ATOM   488  C C   . MET A 1 89  ? 10.730  0.768   5.535   1.00 23.15 ? 85  MET A C   1 
ATOM   489  O O   . MET A 1 89  ? 11.743  1.427   5.827   1.00 21.14 ? 85  MET A O   1 
ATOM   490  C CB  . MET A 1 89  ? 10.169  -1.192  7.000   1.00 26.88 ? 85  MET A CB  1 
ATOM   491  C CG  . MET A 1 89  ? 9.508   -1.501  8.335   1.00 35.45 ? 85  MET A CG  1 
ATOM   492  S SD  . MET A 1 89  ? 9.785   -3.249  8.756   1.00 51.49 ? 85  MET A SD  1 
ATOM   493  C CE  . MET A 1 89  ? 11.562  -3.349  8.546   1.00 44.74 ? 85  MET A CE  1 
ATOM   494  N N   . ALA A 1 90  ? 10.345  0.537   4.259   1.00 21.65 ? 86  ALA A N   1 
ATOM   495  C CA  . ALA A 1 90  ? 11.076  1.053   3.130   1.00 21.85 ? 86  ALA A CA  1 
ATOM   496  C C   . ALA A 1 90  ? 11.051  2.607   3.126   1.00 21.74 ? 86  ALA A C   1 
ATOM   497  O O   . ALA A 1 90  ? 12.010  3.266   2.828   1.00 21.17 ? 86  ALA A O   1 
ATOM   498  C CB  . ALA A 1 90  ? 10.539  0.428   1.814   1.00 22.00 ? 86  ALA A CB  1 
ATOM   499  N N   . LEU A 1 91  ? 9.868   3.199   3.423   1.00 19.91 ? 87  LEU A N   1 
ATOM   500  C CA  . LEU A 1 91  ? 9.757   4.619   3.372   1.00 19.67 ? 87  LEU A CA  1 
ATOM   501  C C   . LEU A 1 91  ? 10.594  5.214   4.515   1.00 19.86 ? 87  LEU A C   1 
ATOM   502  O O   . LEU A 1 91  ? 11.230  6.246   4.315   1.00 23.32 ? 87  LEU A O   1 
ATOM   503  C CB  . LEU A 1 91  ? 8.283   5.130   3.550   1.00 19.94 ? 87  LEU A CB  1 
ATOM   504  C CG  . LEU A 1 91  ? 7.407   4.716   2.379   1.00 19.47 ? 87  LEU A CG  1 
ATOM   505  C CD1 . LEU A 1 91  ? 5.910   4.872   2.813   1.00 24.76 ? 87  LEU A CD1 1 
ATOM   506  C CD2 . LEU A 1 91  ? 7.606   5.590   1.134   1.00 20.77 ? 87  LEU A CD2 1 
ATOM   507  N N   . GLN A 1 92  ? 10.612  4.525   5.628   1.00 22.45 ? 88  GLN A N   1 
ATOM   508  C CA  . GLN A 1 92  ? 11.422  5.018   6.795   1.00 24.63 ? 88  GLN A CA  1 
ATOM   509  C C   . GLN A 1 92  ? 12.915  5.022   6.375   1.00 26.01 ? 88  GLN A C   1 
ATOM   510  O O   . GLN A 1 92  ? 13.679  5.932   6.707   1.00 27.62 ? 88  GLN A O   1 
ATOM   511  C CB  . GLN A 1 92  ? 11.114  4.110   8.014   1.00 30.39 ? 88  GLN A CB  1 
ATOM   512  C CG  . GLN A 1 92  ? 11.856  4.518   9.294   1.00 40.95 ? 88  GLN A CG  1 
ATOM   513  C CD  . GLN A 1 92  ? 11.413  5.890   9.764   1.00 50.41 ? 88  GLN A CD  1 
ATOM   514  O OE1 . GLN A 1 92  ? 10.217  6.220   9.711   1.00 51.44 ? 88  GLN A OE1 1 
ATOM   515  N NE2 . GLN A 1 92  ? 12.374  6.721   10.177  1.00 56.99 ? 88  GLN A NE2 1 
ATOM   516  N N   . THR A 1 93  ? 13.343  3.948   5.689   1.00 25.77 ? 89  THR A N   1 
ATOM   517  C CA  . THR A 1 93  ? 14.730  3.866   5.170   1.00 27.38 ? 89  THR A CA  1 
ATOM   518  C C   . THR A 1 93  ? 15.073  5.008   4.274   1.00 29.51 ? 89  THR A C   1 
ATOM   519  O O   . THR A 1 93  ? 16.116  5.673   4.433   1.00 32.27 ? 89  THR A O   1 
ATOM   520  C CB  . THR A 1 93  ? 15.004  2.500   4.460   1.00 26.66 ? 89  THR A CB  1 
ATOM   521  O OG1 . THR A 1 93  ? 14.838  1.514   5.449   1.00 35.31 ? 89  THR A OG1 1 
ATOM   522  C CG2 . THR A 1 93  ? 16.441  2.464   3.817   1.00 29.83 ? 89  THR A CG2 1 
ATOM   523  N N   . LEU A 1 94  ? 14.190  5.337   3.325   1.00 24.25 ? 90  LEU A N   1 
ATOM   524  C CA  . LEU A 1 94  ? 14.467  6.435   2.472   1.00 23.59 ? 90  LEU A CA  1 
ATOM   525  C C   . LEU A 1 94  ? 14.441  7.748   3.210   1.00 27.79 ? 90  LEU A C   1 
ATOM   526  O O   . LEU A 1 94  ? 15.225  8.670   2.835   1.00 30.88 ? 90  LEU A O   1 
ATOM   527  C CB  . LEU A 1 94  ? 13.374  6.505   1.383   1.00 25.94 ? 90  LEU A CB  1 
ATOM   528  C CG  . LEU A 1 94  ? 13.380  5.425   0.345   1.00 30.55 ? 90  LEU A CG  1 
ATOM   529  C CD1 . LEU A 1 94  ? 12.067  5.500   -0.429  1.00 29.06 ? 90  LEU A CD1 1 
ATOM   530  C CD2 . LEU A 1 94  ? 14.529  5.654   -0.595  1.00 27.47 ? 90  LEU A CD2 1 
ATOM   531  N N   . ALA A 1 95  ? 13.558  7.886   4.212   1.00 26.20 ? 91  ALA A N   1 
ATOM   532  C CA  . ALA A 1 95  ? 13.430  9.198   4.921   1.00 26.50 ? 91  ALA A CA  1 
ATOM   533  C C   . ALA A 1 95  ? 14.746  9.373   5.697   1.00 34.77 ? 91  ALA A C   1 
ATOM   534  O O   . ALA A 1 95  ? 15.213  10.474  5.781   1.00 32.47 ? 91  ALA A O   1 
ATOM   535  C CB  . ALA A 1 95  ? 12.236  9.223   5.884   1.00 28.82 ? 91  ALA A CB  1 
ATOM   536  N N   . GLU A 1 96  ? 15.303  8.289   6.228   1.00 33.73 ? 92  GLU A N   1 
ATOM   537  C CA  . GLU A 1 96  ? 16.641  8.373   6.920   1.00 38.16 ? 92  GLU A CA  1 
ATOM   538  C C   . GLU A 1 96  ? 17.839  8.499   6.021   1.00 38.31 ? 92  GLU A C   1 
ATOM   539  O O   . GLU A 1 96  ? 18.921  8.855   6.482   1.00 45.16 ? 92  GLU A O   1 
ATOM   540  C CB  . GLU A 1 96  ? 16.832  7.202   7.837   1.00 35.90 ? 92  GLU A CB  1 
ATOM   541  C CG  . GLU A 1 96  ? 15.802  7.153   8.937   1.00 45.39 ? 92  GLU A CG  1 
ATOM   542  C CD  . GLU A 1 96  ? 15.789  5.808   9.629   1.00 46.27 ? 92  GLU A CD  1 
ATOM   543  O OE1 . GLU A 1 96  ? 16.649  4.961   9.306   1.00 57.20 ? 92  GLU A OE1 1 
ATOM   544  O OE2 . GLU A 1 96  ? 14.920  5.597   10.497  1.00 48.05 ? 92  GLU A OE2 1 
ATOM   545  N N   . ASN A 1 97  ? 17.682  8.198   4.736   1.00 37.35 ? 93  ASN A N   1 
ATOM   546  C CA  . ASN A 1 97  ? 18.811  8.140   3.793   1.00 32.92 ? 93  ASN A CA  1 
ATOM   547  C C   . ASN A 1 97  ? 18.555  8.929   2.520   1.00 34.76 ? 93  ASN A C   1 
ATOM   548  O O   . ASN A 1 97  ? 18.427  8.341   1.453   1.00 35.95 ? 93  ASN A O   1 
ATOM   549  C CB  . ASN A 1 97  ? 19.122  6.685   3.482   1.00 43.64 ? 93  ASN A CB  1 
ATOM   550  C CG  . ASN A 1 97  ? 19.557  5.898   4.717   1.00 50.20 ? 93  ASN A CG  1 
ATOM   551  O OD1 . ASN A 1 97  ? 20.722  5.969   5.121   1.00 55.37 ? 93  ASN A OD1 1 
ATOM   552  N ND2 . ASN A 1 97  ? 18.637  5.142   5.323   1.00 46.05 ? 93  ASN A ND2 1 
ATOM   553  N N   . PRO A 1 98  ? 18.480  10.259  2.630   1.00 42.04 ? 94  PRO A N   1 
ATOM   554  C CA  . PRO A 1 98  ? 18.213  11.092  1.442   1.00 41.41 ? 94  PRO A CA  1 
ATOM   555  C C   . PRO A 1 98  ? 19.168  10.817  0.250   1.00 46.67 ? 94  PRO A C   1 
ATOM   556  O O   . PRO A 1 98  ? 20.390  10.707  0.423   1.00 41.73 ? 94  PRO A O   1 
ATOM   557  C CB  . PRO A 1 98  ? 18.422  12.525  1.956   1.00 45.97 ? 94  PRO A CB  1 
ATOM   558  C CG  . PRO A 1 98  ? 19.086  12.389  3.297   1.00 47.37 ? 94  PRO A CG  1 
ATOM   559  C CD  . PRO A 1 98  ? 18.607  11.078  3.850   1.00 44.57 ? 94  PRO A CD  1 
ATOM   560  N N   . ALA A 1 99  ? 18.595  10.738  -0.941  1.00 47.44 ? 95  ALA A N   1 
ATOM   561  C CA  . ALA A 1 99  ? 19.352  10.537  -2.180  1.00 45.06 ? 95  ALA A CA  1 
ATOM   562  C C   . ALA A 1 99  ? 19.925  11.857  -2.666  1.00 52.37 ? 95  ALA A C   1 
ATOM   563  O O   . ALA A 1 99  ? 19.275  12.910  -2.599  1.00 50.49 ? 95  ALA A O   1 
ATOM   564  C CB  . ALA A 1 99  ? 18.456  9.908   -3.224  1.00 39.10 ? 95  ALA A CB  1 
ATOM   565  N N   . ASP A 1 100 ? 21.159  11.821  -3.150  1.00 41.76 ? 96  ASP A N   1 
ATOM   566  C CA  . ASP A 1 100 ? 21.734  12.998  -3.775  1.00 44.16 ? 96  ASP A CA  1 
ATOM   567  C C   . ASP A 1 100 ? 21.195  13.162  -5.195  1.00 40.91 ? 96  ASP A C   1 
ATOM   568  O O   . ASP A 1 100 ? 21.849  12.798  -6.175  1.00 36.16 ? 96  ASP A O   1 
ATOM   569  C CB  . ASP A 1 100 ? 23.270  12.833  -3.807  1.00 50.67 ? 96  ASP A CB  1 
ATOM   570  C CG  . ASP A 1 100 ? 23.994  14.140  -4.042  1.00 57.17 ? 96  ASP A CG  1 
ATOM   571  O OD1 . ASP A 1 100 ? 23.610  14.897  -4.951  1.00 55.92 ? 96  ASP A OD1 1 
ATOM   572  O OD2 . ASP A 1 100 ? 24.975  14.408  -3.318  1.00 73.15 ? 96  ASP A OD2 1 
ATOM   573  N N   . THR A 1 101 ? 19.976  13.674  -5.335  1.00 35.28 ? 97  THR A N   1 
ATOM   574  C CA  . THR A 1 101 ? 19.367  13.777  -6.636  1.00 33.40 ? 97  THR A CA  1 
ATOM   575  C C   . THR A 1 101 ? 18.481  14.996  -6.514  1.00 34.81 ? 97  THR A C   1 
ATOM   576  O O   . THR A 1 101 ? 18.429  15.603  -5.427  1.00 33.88 ? 97  THR A O   1 
ATOM   577  C CB  . THR A 1 101 ? 18.597  12.455  -6.972  1.00 36.22 ? 97  THR A CB  1 
ATOM   578  O OG1 . THR A 1 101 ? 18.076  12.511  -8.307  1.00 35.96 ? 97  THR A OG1 1 
ATOM   579  C CG2 . THR A 1 101 ? 17.463  12.142  -5.932  1.00 35.26 ? 97  THR A CG2 1 
ATOM   580  N N   . ASP A 1 102 ? 17.797  15.338  -7.588  1.00 36.38 ? 98  ASP A N   1 
ATOM   581  C CA  . ASP A 1 102 ? 16.947  16.522  -7.575  1.00 34.83 ? 98  ASP A CA  1 
ATOM   582  C C   . ASP A 1 102 ? 15.582  16.207  -6.935  1.00 35.17 ? 98  ASP A C   1 
ATOM   583  O O   . ASP A 1 102 ? 15.248  15.056  -6.590  1.00 33.38 ? 98  ASP A O   1 
ATOM   584  C CB  . ASP A 1 102 ? 16.758  17.103  -8.997  1.00 38.33 ? 98  ASP A CB  1 
ATOM   585  C CG  . ASP A 1 102 ? 16.046  16.152  -9.941  1.00 42.32 ? 98  ASP A CG  1 
ATOM   586  O OD1 . ASP A 1 102 ? 15.365  15.204  -9.515  1.00 37.04 ? 98  ASP A OD1 1 
ATOM   587  O OD2 . ASP A 1 102 ? 16.135  16.355  -11.162 1.00 52.05 ? 98  ASP A OD2 1 
ATOM   588  N N   . ARG A 1 103 ? 14.806  17.253  -6.770  1.00 31.49 ? 99  ARG A N   1 
ATOM   589  C CA  . ARG A 1 103 ? 13.588  17.102  -5.967  1.00 28.95 ? 99  ARG A CA  1 
ATOM   590  C C   . ARG A 1 103 ? 12.597  16.177  -6.646  1.00 28.26 ? 99  ARG A C   1 
ATOM   591  O O   . ARG A 1 103 ? 11.891  15.447  -5.905  1.00 30.48 ? 99  ARG A O   1 
ATOM   592  C CB  . ARG A 1 103 ? 12.934  18.485  -5.753  1.00 29.60 ? 99  ARG A CB  1 
ATOM   593  C CG  . ARG A 1 103 ? 13.735  19.325  -4.760  1.00 35.87 ? 99  ARG A CG  1 
ATOM   594  C CD  . ARG A 1 103 ? 13.273  20.811  -4.815  1.00 37.17 ? 99  ARG A CD  1 
ATOM   595  N NE  . ARG A 1 103 ? 13.555  21.411  -3.521  1.00 35.86 ? 99  ARG A NE  1 
ATOM   596  C CZ  . ARG A 1 103 ? 14.691  22.016  -3.196  1.00 40.12 ? 99  ARG A CZ  1 
ATOM   597  N NH1 . ARG A 1 103 ? 15.634  22.154  -4.130  1.00 45.59 ? 99  ARG A NH1 1 
ATOM   598  N NH2 . ARG A 1 103 ? 14.861  22.495  -1.966  1.00 38.76 ? 99  ARG A NH2 1 
ATOM   599  N N   . GLU A 1 104 ? 12.486  16.213  -7.990  1.00 26.47 ? 100 GLU A N   1 
ATOM   600  C CA  . GLU A 1 104 ? 11.547  15.347  -8.661  1.00 29.33 ? 100 GLU A CA  1 
ATOM   601  C C   . GLU A 1 104 ? 11.870  13.874  -8.402  1.00 29.68 ? 100 GLU A C   1 
ATOM   602  O O   . GLU A 1 104 ? 11.028  13.062  -8.071  1.00 26.80 ? 100 GLU A O   1 
ATOM   603  C CB  . GLU A 1 104 ? 11.524  15.665  -10.167 1.00 39.25 ? 100 GLU A CB  1 
ATOM   604  C CG  . GLU A 1 104 ? 10.633  14.740  -10.934 1.00 44.72 ? 100 GLU A CG  1 
ATOM   605  C CD  . GLU A 1 104 ? 10.713  14.927  -12.436 1.00 55.23 ? 100 GLU A CD  1 
ATOM   606  O OE1 . GLU A 1 104 ? 10.786  16.091  -12.906 1.00 59.01 ? 100 GLU A OE1 1 
ATOM   607  O OE2 . GLU A 1 104 ? 10.710  13.891  -13.130 1.00 56.25 ? 100 GLU A OE2 1 
ATOM   608  N N   . ASN A 1 105 ? 13.157  13.540  -8.517  1.00 27.37 ? 101 ASN A N   1 
ATOM   609  C CA  . ASN A 1 105 ? 13.573  12.181  -8.192  1.00 28.37 ? 101 ASN A CA  1 
ATOM   610  C C   . ASN A 1 105 ? 13.420  11.838  -6.748  1.00 24.05 ? 101 ASN A C   1 
ATOM   611  O O   . ASN A 1 105 ? 13.189  10.705  -6.446  1.00 25.91 ? 101 ASN A O   1 
ATOM   612  C CB  . ASN A 1 105 ? 15.020  11.931  -8.679  1.00 31.18 ? 101 ASN A CB  1 
ATOM   613  C CG  . ASN A 1 105 ? 15.069  11.570  -10.151 1.00 36.18 ? 101 ASN A CG  1 
ATOM   614  O OD1 . ASN A 1 105 ? 14.734  10.456  -10.524 1.00 39.63 ? 101 ASN A OD1 1 
ATOM   615  N ND2 . ASN A 1 105 ? 15.476  12.532  -11.002 1.00 42.68 ? 101 ASN A ND2 1 
ATOM   616  N N   . MET A 1 106 ? 13.488  12.772  -5.799  1.00 22.48 ? 102 MET A N   1 
ATOM   617  C CA  . MET A 1 106 ? 13.261  12.388  -4.387  1.00 24.57 ? 102 MET A CA  1 
ATOM   618  C C   . MET A 1 106 ? 11.751  11.982  -4.124  1.00 22.16 ? 102 MET A C   1 
ATOM   619  O O   . MET A 1 106 ? 11.473  10.918  -3.529  1.00 23.39 ? 102 MET A O   1 
ATOM   620  C CB  . MET A 1 106 ? 13.633  13.541  -3.469  1.00 28.88 ? 102 MET A CB  1 
ATOM   621  C CG  . MET A 1 106 ? 15.081  13.974  -3.782  1.00 37.57 ? 102 MET A CG  1 
ATOM   622  S SD  . MET A 1 106 ? 15.527  15.159  -2.477  1.00 43.18 ? 102 MET A SD  1 
ATOM   623  C CE  . MET A 1 106 ? 17.339  15.082  -2.430  1.00 41.61 ? 102 MET A CE  1 
ATOM   624  N N   . TRP A 1 107 ? 10.827  12.755  -4.735  1.00 21.41 ? 103 TRP A N   1 
ATOM   625  C CA  . TRP A 1 107 ? 9.415   12.309  -4.631  1.00 18.95 ? 103 TRP A CA  1 
ATOM   626  C C   . TRP A 1 107 ? 9.162   10.995  -5.359  1.00 18.17 ? 103 TRP A C   1 
ATOM   627  O O   . TRP A 1 107 ? 8.428   10.133  -4.841  1.00 19.57 ? 103 TRP A O   1 
ATOM   628  C CB  . TRP A 1 107 ? 8.487   13.382  -5.222  1.00 19.49 ? 103 TRP A CB  1 
ATOM   629  C CG  . TRP A 1 107 ? 8.486   14.608  -4.372  1.00 20.34 ? 103 TRP A CG  1 
ATOM   630  C CD1 . TRP A 1 107 ? 9.125   15.814  -4.662  1.00 22.29 ? 103 TRP A CD1 1 
ATOM   631  C CD2 . TRP A 1 107 ? 7.867   14.807  -3.047  1.00 19.89 ? 103 TRP A CD2 1 
ATOM   632  N NE1 . TRP A 1 107 ? 8.920   16.721  -3.675  1.00 22.82 ? 103 TRP A NE1 1 
ATOM   633  C CE2 . TRP A 1 107 ? 8.188   16.196  -2.671  1.00 20.69 ? 103 TRP A CE2 1 
ATOM   634  C CE3 . TRP A 1 107 ? 7.134   14.032  -2.205  1.00 19.57 ? 103 TRP A CE3 1 
ATOM   635  C CZ2 . TRP A 1 107 ? 7.716   16.801  -1.478  1.00 20.69 ? 103 TRP A CZ2 1 
ATOM   636  C CZ3 . TRP A 1 107 ? 6.691   14.620  -0.962  1.00 20.73 ? 103 TRP A CZ3 1 
ATOM   637  C CH2 . TRP A 1 107 ? 6.966   15.990  -0.646  1.00 18.94 ? 103 TRP A CH2 1 
ATOM   638  N N   . ARG A 1 108 ? 9.744   10.824  -6.531  1.00 17.65 ? 104 ARG A N   1 
ATOM   639  C CA  . ARG A 1 108 ? 9.635   9.580   -7.248  1.00 18.64 ? 104 ARG A CA  1 
ATOM   640  C C   . ARG A 1 108 ? 10.071  8.395   -6.385  1.00 18.45 ? 104 ARG A C   1 
ATOM   641  O O   . ARG A 1 108 ? 9.453   7.325   -6.453  1.00 18.20 ? 104 ARG A O   1 
ATOM   642  C CB  . ARG A 1 108 ? 10.462  9.630   -8.571  1.00 19.67 ? 104 ARG A CB  1 
ATOM   643  C CG  . ARG A 1 108 ? 10.231  8.412   -9.450  1.00 20.75 ? 104 ARG A CG  1 
ATOM   644  C CD  . ARG A 1 108 ? 11.143  8.503   -10.711 1.00 24.26 ? 104 ARG A CD  1 
ATOM   645  N NE  . ARG A 1 108 ? 10.832  9.737   -11.451 1.00 32.29 ? 104 ARG A NE  1 
ATOM   646  C CZ  . ARG A 1 108 ? 9.920   9.847   -12.419 1.00 35.06 ? 104 ARG A CZ  1 
ATOM   647  N NH1 . ARG A 1 108 ? 9.267   8.769   -12.870 1.00 30.46 ? 104 ARG A NH1 1 
ATOM   648  N NH2 . ARG A 1 108 ? 9.708   11.071  -12.970 1.00 37.64 ? 104 ARG A NH2 1 
ATOM   649  N N   . THR A 1 109 ? 11.211  8.547   -5.650  1.00 18.74 ? 105 THR A N   1 
ATOM   650  C CA  . THR A 1 109 ? 11.633  7.367   -4.845  1.00 19.46 ? 105 THR A CA  1 
ATOM   651  C C   . THR A 1 109 ? 10.621  6.878   -3.802  1.00 20.34 ? 105 THR A C   1 
ATOM   652  O O   . THR A 1 109 ? 10.434  5.667   -3.596  1.00 19.90 ? 105 THR A O   1 
ATOM   653  C CB  . THR A 1 109 ? 12.992  7.631   -4.135  1.00 23.55 ? 105 THR A CB  1 
ATOM   654  O OG1 . THR A 1 109 ? 12.680  8.581   -3.029  1.00 32.18 ? 105 THR A OG1 1 
ATOM   655  C CG2 . THR A 1 109 ? 13.956  8.081   -5.247  1.00 19.70 ? 105 THR A CG2 1 
ATOM   656  N N   . GLY A 1 110 ? 9.859   7.800   -3.158  1.00 20.54 ? 106 GLY A N   1 
ATOM   657  C CA  . GLY A 1 110 ? 8.809   7.446   -2.253  1.00 21.10 ? 106 GLY A CA  1 
ATOM   658  C C   . GLY A 1 110 ? 7.618   6.793   -2.893  1.00 19.36 ? 106 GLY A C   1 
ATOM   659  O O   . GLY A 1 110 ? 7.090   5.805   -2.440  1.00 21.24 ? 106 GLY A O   1 
ATOM   660  N N   . ILE A 1 111 ? 7.156   7.408   -3.993  1.00 17.55 ? 107 ILE A N   1 
ATOM   661  C CA  . ILE A 1 111 ? 6.031   6.834   -4.707  1.00 16.08 ? 107 ILE A CA  1 
ATOM   662  C C   . ILE A 1 111 ? 6.387   5.401   -5.139  1.00 17.33 ? 107 ILE A C   1 
ATOM   663  O O   . ILE A 1 111 ? 5.586   4.465   -5.122  1.00 17.59 ? 107 ILE A O   1 
ATOM   664  C CB  . ILE A 1 111 ? 5.572   7.794   -5.875  1.00 14.87 ? 107 ILE A CB  1 
ATOM   665  C CG1 . ILE A 1 111 ? 5.186   9.110   -5.210  1.00 17.62 ? 107 ILE A CG1 1 
ATOM   666  C CG2 . ILE A 1 111 ? 4.417   7.055   -6.534  1.00 16.94 ? 107 ILE A CG2 1 
ATOM   667  C CD1 . ILE A 1 111 ? 4.851   10.135  -6.307  1.00 19.65 ? 107 ILE A CD1 1 
ATOM   668  N N   . ASN A 1 112 ? 7.619   5.253   -5.621  1.00 17.51 ? 108 ASN A N   1 
ATOM   669  C CA  . ASN A 1 112 ? 8.051   3.939   -6.120  1.00 16.86 ? 108 ASN A CA  1 
ATOM   670  C C   . ASN A 1 112 ? 8.057   2.846   -5.060  1.00 17.66 ? 108 ASN A C   1 
ATOM   671  O O   . ASN A 1 112 ? 7.871   1.734   -5.391  1.00 18.66 ? 108 ASN A O   1 
ATOM   672  C CB  . ASN A 1 112 ? 9.491   4.106   -6.674  1.00 17.93 ? 108 ASN A CB  1 
ATOM   673  C CG  . ASN A 1 112 ? 9.972   2.833   -7.324  1.00 19.05 ? 108 ASN A CG  1 
ATOM   674  O OD1 . ASN A 1 112 ? 9.388   2.385   -8.335  1.00 19.44 ? 108 ASN A OD1 1 
ATOM   675  N ND2 . ASN A 1 112 ? 11.088  2.241   -6.800  1.00 17.88 ? 108 ASN A ND2 1 
ATOM   676  N N   . VAL A 1 113 ? 8.152   3.202   -3.761  1.00 16.82 ? 109 VAL A N   1 
ATOM   677  C CA  . VAL A 1 113 ? 7.957   2.170   -2.738  1.00 18.16 ? 109 VAL A CA  1 
ATOM   678  C C   . VAL A 1 113 ? 6.646   1.430   -2.909  1.00 21.52 ? 109 VAL A C   1 
ATOM   679  O O   . VAL A 1 113 ? 6.563   0.229   -2.782  1.00 21.26 ? 109 VAL A O   1 
ATOM   680  C CB  . VAL A 1 113 ? 8.074   2.749   -1.293  1.00 20.40 ? 109 VAL A CB  1 
ATOM   681  C CG1 . VAL A 1 113 ? 7.698   1.622   -0.311  1.00 22.86 ? 109 VAL A CG1 1 
ATOM   682  C CG2 . VAL A 1 113 ? 9.509   3.226   -1.148  1.00 22.22 ? 109 VAL A CG2 1 
ATOM   683  N N   . PHE A 1 114 ? 5.575   2.157   -3.191  1.00 20.73 ? 110 PHE A N   1 
ATOM   684  C CA  . PHE A 1 114 ? 4.275   1.502   -3.320  1.00 22.95 ? 110 PHE A CA  1 
ATOM   685  C C   . PHE A 1 114 ? 4.121   0.761   -4.551  1.00 24.35 ? 110 PHE A C   1 
ATOM   686  O O   . PHE A 1 114 ? 3.513   -0.317  -4.621  1.00 21.75 ? 110 PHE A O   1 
ATOM   687  C CB  . PHE A 1 114 ? 3.169   2.565   -3.196  1.00 24.74 ? 110 PHE A CB  1 
ATOM   688  C CG  . PHE A 1 114 ? 3.104   3.149   -1.869  1.00 23.34 ? 110 PHE A CG  1 
ATOM   689  C CD1 . PHE A 1 114 ? 2.441   2.450   -0.876  1.00 21.74 ? 110 PHE A CD1 1 
ATOM   690  C CD2 . PHE A 1 114 ? 3.773   4.327   -1.511  1.00 22.48 ? 110 PHE A CD2 1 
ATOM   691  C CE1 . PHE A 1 114 ? 2.412   2.965   0.407   1.00 22.84 ? 110 PHE A CE1 1 
ATOM   692  C CE2 . PHE A 1 114 ? 3.719   4.837   -0.263  1.00 24.47 ? 110 PHE A CE2 1 
ATOM   693  C CZ  . PHE A 1 114 ? 3.047   4.170   0.734   1.00 20.73 ? 110 PHE A CZ  1 
ATOM   694  N N   . PHE A 1 115 ? 4.677   1.404   -5.601  1.00 28.41 ? 111 PHE A N   1 
ATOM   695  C CA  . PHE A 1 115 ? 4.634   0.836   -6.864  1.00 26.24 ? 111 PHE A CA  1 
ATOM   696  C C   . PHE A 1 115 ? 5.290   -0.509  -6.724  1.00 22.26 ? 111 PHE A C   1 
ATOM   697  O O   . PHE A 1 115 ? 4.713   -1.472  -7.205  1.00 25.21 ? 111 PHE A O   1 
ATOM   698  C CB  . PHE A 1 115 ? 5.402   1.731   -7.881  1.00 21.31 ? 111 PHE A CB  1 
ATOM   699  C CG  . PHE A 1 115 ? 5.373   1.212   -9.282  1.00 23.97 ? 111 PHE A CG  1 
ATOM   700  C CD1 . PHE A 1 115 ? 4.267   1.418   -10.102 1.00 26.92 ? 111 PHE A CD1 1 
ATOM   701  C CD2 . PHE A 1 115 ? 6.530   0.703   -9.857  1.00 31.93 ? 111 PHE A CD2 1 
ATOM   702  C CE1 . PHE A 1 115 ? 4.275   1.033   -11.422 1.00 27.74 ? 111 PHE A CE1 1 
ATOM   703  C CE2 . PHE A 1 115 ? 6.530   0.290   -11.188 1.00 31.90 ? 111 PHE A CE2 1 
ATOM   704  C CZ  . PHE A 1 115 ? 5.392   0.460   -11.966 1.00 30.58 ? 111 PHE A CZ  1 
ATOM   705  N N   . GLU A 1 116 ? 6.495   -0.583  -6.139  1.00 26.77 ? 112 GLU A N   1 
ATOM   706  C CA  . GLU A 1 116 ? 7.137   -1.836  -5.987  1.00 22.80 ? 112 GLU A CA  1 
ATOM   707  C C   . GLU A 1 116 ? 6.646   -2.807  -4.957  1.00 29.10 ? 112 GLU A C   1 
ATOM   708  O O   . GLU A 1 116 ? 6.521   -4.009  -5.261  1.00 30.36 ? 112 GLU A O   1 
ATOM   709  C CB  . GLU A 1 116 ? 8.691   -1.668  -5.859  1.00 32.98 ? 112 GLU A CB  1 
ATOM   710  C CG  . GLU A 1 116 ? 9.343   -1.054  -7.088  1.00 31.92 ? 112 GLU A CG  1 
ATOM   711  C CD  . GLU A 1 116 ? 9.461   -2.068  -8.206  1.00 43.57 ? 112 GLU A CD  1 
ATOM   712  O OE1 . GLU A 1 116 ? 9.503   -3.278  -7.890  1.00 45.55 ? 112 GLU A OE1 1 
ATOM   713  O OE2 . GLU A 1 116 ? 9.531   -1.677  -9.385  1.00 44.88 ? 112 GLU A OE2 1 
ATOM   714  N N   . THR A 1 117 ? 6.254   -2.356  -3.749  1.00 25.71 ? 113 THR A N   1 
ATOM   715  C CA  . THR A 1 117 ? 5.836   -3.253  -2.712  1.00 21.07 ? 113 THR A CA  1 
ATOM   716  C C   . THR A 1 117 ? 4.406   -3.833  -2.889  1.00 23.88 ? 113 THR A C   1 
ATOM   717  O O   . THR A 1 117 ? 4.160   -5.048  -3.026  1.00 23.62 ? 113 THR A O   1 
ATOM   718  C CB  . THR A 1 117 ? 5.842   -2.457  -1.359  1.00 27.50 ? 113 THR A CB  1 
ATOM   719  O OG1 . THR A 1 117 ? 7.179   -1.956  -1.145  1.00 29.97 ? 113 THR A OG1 1 
ATOM   720  C CG2 . THR A 1 117 ? 5.529   -3.303  -0.237  1.00 28.80 ? 113 THR A CG2 1 
ATOM   721  N N   . PHE A 1 118 ? 3.430   -2.926  -3.039  1.00 24.18 ? 114 PHE A N   1 
ATOM   722  C CA  . PHE A 1 118 ? 2.095   -3.405  -3.379  1.00 22.09 ? 114 PHE A CA  1 
ATOM   723  C C   . PHE A 1 118 ? 2.065   -3.984  -4.763  1.00 21.47 ? 114 PHE A C   1 
ATOM   724  O O   . PHE A 1 118 ? 1.337   -4.906  -5.010  1.00 22.99 ? 114 PHE A O   1 
ATOM   725  C CB  . PHE A 1 118 ? 1.009   -2.328  -3.165  1.00 20.23 ? 114 PHE A CB  1 
ATOM   726  C CG  . PHE A 1 118 ? 0.811   -2.025  -1.740  1.00 21.28 ? 114 PHE A CG  1 
ATOM   727  C CD1 . PHE A 1 118 ? -0.281  -2.542  -1.040  1.00 22.99 ? 114 PHE A CD1 1 
ATOM   728  C CD2 . PHE A 1 118 ? 1.706   -1.210  -1.106  1.00 21.55 ? 114 PHE A CD2 1 
ATOM   729  C CE1 . PHE A 1 118 ? -0.457  -2.220  0.320   1.00 25.55 ? 114 PHE A CE1 1 
ATOM   730  C CE2 . PHE A 1 118 ? 1.562   -0.921  0.256   1.00 24.31 ? 114 PHE A CE2 1 
ATOM   731  C CZ  . PHE A 1 118 ? 0.492   -1.412  0.940   1.00 22.81 ? 114 PHE A CZ  1 
ATOM   732  N N   . GLY A 1 119 ? 2.850   -3.500  -5.706  1.00 22.72 ? 115 GLY A N   1 
ATOM   733  C CA  . GLY A 1 119 ? 2.747   -4.016  -7.083  1.00 23.26 ? 115 GLY A CA  1 
ATOM   734  C C   . GLY A 1 119 ? 3.376   -5.413  -7.208  1.00 25.13 ? 115 GLY A C   1 
ATOM   735  O O   . GLY A 1 119 ? 3.118   -6.128  -8.183  1.00 26.87 ? 115 GLY A O   1 
ATOM   736  N N   . SER A 1 120 ? 4.062   -5.830  -6.152  1.00 24.45 ? 116 SER A N   1 
ATOM   737  C CA  . SER A 1 120 ? 4.611   -7.188  -6.042  1.00 24.69 ? 116 SER A CA  1 
ATOM   738  C C   . SER A 1 120 ? 3.603   -8.134  -5.343  1.00 29.37 ? 116 SER A C   1 
ATOM   739  O O   . SER A 1 120 ? 3.830   -9.378  -5.222  1.00 27.99 ? 116 SER A O   1 
ATOM   740  C CB  . SER A 1 120 ? 5.940   -7.205  -5.277  1.00 31.47 ? 116 SER A CB  1 
ATOM   741  O OG  . SER A 1 120 ? 6.954   -6.617  -6.044  1.00 35.15 ? 116 SER A OG  1 
ATOM   742  N N   . HIS A 1 121 ? 2.482   -7.587  -4.829  1.00 24.09 ? 117 HIS A N   1 
ATOM   743  C CA  . HIS A 1 121 ? 1.471   -8.383  -4.141  1.00 24.01 ? 117 HIS A CA  1 
ATOM   744  C C   . HIS A 1 121 ? 0.125   -7.896  -4.555  1.00 22.48 ? 117 HIS A C   1 
ATOM   745  O O   . HIS A 1 121 ? -0.686  -7.460  -3.704  1.00 22.93 ? 117 HIS A O   1 
ATOM   746  C CB  . HIS A 1 121 ? 1.603   -8.261  -2.623  1.00 25.70 ? 117 HIS A CB  1 
ATOM   747  C CG  . HIS A 1 121 ? 2.964   -8.743  -2.126  1.00 29.12 ? 117 HIS A CG  1 
ATOM   748  N ND1 . HIS A 1 121 ? 4.002   -7.922  -1.907  1.00 33.39 ? 117 HIS A ND1 1 
ATOM   749  C CD2 . HIS A 1 121 ? 3.404   -10.028 -1.807  1.00 28.59 ? 117 HIS A CD2 1 
ATOM   750  C CE1 . HIS A 1 121 ? 5.094   -8.661  -1.471  1.00 33.59 ? 117 HIS A CE1 1 
ATOM   751  N NE2 . HIS A 1 121 ? 4.725   -9.919  -1.419  1.00 35.56 ? 117 HIS A NE2 1 
ATOM   752  N N   . LYS A 1 122 ? -0.146  -7.963  -5.854  1.00 24.22 ? 118 LYS A N   1 
ATOM   753  C CA  . LYS A 1 122 ? -1.380  -7.436  -6.435  1.00 21.39 ? 118 LYS A CA  1 
ATOM   754  C C   . LYS A 1 122 ? -2.611  -8.138  -5.902  1.00 25.06 ? 118 LYS A C   1 
ATOM   755  O O   . LYS A 1 122 ? -3.651  -7.544  -5.704  1.00 23.45 ? 118 LYS A O   1 
ATOM   756  C CB  . LYS A 1 122 ? -1.319  -7.574  -7.932  1.00 23.86 ? 118 LYS A CB  1 
ATOM   757  C CG  . LYS A 1 122 ? -0.376  -6.487  -8.459  1.00 25.19 ? 118 LYS A CG  1 
ATOM   758  C CD  . LYS A 1 122 ? -0.374  -6.546  -9.972  1.00 24.77 ? 118 LYS A CD  1 
ATOM   759  C CE  . LYS A 1 122 ? 0.621   -5.557  -10.563 1.00 31.67 ? 118 LYS A CE  1 
ATOM   760  N NZ  . LYS A 1 122 ? 0.550   -5.679  -12.053 1.00 37.02 ? 118 LYS A NZ  1 
ATOM   761  N N   . ALA A 1 123 ? -2.498  -9.482  -5.753  1.00 23.54 ? 119 ALA A N   1 
ATOM   762  C CA  . ALA A 1 123 ? -3.728  -10.196 -5.326  1.00 23.49 ? 119 ALA A CA  1 
ATOM   763  C C   . ALA A 1 123 ? -4.146  -9.833  -3.919  1.00 20.69 ? 119 ALA A C   1 
ATOM   764  O O   . ALA A 1 123 ? -5.377  -9.739  -3.622  1.00 24.22 ? 119 ALA A O   1 
ATOM   765  C CB  . ALA A 1 123 ? -3.534  -11.725 -5.485  1.00 27.79 ? 119 ALA A CB  1 
ATOM   766  N N   . VAL A 1 124 ? -3.172  -9.643  -3.077  1.00 21.53 ? 120 VAL A N   1 
ATOM   767  C CA  . VAL A 1 124 ? -3.374  -9.274  -1.675  1.00 23.13 ? 120 VAL A CA  1 
ATOM   768  C C   . VAL A 1 124 ? -3.955  -7.846  -1.640  1.00 22.68 ? 120 VAL A C   1 
ATOM   769  O O   . VAL A 1 124 ? -4.952  -7.585  -0.968  1.00 22.39 ? 120 VAL A O   1 
ATOM   770  C CB  . VAL A 1 124 ? -2.096  -9.407  -0.867  1.00 25.84 ? 120 VAL A CB  1 
ATOM   771  C CG1 . VAL A 1 124 ? -2.166  -8.678  0.467   1.00 26.13 ? 120 VAL A CG1 1 
ATOM   772  C CG2 . VAL A 1 124 ? -1.846  -10.927 -0.580  1.00 26.91 ? 120 VAL A CG2 1 
ATOM   773  N N   . THR A 1 125 ? -3.344  -7.007  -2.461  1.00 21.42 ? 121 THR A N   1 
ATOM   774  C CA  . THR A 1 125 ? -3.871  -5.594  -2.568  1.00 21.21 ? 121 THR A CA  1 
ATOM   775  C C   . THR A 1 125 ? -5.347  -5.577  -3.021  1.00 20.62 ? 121 THR A C   1 
ATOM   776  O O   . THR A 1 125 ? -6.154  -4.853  -2.442  1.00 22.36 ? 121 THR A O   1 
ATOM   777  C CB  . THR A 1 125 ? -3.011  -4.886  -3.615  1.00 21.56 ? 121 THR A CB  1 
ATOM   778  O OG1 . THR A 1 125 ? -1.701  -4.836  -3.135  1.00 20.92 ? 121 THR A OG1 1 
ATOM   779  C CG2 . THR A 1 125 ? -3.490  -3.356  -3.744  1.00 22.56 ? 121 THR A CG2 1 
ATOM   780  N N   . ARG A 1 126 ? -5.713  -6.307  -4.069  1.00 21.72 ? 122 ARG A N   1 
ATOM   781  C CA  . ARG A 1 126 ? -7.109  -6.434  -4.581  1.00 23.59 ? 122 ARG A CA  1 
ATOM   782  C C   . ARG A 1 126 ? -8.000  -6.920  -3.439  1.00 25.21 ? 122 ARG A C   1 
ATOM   783  O O   . ARG A 1 126 ? -9.029  -6.366  -3.170  1.00 22.81 ? 122 ARG A O   1 
ATOM   784  C CB  . ARG A 1 126 ? -7.164  -7.378  -5.789  1.00 24.84 ? 122 ARG A CB  1 
ATOM   785  C CG  . ARG A 1 126 ? -8.606  -7.717  -6.318  1.00 33.64 ? 122 ARG A CG  1 
ATOM   786  C CD  . ARG A 1 126 ? -8.516  -8.265  -7.770  1.00 39.93 ? 122 ARG A CD  1 
ATOM   787  N NE  . ARG A 1 126 ? -7.386  -7.624  -8.473  1.00 52.32 ? 122 ARG A NE  1 
ATOM   788  C CZ  . ARG A 1 126 ? -6.208  -8.208  -8.751  1.00 61.09 ? 122 ARG A CZ  1 
ATOM   789  N NH1 . ARG A 1 126 ? -5.980  -9.493  -8.451  1.00 58.88 ? 122 ARG A NH1 1 
ATOM   790  N NH2 . ARG A 1 126 ? -5.254  -7.505  -9.370  1.00 56.61 ? 122 ARG A NH2 1 
ATOM   791  N N   . ALA A 1 127 ? -7.548  -7.986  -2.758  1.00 23.38 ? 123 ALA A N   1 
ATOM   792  C CA  . ALA A 1 127 ? -8.373  -8.502  -1.643  1.00 23.08 ? 123 ALA A CA  1 
ATOM   793  C C   . ALA A 1 127 ? -8.507  -7.580  -0.453  1.00 22.46 ? 123 ALA A C   1 
ATOM   794  O O   . ALA A 1 127 ? -9.613  -7.455  0.143   1.00 24.79 ? 123 ALA A O   1 
ATOM   795  C CB  . ALA A 1 127 ? -7.828  -9.886  -1.208  1.00 22.48 ? 123 ALA A CB  1 
ATOM   796  N N   . GLY A 1 128 ? -7.466  -6.825  -0.155  1.00 23.71 ? 124 GLY A N   1 
ATOM   797  C CA  . GLY A 1 128 ? -7.548  -5.787  0.914   1.00 23.81 ? 124 GLY A CA  1 
ATOM   798  C C   . GLY A 1 128 ? -8.591  -4.719  0.539   1.00 25.31 ? 124 GLY A C   1 
ATOM   799  O O   . GLY A 1 128 ? -9.422  -4.286  1.378   1.00 25.78 ? 124 GLY A O   1 
ATOM   800  N N   . GLN A 1 129 ? -8.628  -4.305  -0.728  1.00 22.46 ? 125 GLN A N   1 
ATOM   801  C CA  . GLN A 1 129 ? -9.575  -3.258  -1.121  1.00 23.93 ? 125 GLN A CA  1 
ATOM   802  C C   . GLN A 1 129 ? -11.026 -3.808  -1.109  1.00 27.14 ? 125 GLN A C   1 
ATOM   803  O O   . GLN A 1 129 ? -11.963 -3.131  -0.719  1.00 26.87 ? 125 GLN A O   1 
ATOM   804  C CB  . GLN A 1 129 ? -9.191  -2.779  -2.535  1.00 25.23 ? 125 GLN A CB  1 
ATOM   805  C CG  . GLN A 1 129 ? -10.262 -1.834  -3.171  1.00 25.92 ? 125 GLN A CG  1 
ATOM   806  C CD  . GLN A 1 129 ? -10.388 -0.550  -2.422  1.00 29.61 ? 125 GLN A CD  1 
ATOM   807  O OE1 . GLN A 1 129 ? -9.418  -0.060  -1.870  1.00 31.33 ? 125 GLN A OE1 1 
ATOM   808  N NE2 . GLN A 1 129 ? -11.596 0.029   -2.405  1.00 29.30 ? 125 GLN A NE2 1 
ATOM   809  N N   . ALA A 1 130 ? -11.215 -5.039  -1.485  1.00 25.74 ? 126 ALA A N   1 
ATOM   810  C CA  . ALA A 1 130 ? -12.601 -5.566  -1.464  1.00 30.95 ? 126 ALA A CA  1 
ATOM   811  C C   . ALA A 1 130 ? -13.043 -5.712  -0.033  1.00 34.33 ? 126 ALA A C   1 
ATOM   812  O O   . ALA A 1 130 ? -14.232 -5.537  0.293   1.00 37.32 ? 126 ALA A O   1 
ATOM   813  C CB  . ALA A 1 130 ? -12.674 -6.897  -2.191  1.00 28.58 ? 126 ALA A CB  1 
ATOM   814  N N   . ALA A 1 131 ? -12.121 -5.956  0.868   1.00 30.96 ? 127 ALA A N   1 
ATOM   815  C CA  . ALA A 1 131 ? -12.518 -6.186  2.269   1.00 31.84 ? 127 ALA A CA  1 
ATOM   816  C C   . ALA A 1 131 ? -12.822 -4.840  2.940   1.00 36.95 ? 127 ALA A C   1 
ATOM   817  O O   . ALA A 1 131 ? -13.438 -4.766  4.011   1.00 34.57 ? 127 ALA A O   1 
ATOM   818  C CB  . ALA A 1 131 ? -11.400 -6.883  3.034   1.00 28.45 ? 127 ALA A CB  1 
ATOM   819  N N   . ARG A 1 132 ? -12.276 -3.747  2.403   1.00 30.63 ? 128 ARG A N   1 
ATOM   820  C CA  . ARG A 1 132 ? -12.351 -2.506  3.134   1.00 36.06 ? 128 ARG A CA  1 
ATOM   821  C C   . ARG A 1 132 ? -13.766 -2.076  3.368   1.00 35.91 ? 128 ARG A C   1 
ATOM   822  O O   . ARG A 1 132 ? -13.985 -1.368  4.325   1.00 38.05 ? 128 ARG A O   1 
ATOM   823  C CB  . ARG A 1 132 ? -11.883 -1.385  2.237   1.00 38.38 ? 128 ARG A CB  1 
ATOM   824  C CG  . ARG A 1 132 ? -10.525 -0.937  2.434   1.00 42.59 ? 128 ARG A CG  1 
ATOM   825  C CD  . ARG A 1 132 ? -10.406 -0.044  1.176   1.00 37.10 ? 128 ARG A CD  1 
ATOM   826  N NE  . ARG A 1 132 ? -9.996  1.152   1.773   1.00 31.06 ? 128 ARG A NE  1 
ATOM   827  C CZ  . ARG A 1 132 ? -9.302  2.125   1.232   1.00 30.74 ? 128 ARG A CZ  1 
ATOM   828  N NH1 . ARG A 1 132 ? -9.048  2.166   -0.039  1.00 26.96 ? 128 ARG A NH1 1 
ATOM   829  N NH2 . ARG A 1 132 ? -9.003  3.125   2.016   1.00 29.17 ? 128 ARG A NH2 1 
ATOM   830  N N   . ALA A 1 133 ? -14.660 -2.379  2.404   1.00 44.15 ? 129 ALA A N   1 
ATOM   831  C CA  . ALA A 1 133 ? -16.064 -1.944  2.475   1.00 55.09 ? 129 ALA A CA  1 
ATOM   832  C C   . ALA A 1 133 ? -16.712 -2.533  3.733   1.00 60.22 ? 129 ALA A C   1 
ATOM   833  O O   . ALA A 1 133 ? -17.434 -1.844  4.451   1.00 67.46 ? 129 ALA A O   1 
ATOM   834  C CB  . ALA A 1 133 ? -16.844 -2.328  1.229   1.00 53.85 ? 129 ALA A CB  1 
ATOM   835  N N   . THR A 1 134 ? -16.390 -3.784  4.028   1.00 56.17 ? 130 THR A N   1 
ATOM   836  C CA  . THR A 1 134 ? -17.030 -4.496  5.134   1.00 59.28 ? 130 THR A CA  1 
ATOM   837  C C   . THR A 1 134 ? -16.186 -4.616  6.404   1.00 50.75 ? 130 THR A C   1 
ATOM   838  O O   . THR A 1 134 ? -16.717 -4.942  7.456   1.00 54.79 ? 130 THR A O   1 
ATOM   839  C CB  . THR A 1 134 ? -17.438 -5.935  4.724   1.00 49.97 ? 130 THR A CB  1 
ATOM   840  O OG1 . THR A 1 134 ? -16.263 -6.733  4.587   1.00 58.89 ? 130 THR A OG1 1 
ATOM   841  C CG2 . THR A 1 134 ? -18.219 -5.960  3.417   1.00 57.18 ? 130 THR A CG2 1 
ATOM   842  N N   . SER A 1 135 ? -14.874 -4.402  6.334   1.00 43.57 ? 131 SER A N   1 
ATOM   843  C CA  . SER A 1 135 ? -14.052 -4.728  7.495   1.00 36.66 ? 131 SER A CA  1 
ATOM   844  C C   . SER A 1 135 ? -13.489 -3.474  8.165   1.00 42.93 ? 131 SER A C   1 
ATOM   845  O O   . SER A 1 135 ? -12.640 -2.751  7.592   1.00 36.61 ? 131 SER A O   1 
ATOM   846  C CB  . SER A 1 135 ? -12.960 -5.757  7.172   1.00 40.66 ? 131 SER A CB  1 
ATOM   847  O OG  . SER A 1 135 ? -11.970 -5.772  8.199   1.00 37.92 ? 131 SER A OG  1 
ATOM   848  N N   . VAL A 1 136 ? -14.009 -3.175  9.361   1.00 41.09 ? 132 VAL A N   1 
ATOM   849  C CA  . VAL A 1 136 ? -13.425 -2.142  10.218  1.00 36.38 ? 132 VAL A CA  1 
ATOM   850  C C   . VAL A 1 136 ? -11.921 -2.284  10.507  1.00 37.84 ? 132 VAL A C   1 
ATOM   851  O O   . VAL A 1 136 ? -11.198 -1.291  10.484  1.00 39.83 ? 132 VAL A O   1 
ATOM   852  C CB  . VAL A 1 136 ? -14.180 -2.066  11.572  1.00 40.12 ? 132 VAL A CB  1 
ATOM   853  C CG1 . VAL A 1 136 ? -13.351 -1.330  12.606  1.00 42.83 ? 132 VAL A CG1 1 
ATOM   854  C CG2 . VAL A 1 136 ? -15.559 -1.412  11.320  1.00 48.78 ? 132 VAL A CG2 1 
ATOM   855  N N   . GLU A 1 137 ? -11.460 -3.502  10.779  1.00 36.88 ? 133 GLU A N   1 
ATOM   856  C CA  . GLU A 1 137 ? -10.039 -3.762  11.048  1.00 38.46 ? 133 GLU A CA  1 
ATOM   857  C C   . GLU A 1 137 ? -9.162  -3.362  9.826   1.00 31.73 ? 133 GLU A C   1 
ATOM   858  O O   . GLU A 1 137 ? -8.041  -2.845  10.018  1.00 32.20 ? 133 GLU A O   1 
ATOM   859  C CB  . GLU A 1 137 ? -9.771  -5.262  11.292  1.00 43.23 ? 133 GLU A CB  1 
ATOM   860  C CG  . GLU A 1 137 ? -10.225 -5.804  12.639  1.00 55.29 ? 133 GLU A CG  1 
ATOM   861  C CD  . GLU A 1 137 ? -11.666 -6.311  12.619  1.00 63.32 ? 133 GLU A CD  1 
ATOM   862  O OE1 . GLU A 1 137 ? -12.491 -5.944  11.733  1.00 63.48 ? 133 GLU A OE1 1 
ATOM   863  O OE2 . GLU A 1 137 ? -11.978 -7.110  13.523  1.00 78.27 ? 133 GLU A OE2 1 
ATOM   864  N N   . VAL A 1 138 ? -9.656  -3.660  8.625   1.00 33.35 ? 134 VAL A N   1 
ATOM   865  C CA  . VAL A 1 138 ? -8.805  -3.459  7.438   1.00 30.27 ? 134 VAL A CA  1 
ATOM   866  C C   . VAL A 1 138 ? -8.764  -1.952  7.211   1.00 30.11 ? 134 VAL A C   1 
ATOM   867  O O   . VAL A 1 138 ? -7.688  -1.373  6.974   1.00 24.84 ? 134 VAL A O   1 
ATOM   868  C CB  . VAL A 1 138 ? -9.334  -4.189  6.199   1.00 34.19 ? 134 VAL A CB  1 
ATOM   869  C CG1 . VAL A 1 138 ? -8.686  -3.661  4.903   1.00 29.73 ? 134 VAL A CG1 1 
ATOM   870  C CG2 . VAL A 1 138 ? -9.166  -5.717  6.378   1.00 34.97 ? 134 VAL A CG2 1 
ATOM   871  N N   . ALA A 1 139 ? -9.934  -1.331  7.328   1.00 28.50 ? 135 ALA A N   1 
ATOM   872  C CA  . ALA A 1 139 ? -10.086 0.123   7.060   1.00 29.41 ? 135 ALA A CA  1 
ATOM   873  C C   . ALA A 1 139 ? -9.224  0.904   8.093   1.00 27.67 ? 135 ALA A C   1 
ATOM   874  O O   . ALA A 1 139 ? -8.541  1.868   7.724   1.00 30.11 ? 135 ALA A O   1 
ATOM   875  C CB  . ALA A 1 139 ? -11.593 0.515   7.083   1.00 30.82 ? 135 ALA A CB  1 
ATOM   876  N N   . GLU A 1 140 ? -9.242  0.494   9.362   1.00 25.61 ? 136 GLU A N   1 
ATOM   877  C CA  . GLU A 1 140 ? -8.417  1.124   10.383  1.00 26.89 ? 136 GLU A CA  1 
ATOM   878  C C   . GLU A 1 140 ? -6.911  0.958   10.224  1.00 25.86 ? 136 GLU A C   1 
ATOM   879  O O   . GLU A 1 140 ? -6.123  1.861   10.486  1.00 24.97 ? 136 GLU A O   1 
ATOM   880  C CB  . GLU A 1 140 ? -8.877  0.752   11.807  1.00 35.85 ? 136 GLU A CB  1 
ATOM   881  C CG  . GLU A 1 140 ? -10.183 1.456   12.136  1.00 47.83 ? 136 GLU A CG  1 
ATOM   882  C CD  . GLU A 1 140 ? -10.653 1.217   13.565  1.00 60.14 ? 136 GLU A CD  1 
ATOM   883  O OE1 . GLU A 1 140 ? -10.076 0.345   14.262  1.00 60.64 ? 136 GLU A OE1 1 
ATOM   884  O OE2 . GLU A 1 140 ? -11.611 1.919   13.984  1.00 67.16 ? 136 GLU A OE2 1 
ATOM   885  N N   . LEU A 1 141 ? -6.486  -0.230  9.797   1.00 24.56 ? 137 LEU A N   1 
ATOM   886  C CA  . LEU A 1 141 ? -5.079  -0.451  9.568   1.00 25.42 ? 137 LEU A CA  1 
ATOM   887  C C   . LEU A 1 141 ? -4.577  0.520   8.466   1.00 21.99 ? 137 LEU A C   1 
ATOM   888  O O   . LEU A 1 141 ? -3.506  1.168   8.590   1.00 20.30 ? 137 LEU A O   1 
ATOM   889  C CB  . LEU A 1 141 ? -4.882  -1.942  9.143   1.00 25.61 ? 137 LEU A CB  1 
ATOM   890  C CG  . LEU A 1 141 ? -3.443  -2.346  8.841   1.00 26.73 ? 137 LEU A CG  1 
ATOM   891  C CD1 . LEU A 1 141 ? -2.496  -2.154  10.029  1.00 32.60 ? 137 LEU A CD1 1 
ATOM   892  C CD2 . LEU A 1 141 ? -3.355  -3.820  8.390   1.00 29.31 ? 137 LEU A CD2 1 
ATOM   893  N N   . TRP A 1 142 ? -5.323  0.482   7.364   1.00 21.94 ? 138 TRP A N   1 
ATOM   894  C CA  . TRP A 1 142 ? -4.883  1.403   6.232   1.00 21.79 ? 138 TRP A CA  1 
ATOM   895  C C   . TRP A 1 142 ? -4.938  2.835   6.675   1.00 18.42 ? 138 TRP A C   1 
ATOM   896  O O   . TRP A 1 142 ? -3.988  3.638   6.407   1.00 18.96 ? 138 TRP A O   1 
ATOM   897  C CB  . TRP A 1 142 ? -5.827  1.202   5.002   1.00 21.29 ? 138 TRP A CB  1 
ATOM   898  C CG  . TRP A 1 142 ? -5.300  1.998   3.845   1.00 21.26 ? 138 TRP A CG  1 
ATOM   899  C CD1 . TRP A 1 142 ? -5.881  3.102   3.228   1.00 23.06 ? 138 TRP A CD1 1 
ATOM   900  C CD2 . TRP A 1 142 ? -4.052  1.735   3.111   1.00 20.08 ? 138 TRP A CD2 1 
ATOM   901  N NE1 . TRP A 1 142 ? -5.065  3.533   2.175   1.00 22.05 ? 138 TRP A NE1 1 
ATOM   902  C CE2 . TRP A 1 142 ? -3.952  2.758   2.086   1.00 20.53 ? 138 TRP A CE2 1 
ATOM   903  C CE3 . TRP A 1 142 ? -3.031  0.763   3.219   1.00 22.89 ? 138 TRP A CE3 1 
ATOM   904  C CZ2 . TRP A 1 142 ? -2.856  2.833   1.198   1.00 19.21 ? 138 TRP A CZ2 1 
ATOM   905  C CZ3 . TRP A 1 142 ? -1.946  0.847   2.299   1.00 22.10 ? 138 TRP A CZ3 1 
ATOM   906  C CH2 . TRP A 1 142 ? -1.887  1.868   1.315   1.00 22.64 ? 138 TRP A CH2 1 
ATOM   907  N N   . SER A 1 143 ? -6.006  3.247   7.406   1.00 20.16 ? 139 SER A N   1 
ATOM   908  C CA  . SER A 1 143 ? -6.023  4.689   7.873   1.00 18.83 ? 139 SER A CA  1 
ATOM   909  C C   . SER A 1 143 ? -4.857  5.131   8.711   1.00 20.35 ? 139 SER A C   1 
ATOM   910  O O   . SER A 1 143 ? -4.316  6.240   8.544   1.00 20.59 ? 139 SER A O   1 
ATOM   911  C CB  . SER A 1 143 ? -7.413  4.914   8.595   1.00 23.05 ? 139 SER A CB  1 
ATOM   912  O OG  . SER A 1 143 ? -7.378  6.175   9.276   1.00 31.77 ? 139 SER A OG  1 
ATOM   913  N N   . THR A 1 144 ? -4.418  4.254   9.686   1.00 18.73 ? 140 THR A N   1 
ATOM   914  C CA  . THR A 1 144 ? -3.332  4.614   10.516  1.00 21.21 ? 140 THR A CA  1 
ATOM   915  C C   . THR A 1 144 ? -2.121  4.913   9.685   1.00 21.59 ? 140 THR A C   1 
ATOM   916  O O   . THR A 1 144 ? -1.383  5.855   9.939   1.00 20.23 ? 140 THR A O   1 
ATOM   917  C CB  . THR A 1 144 ? -3.053  3.344   11.459  1.00 24.41 ? 140 THR A CB  1 
ATOM   918  O OG1 . THR A 1 144 ? -4.228  3.269   12.270  1.00 33.53 ? 140 THR A OG1 1 
ATOM   919  C CG2 . THR A 1 144 ? -2.003  3.632   12.403  1.00 33.83 ? 140 THR A CG2 1 
ATOM   920  N N   . PHE A 1 145 ? -1.829  4.010   8.711   1.00 19.46 ? 141 PHE A N   1 
ATOM   921  C CA  . PHE A 1 145 ? -0.684  4.255   7.863   1.00 19.81 ? 141 PHE A CA  1 
ATOM   922  C C   . PHE A 1 145 ? -0.805  5.496   6.949   1.00 17.87 ? 141 PHE A C   1 
ATOM   923  O O   . PHE A 1 145 ? 0.122   6.241   6.826   1.00 18.86 ? 141 PHE A O   1 
ATOM   924  C CB  . PHE A 1 145 ? -0.316  3.030   7.083   1.00 20.30 ? 141 PHE A CB  1 
ATOM   925  C CG  . PHE A 1 145 ? 0.412   2.031   7.983   1.00 23.61 ? 141 PHE A CG  1 
ATOM   926  C CD1 . PHE A 1 145 ? 1.773   2.181   8.220   1.00 26.76 ? 141 PHE A CD1 1 
ATOM   927  C CD2 . PHE A 1 145 ? -0.280  1.028   8.604   1.00 27.83 ? 141 PHE A CD2 1 
ATOM   928  C CE1 . PHE A 1 145 ? 2.441   1.261   9.100   1.00 29.35 ? 141 PHE A CE1 1 
ATOM   929  C CE2 . PHE A 1 145 ? 0.352   0.109   9.457   1.00 31.10 ? 141 PHE A CE2 1 
ATOM   930  C CZ  . PHE A 1 145 ? 1.709   0.258   9.701   1.00 29.69 ? 141 PHE A CZ  1 
ATOM   931  N N   . MET A 1 146 ? -1.980  5.713   6.438   1.00 17.87 ? 142 MET A N   1 
ATOM   932  C CA  . MET A 1 146 ? -2.135  6.881   5.553   1.00 18.32 ? 142 MET A CA  1 
ATOM   933  C C   . MET A 1 146 ? -1.977  8.168   6.364   1.00 17.74 ? 142 MET A C   1 
ATOM   934  O O   . MET A 1 146 ? -1.405  9.108   5.847   1.00 18.40 ? 142 MET A O   1 
ATOM   935  C CB  . MET A 1 146 ? -3.503  6.947   4.915   1.00 20.01 ? 142 MET A CB  1 
ATOM   936  C CG  . MET A 1 146 ? -3.876  5.947   3.898   1.00 22.61 ? 142 MET A CG  1 
ATOM   937  S SD  . MET A 1 146 ? -2.953  6.440   2.395   1.00 25.46 ? 142 MET A SD  1 
ATOM   938  C CE  . MET A 1 146 ? -3.933  7.775   1.583   1.00 24.39 ? 142 MET A CE  1 
ATOM   939  N N   . GLN A 1 147 ? -2.481  8.204   7.612   1.00 20.46 ? 143 GLN A N   1 
ATOM   940  C CA  . GLN A 1 147 ? -2.255  9.363   8.434   1.00 19.60 ? 143 GLN A CA  1 
ATOM   941  C C   . GLN A 1 147 ? -0.768  9.657   8.631   1.00 18.77 ? 143 GLN A C   1 
ATOM   942  O O   . GLN A 1 147 ? -0.363  10.798  8.537   1.00 19.06 ? 143 GLN A O   1 
ATOM   943  C CB  . GLN A 1 147 ? -2.982  9.251   9.785   1.00 21.74 ? 143 GLN A CB  1 
ATOM   944  C CG  . GLN A 1 147 ? -4.453  9.117   9.562   1.00 27.73 ? 143 GLN A CG  1 
ATOM   945  C CD  . GLN A 1 147 ? -5.253  9.468   10.786  1.00 45.19 ? 143 GLN A CD  1 
ATOM   946  O OE1 . GLN A 1 147 ? -4.876  9.115   11.903  1.00 47.47 ? 143 GLN A OE1 1 
ATOM   947  N NE2 . GLN A 1 147 ? -6.379  10.185  10.575  1.00 50.55 ? 143 GLN A NE2 1 
ATOM   948  N N   . LYS A 1 148 ? 0.037   8.593   8.858   1.00 17.51 ? 144 LYS A N   1 
ATOM   949  C CA  . LYS A 1 148 ? 1.451   8.814   8.980   1.00 17.95 ? 144 LYS A CA  1 
ATOM   950  C C   . LYS A 1 148 ? 2.120   9.372   7.749   1.00 16.87 ? 144 LYS A C   1 
ATOM   951  O O   . LYS A 1 148 ? 2.927   10.268  7.828   1.00 17.88 ? 144 LYS A O   1 
ATOM   952  C CB  . LYS A 1 148 ? 2.102   7.420   9.386   1.00 20.56 ? 144 LYS A CB  1 
ATOM   953  C CG  . LYS A 1 148 ? 3.567   7.513   9.647   1.00 25.18 ? 144 LYS A CG  1 
ATOM   954  C CD  . LYS A 1 148 ? 4.075   6.134   10.106  1.00 29.95 ? 144 LYS A CD  1 
ATOM   955  C CE  . LYS A 1 148 ? 5.611   6.196   10.200  1.00 34.34 ? 144 LYS A CE  1 
ATOM   956  N NZ  . LYS A 1 148 ? 6.019   4.809   10.591  1.00 35.09 ? 144 LYS A NZ  1 
ATOM   957  N N   . TRP A 1 149 ? 1.795   8.797   6.561   1.00 17.63 ? 145 TRP A N   1 
ATOM   958  C CA  . TRP A 1 149 ? 2.475   9.194   5.343   1.00 18.11 ? 145 TRP A CA  1 
ATOM   959  C C   . TRP A 1 149 ? 2.009   10.513  4.903   1.00 15.85 ? 145 TRP A C   1 
ATOM   960  O O   . TRP A 1 149 ? 2.782   11.290  4.336   1.00 17.15 ? 145 TRP A O   1 
ATOM   961  C CB  . TRP A 1 149 ? 2.091   8.188   4.265   1.00 22.47 ? 145 TRP A CB  1 
ATOM   962  C CG  . TRP A 1 149 ? 2.455   6.782   4.615   1.00 22.36 ? 145 TRP A CG  1 
ATOM   963  C CD1 . TRP A 1 149 ? 3.573   6.415   5.349   1.00 20.29 ? 145 TRP A CD1 1 
ATOM   964  C CD2 . TRP A 1 149 ? 1.821   5.562   4.159   1.00 22.45 ? 145 TRP A CD2 1 
ATOM   965  N NE1 . TRP A 1 149 ? 3.621   5.051   5.512   1.00 21.75 ? 145 TRP A NE1 1 
ATOM   966  C CE2 . TRP A 1 149 ? 2.611   4.450   4.738   1.00 24.28 ? 145 TRP A CE2 1 
ATOM   967  C CE3 . TRP A 1 149 ? 0.647   5.243   3.392   1.00 25.92 ? 145 TRP A CE3 1 
ATOM   968  C CZ2 . TRP A 1 149 ? 2.311   3.103   4.472   1.00 25.10 ? 145 TRP A CZ2 1 
ATOM   969  C CZ3 . TRP A 1 149 ? 0.353   3.911   3.187   1.00 25.53 ? 145 TRP A CZ3 1 
ATOM   970  C CH2 . TRP A 1 149 ? 1.132   2.867   3.742   1.00 26.10 ? 145 TRP A CH2 1 
ATOM   971  N N   . ILE A 1 150 ? 0.730   10.833  5.199   1.00 17.34 ? 146 ILE A N   1 
ATOM   972  C CA  . ILE A 1 150 ? 0.259   12.226  4.830   1.00 15.54 ? 146 ILE A CA  1 
ATOM   973  C C   . ILE A 1 150 ? 0.960   13.261  5.747   1.00 16.91 ? 146 ILE A C   1 
ATOM   974  O O   . ILE A 1 150 ? 1.387   14.271  5.299   1.00 17.72 ? 146 ILE A O   1 
ATOM   975  C CB  . ILE A 1 150 ? -1.272  12.294  5.020   1.00 13.27 ? 146 ILE A CB  1 
ATOM   976  C CG1 . ILE A 1 150 ? -1.918  11.591  3.844   1.00 15.85 ? 146 ILE A CG1 1 
ATOM   977  C CG2 . ILE A 1 150 ? -1.775  13.767  5.075   1.00 18.03 ? 146 ILE A CG2 1 
ATOM   978  C CD1 . ILE A 1 150 ? -3.427  11.274  4.136   1.00 16.00 ? 146 ILE A CD1 1 
ATOM   979  N N   . ALA A 1 151 ? 1.125   12.896  7.040   1.00 16.21 ? 147 ALA A N   1 
ATOM   980  C CA  . ALA A 1 151 ? 1.868   13.823  7.922   1.00 18.78 ? 147 ALA A CA  1 
ATOM   981  C C   . ALA A 1 151 ? 3.303   14.083  7.504   1.00 18.34 ? 147 ALA A C   1 
ATOM   982  O O   . ALA A 1 151 ? 3.763   15.194  7.543   1.00 17.65 ? 147 ALA A O   1 
ATOM   983  C CB  . ALA A 1 151 ? 1.721   13.297  9.403   1.00 19.73 ? 147 ALA A CB  1 
ATOM   984  N N   . TYR A 1 152 ? 4.013   13.047  7.054   1.00 17.24 ? 148 TYR A N   1 
ATOM   985  C CA  . TYR A 1 152 ? 5.365   13.148  6.563   1.00 19.59 ? 148 TYR A CA  1 
ATOM   986  C C   . TYR A 1 152 ? 5.369   13.968  5.319   1.00 18.63 ? 148 TYR A C   1 
ATOM   987  O O   . TYR A 1 152 ? 6.125   14.903  5.192   1.00 17.51 ? 148 TYR A O   1 
ATOM   988  C CB  . TYR A 1 152 ? 5.864   11.733  6.285   1.00 19.74 ? 148 TYR A CB  1 
ATOM   989  C CG  . TYR A 1 152 ? 7.264   11.852  5.740   1.00 20.61 ? 148 TYR A CG  1 
ATOM   990  C CD1 . TYR A 1 152 ? 8.301   12.120  6.606   1.00 26.04 ? 148 TYR A CD1 1 
ATOM   991  C CD2 . TYR A 1 152 ? 7.520   11.696  4.366   1.00 21.97 ? 148 TYR A CD2 1 
ATOM   992  C CE1 . TYR A 1 152 ? 9.572   12.274  6.089   1.00 27.72 ? 148 TYR A CE1 1 
ATOM   993  C CE2 . TYR A 1 152 ? 8.804   11.880  3.831   1.00 25.80 ? 148 TYR A CE2 1 
ATOM   994  C CZ  . TYR A 1 152 ? 9.798   12.125  4.744   1.00 28.79 ? 148 TYR A CZ  1 
ATOM   995  O OH  . TYR A 1 152 ? 11.097  12.301  4.295   1.00 32.69 ? 148 TYR A OH  1 
ATOM   996  N N   . THR A 1 153 ? 4.404   13.699  4.401   1.00 17.27 ? 149 THR A N   1 
ATOM   997  C CA  . THR A 1 153 ? 4.354   14.521  3.216   1.00 17.03 ? 149 THR A CA  1 
ATOM   998  C C   . THR A 1 153 ? 4.181   16.023  3.521   1.00 17.68 ? 149 THR A C   1 
ATOM   999  O O   . THR A 1 153 ? 4.858   16.861  2.908   1.00 17.09 ? 149 THR A O   1 
ATOM   1000 C CB  . THR A 1 153 ? 3.167   14.042  2.271   1.00 17.34 ? 149 THR A CB  1 
ATOM   1001 O OG1 . THR A 1 153 ? 3.364   12.647  1.880   1.00 16.73 ? 149 THR A OG1 1 
ATOM   1002 C CG2 . THR A 1 153 ? 3.103   14.887  1.019   1.00 17.66 ? 149 THR A CG2 1 
ATOM   1003 N N   . ALA A 1 154 ? 3.232   16.317  4.419   1.00 16.25 ? 150 ALA A N   1 
ATOM   1004 C CA  . ALA A 1 154 ? 2.895   17.705  4.734   1.00 17.61 ? 150 ALA A CA  1 
ATOM   1005 C C   . ALA A 1 154 ? 4.142   18.341  5.401   1.00 19.80 ? 150 ALA A C   1 
ATOM   1006 O O   . ALA A 1 154 ? 4.477   19.482  5.071   1.00 18.53 ? 150 ALA A O   1 
ATOM   1007 C CB  . ALA A 1 154 ? 1.699   17.719  5.655   1.00 19.83 ? 150 ALA A CB  1 
ATOM   1008 N N   . ALA A 1 155 ? 4.848   17.545  6.203   1.00 18.87 ? 151 ALA A N   1 
ATOM   1009 C CA  . ALA A 1 155 ? 6.113   18.049  6.887   1.00 20.21 ? 151 ALA A CA  1 
ATOM   1010 C C   . ALA A 1 155 ? 7.172   18.397  5.875   1.00 22.60 ? 151 ALA A C   1 
ATOM   1011 O O   . ALA A 1 155 ? 7.833   19.435  6.021   1.00 22.05 ? 151 ALA A O   1 
ATOM   1012 C CB  . ALA A 1 155 ? 6.660   17.014  7.906   1.00 22.04 ? 151 ALA A CB  1 
ATOM   1013 N N   . VAL A 1 156 ? 7.341   17.578  4.830   1.00 21.38 ? 152 VAL A N   1 
ATOM   1014 C CA  . VAL A 1 156 ? 8.287   17.904  3.754   1.00 19.72 ? 152 VAL A CA  1 
ATOM   1015 C C   . VAL A 1 156 ? 7.928   19.131  3.008   1.00 19.66 ? 152 VAL A C   1 
ATOM   1016 O O   . VAL A 1 156 ? 8.775   19.973  2.702   1.00 21.67 ? 152 VAL A O   1 
ATOM   1017 C CB  . VAL A 1 156 ? 8.467   16.685  2.770   1.00 20.79 ? 152 VAL A CB  1 
ATOM   1018 C CG1 . VAL A 1 156 ? 9.399   17.063  1.568   1.00 20.00 ? 152 VAL A CG1 1 
ATOM   1019 C CG2 . VAL A 1 156 ? 9.087   15.592  3.598   1.00 24.02 ? 152 VAL A CG2 1 
ATOM   1020 N N   . ILE A 1 157 ? 6.614   19.253  2.648   1.00 20.65 ? 153 ILE A N   1 
ATOM   1021 C CA  . ILE A 1 157 ? 6.163   20.405  1.917   1.00 18.08 ? 153 ILE A CA  1 
ATOM   1022 C C   . ILE A 1 157 ? 6.432   21.678  2.790   1.00 20.24 ? 153 ILE A C   1 
ATOM   1023 O O   . ILE A 1 157 ? 6.844   22.685  2.265   1.00 24.98 ? 153 ILE A O   1 
ATOM   1024 C CB  . ILE A 1 157 ? 4.641   20.260  1.622   1.00 17.06 ? 153 ILE A CB  1 
ATOM   1025 C CG1 . ILE A 1 157 ? 4.480   19.242  0.471   1.00 15.60 ? 153 ILE A CG1 1 
ATOM   1026 C CG2 . ILE A 1 157 ? 4.080   21.556  1.047   1.00 17.97 ? 153 ILE A CG2 1 
ATOM   1027 C CD1 . ILE A 1 157 ? 3.025   18.741  0.273   1.00 19.28 ? 153 ILE A CD1 1 
ATOM   1028 N N   . ASP A 1 158 ? 6.142   21.583  4.094   1.00 21.82 ? 154 ASP A N   1 
ATOM   1029 C CA  . ASP A 1 158 ? 6.364   22.737  5.054   1.00 25.01 ? 154 ASP A CA  1 
ATOM   1030 C C   . ASP A 1 158 ? 7.865   23.103  5.051   1.00 27.99 ? 154 ASP A C   1 
ATOM   1031 O O   . ASP A 1 158 ? 8.212   24.326  4.931   1.00 29.27 ? 154 ASP A O   1 
ATOM   1032 C CB  . ASP A 1 158 ? 5.922   22.367  6.458   1.00 26.54 ? 154 ASP A CB  1 
ATOM   1033 C CG  . ASP A 1 158 ? 4.444   22.515  6.660   1.00 35.96 ? 154 ASP A CG  1 
ATOM   1034 O OD1 . ASP A 1 158 ? 3.791   23.300  5.902   1.00 43.61 ? 154 ASP A OD1 1 
ATOM   1035 O OD2 . ASP A 1 158 ? 3.943   21.825  7.579   1.00 44.35 ? 154 ASP A OD2 1 
ATOM   1036 N N   . ALA A 1 159 ? 8.690   22.055  5.065   1.00 29.56 ? 155 ALA A N   1 
ATOM   1037 C CA  . ALA A 1 159 ? 10.176  22.257  5.058   1.00 30.85 ? 155 ALA A CA  1 
ATOM   1038 C C   . ALA A 1 159 ? 10.566  22.949  3.782   1.00 28.41 ? 155 ALA A C   1 
ATOM   1039 O O   . ALA A 1 159 ? 11.364  23.934  3.791   1.00 30.51 ? 155 ALA A O   1 
ATOM   1040 C CB  . ALA A 1 159 ? 10.927  20.940  5.203   1.00 29.65 ? 155 ALA A CB  1 
ATOM   1041 N N   . GLU A 1 160 ? 10.013  22.515  2.645   1.00 27.50 ? 156 GLU A N   1 
ATOM   1042 C CA  . GLU A 1 160 ? 10.358  23.096  1.378   1.00 25.66 ? 156 GLU A CA  1 
ATOM   1043 C C   . GLU A 1 160 ? 9.879   24.571  1.270   1.00 28.58 ? 156 GLU A C   1 
ATOM   1044 O O   . GLU A 1 160 ? 10.519  25.395  0.623   1.00 30.79 ? 156 GLU A O   1 
ATOM   1045 C CB  . GLU A 1 160 ? 9.723   22.300  0.180   1.00 27.44 ? 156 GLU A CB  1 
ATOM   1046 C CG  . GLU A 1 160 ? 10.250  20.868  -0.003  1.00 29.43 ? 156 GLU A CG  1 
ATOM   1047 C CD  . GLU A 1 160 ? 11.645  20.851  -0.617  1.00 40.21 ? 156 GLU A CD  1 
ATOM   1048 O OE1 . GLU A 1 160 ? 11.756  20.608  -1.834  1.00 34.10 ? 156 GLU A OE1 1 
ATOM   1049 O OE2 . GLU A 1 160 ? 12.643  21.099  0.117   1.00 43.18 ? 156 GLU A OE2 1 
ATOM   1050 N N   . ARG A 1 161 ? 8.717   24.892  1.854   1.00 25.63 ? 157 ARG A N   1 
ATOM   1051 C CA  . ARG A 1 161 ? 8.276   26.254  1.858   1.00 23.17 ? 157 ARG A CA  1 
ATOM   1052 C C   . ARG A 1 161 ? 9.203   27.100  2.751   1.00 26.73 ? 157 ARG A C   1 
ATOM   1053 O O   . ARG A 1 161 ? 9.537   28.202  2.362   1.00 30.26 ? 157 ARG A O   1 
ATOM   1054 C CB  . ARG A 1 161 ? 6.847   26.330  2.370   1.00 24.45 ? 157 ARG A CB  1 
ATOM   1055 C CG  . ARG A 1 161 ? 5.904   25.796  1.256   1.00 21.95 ? 157 ARG A CG  1 
ATOM   1056 C CD  . ARG A 1 161 ? 4.539   25.632  1.953   1.00 20.64 ? 157 ARG A CD  1 
ATOM   1057 N NE  . ARG A 1 161 ? 3.609   25.108  0.900   1.00 20.15 ? 157 ARG A NE  1 
ATOM   1058 C CZ  . ARG A 1 161 ? 2.298   25.029  1.062   1.00 21.49 ? 157 ARG A CZ  1 
ATOM   1059 N NH1 . ARG A 1 161 ? 1.690   25.340  2.227   1.00 24.59 ? 157 ARG A NH1 1 
ATOM   1060 N NH2 . ARG A 1 161 ? 1.598   24.589  0.009   1.00 21.59 ? 157 ARG A NH2 1 
ATOM   1061 N N   . ASP A 1 162 ? 9.622   26.566  3.857   1.00 30.10 ? 158 ASP A N   1 
ATOM   1062 C CA  . ASP A 1 162 ? 10.483  27.382  4.806   1.00 31.51 ? 158 ASP A CA  1 
ATOM   1063 C C   . ASP A 1 162 ? 11.834  27.679  4.209   1.00 38.82 ? 158 ASP A C   1 
ATOM   1064 O O   . ASP A 1 162 ? 12.437  28.711  4.517   1.00 40.10 ? 158 ASP A O   1 
ATOM   1065 C CB  . ASP A 1 162 ? 10.620  26.645  6.095   1.00 34.23 ? 158 ASP A CB  1 
ATOM   1066 C CG  . ASP A 1 162 ? 9.349   26.696  6.920   1.00 43.48 ? 158 ASP A CG  1 
ATOM   1067 O OD1 . ASP A 1 162 ? 8.494   27.587  6.672   1.00 48.06 ? 158 ASP A OD1 1 
ATOM   1068 O OD2 . ASP A 1 162 ? 9.196   25.816  7.807   1.00 51.18 ? 158 ASP A OD2 1 
ATOM   1069 N N   . ARG A 1 163 ? 12.308  26.774  3.364   1.00 32.19 ? 159 ARG A N   1 
ATOM   1070 C CA  . ARG A 1 163 ? 13.571  26.938  2.605   1.00 38.76 ? 159 ARG A CA  1 
ATOM   1071 C C   . ARG A 1 163 ? 13.460  27.798  1.344   1.00 37.44 ? 159 ARG A C   1 
ATOM   1072 O O   . ARG A 1 163 ? 14.445  28.056  0.671   1.00 43.39 ? 159 ARG A O   1 
ATOM   1073 C CB  . ARG A 1 163 ? 14.215  25.548  2.403   1.00 40.63 ? 159 ARG A CB  1 
ATOM   1074 C CG  . ARG A 1 163 ? 14.497  25.072  0.997   1.00 45.09 ? 159 ARG A CG  1 
ATOM   1075 C CD  . ARG A 1 163 ? 14.738  23.564  1.021   1.00 45.75 ? 159 ARG A CD  1 
ATOM   1076 N NE  . ARG A 1 163 ? 15.189  23.085  2.323   1.00 48.54 ? 159 ARG A NE  1 
ATOM   1077 C CZ  . ARG A 1 163 ? 14.664  22.068  3.014   1.00 52.86 ? 159 ARG A CZ  1 
ATOM   1078 N NH1 . ARG A 1 163 ? 13.613  21.358  2.549   1.00 48.91 ? 159 ARG A NH1 1 
ATOM   1079 N NH2 . ARG A 1 163 ? 15.200  21.736  4.180   1.00 57.41 ? 159 ARG A NH2 1 
ATOM   1080 N N   . GLY A 1 164 ? 12.255  28.248  1.028   1.00 34.95 ? 160 GLY A N   1 
ATOM   1081 C CA  . GLY A 1 164 ? 11.981  29.030  -0.161  1.00 32.78 ? 160 GLY A CA  1 
ATOM   1082 C C   . GLY A 1 164 ? 11.946  28.262  -1.458  1.00 34.52 ? 160 GLY A C   1 
ATOM   1083 O O   . GLY A 1 164 ? 11.928  28.850  -2.535  1.00 36.53 ? 160 GLY A O   1 
ATOM   1084 N N   . ALA A 1 165 ? 11.867  26.931  -1.374  1.00 31.94 ? 161 ALA A N   1 
ATOM   1085 C CA  . ALA A 1 165 ? 11.850  26.107  -2.585  1.00 32.01 ? 161 ALA A CA  1 
ATOM   1086 C C   . ALA A 1 165 ? 10.444  25.915  -3.148  1.00 30.49 ? 161 ALA A C   1 
ATOM   1087 O O   . ALA A 1 165 ? 10.271  25.736  -4.345  1.00 30.22 ? 161 ALA A O   1 
ATOM   1088 C CB  . ALA A 1 165 ? 12.527  24.747  -2.309  1.00 33.65 ? 161 ALA A CB  1 
ATOM   1089 N N   . ALA A 1 166 ? 9.455   26.061  -2.286  1.00 28.24 ? 162 ALA A N   1 
ATOM   1090 C CA  . ALA A 1 166 ? 8.053   25.930  -2.727  1.00 24.68 ? 162 ALA A CA  1 
ATOM   1091 C C   . ALA A 1 166 ? 7.226   27.165  -2.295  1.00 25.42 ? 162 ALA A C   1 
ATOM   1092 O O   . ALA A 1 166 ? 7.490   27.734  -1.243  1.00 27.85 ? 162 ALA A O   1 
ATOM   1093 C CB  . ALA A 1 166 ? 7.461   24.686  -2.101  1.00 22.30 ? 162 ALA A CB  1 
ATOM   1094 N N   . PRO A 1 167 ? 6.183   27.498  -3.033  1.00 24.54 ? 163 PRO A N   1 
ATOM   1095 C CA  . PRO A 1 167 ? 5.392   28.687  -2.669  1.00 25.49 ? 163 PRO A CA  1 
ATOM   1096 C C   . PRO A 1 167 ? 4.351   28.307  -1.633  1.00 31.32 ? 163 PRO A C   1 
ATOM   1097 O O   . PRO A 1 167 ? 3.919   27.139  -1.563  1.00 25.11 ? 163 PRO A O   1 
ATOM   1098 C CB  . PRO A 1 167 ? 4.791   29.130  -3.981  1.00 26.27 ? 163 PRO A CB  1 
ATOM   1099 C CG  . PRO A 1 167 ? 4.561   27.779  -4.711  1.00 27.99 ? 163 PRO A CG  1 
ATOM   1100 C CD  . PRO A 1 167 ? 5.824   27.002  -4.382  1.00 26.61 ? 163 PRO A CD  1 
ATOM   1101 N N   . ARG A 1 168 ? 3.957   29.256  -0.785  1.00 26.23 ? 164 ARG A N   1 
ATOM   1102 C CA  . ARG A 1 168 ? 2.864   28.942  0.171   1.00 27.93 ? 164 ARG A CA  1 
ATOM   1103 C C   . ARG A 1 168 ? 1.525   29.124  -0.510  1.00 30.15 ? 164 ARG A C   1 
ATOM   1104 O O   . ARG A 1 168 ? 0.938   30.245  -0.567  1.00 29.25 ? 164 ARG A O   1 
ATOM   1105 C CB  . ARG A 1 168 ? 2.942   29.805  1.465   1.00 32.11 ? 164 ARG A CB  1 
ATOM   1106 C CG  . ARG A 1 168 ? 4.309   29.685  2.089   1.00 39.37 ? 164 ARG A CG  1 
ATOM   1107 C CD  . ARG A 1 168 ? 4.551   30.743  3.156   1.00 49.67 ? 164 ARG A CD  1 
ATOM   1108 N NE  . ARG A 1 168 ? 5.834   30.490  3.820   1.00 51.99 ? 164 ARG A NE  1 
ATOM   1109 C CZ  . ARG A 1 168 ? 6.050   29.483  4.668   1.00 53.10 ? 164 ARG A CZ  1 
ATOM   1110 N NH1 . ARG A 1 168 ? 5.087   28.596  4.964   1.00 49.46 ? 164 ARG A NH1 1 
ATOM   1111 N NH2 . ARG A 1 168 ? 7.248   29.340  5.200   1.00 44.62 ? 164 ARG A NH2 1 
ATOM   1112 N N   . THR A 1 169 ? 0.980   28.034  -1.047  1.00 26.27 ? 165 THR A N   1 
ATOM   1113 C CA  . THR A 1 169 ? -0.289  28.047  -1.703  1.00 22.40 ? 165 THR A CA  1 
ATOM   1114 C C   . THR A 1 169 ? -1.359  27.397  -0.818  1.00 28.03 ? 165 THR A C   1 
ATOM   1115 O O   . THR A 1 169 ? -1.846  28.020  0.137   1.00 28.09 ? 165 THR A O   1 
ATOM   1116 C CB  . THR A 1 169 ? -0.212  27.286  -3.063  1.00 23.52 ? 165 THR A CB  1 
ATOM   1117 O OG1 . THR A 1 169 ? 0.404   25.998  -2.798  1.00 22.16 ? 165 THR A OG1 1 
ATOM   1118 C CG2 . THR A 1 169 ? 0.696   27.975  -4.050  1.00 23.76 ? 165 THR A CG2 1 
ATOM   1119 N N   . LEU A 1 170 ? -1.763  26.153  -1.100  1.00 23.81 ? 166 LEU A N   1 
ATOM   1120 C CA  . LEU A 1 170 ? -2.738  25.491  -0.224  1.00 22.41 ? 166 LEU A CA  1 
ATOM   1121 C C   . LEU A 1 170 ? -2.121  25.116  1.122   1.00 21.17 ? 166 LEU A C   1 
ATOM   1122 O O   . LEU A 1 170 ? -0.899  24.869  1.229   1.00 23.05 ? 166 LEU A O   1 
ATOM   1123 C CB  . LEU A 1 170 ? -3.134  24.146  -0.846  1.00 21.61 ? 166 LEU A CB  1 
ATOM   1124 C CG  . LEU A 1 170 ? -3.830  24.110  -2.131  1.00 24.25 ? 166 LEU A CG  1 
ATOM   1125 C CD1 . LEU A 1 170 ? -3.995  22.626  -2.483  1.00 22.50 ? 166 LEU A CD1 1 
ATOM   1126 C CD2 . LEU A 1 170 ? -5.209  24.747  -1.968  1.00 22.56 ? 166 LEU A CD2 1 
ATOM   1127 N N   . PRO A 1 171 ? -2.967  24.948  2.169   1.00 20.24 ? 167 PRO A N   1 
ATOM   1128 C CA  . PRO A 1 171 ? -2.527  24.319  3.424   1.00 21.37 ? 167 PRO A CA  1 
ATOM   1129 C C   . PRO A 1 171 ? -1.797  23.017  3.075   1.00 23.16 ? 167 PRO A C   1 
ATOM   1130 O O   . PRO A 1 171 ? -2.352  22.179  2.370   1.00 19.95 ? 167 PRO A O   1 
ATOM   1131 C CB  . PRO A 1 171 ? -3.860  24.011  4.137   1.00 22.97 ? 167 PRO A CB  1 
ATOM   1132 C CG  . PRO A 1 171 ? -4.789  25.133  3.642   1.00 21.30 ? 167 PRO A CG  1 
ATOM   1133 C CD  . PRO A 1 171 ? -4.428  25.278  2.201   1.00 21.69 ? 167 PRO A CD  1 
ATOM   1134 N N   . ALA A 1 172 ? -0.586  22.836  3.616   1.00 19.05 ? 168 ALA A N   1 
ATOM   1135 C CA  . ALA A 1 172 ? 0.199   21.675  3.231   1.00 21.22 ? 168 ALA A CA  1 
ATOM   1136 C C   . ALA A 1 172 ? -0.488  20.353  3.558   1.00 20.38 ? 168 ALA A C   1 
ATOM   1137 O O   . ALA A 1 172 ? -0.339  19.373  2.767   1.00 18.10 ? 168 ALA A O   1 
ATOM   1138 C CB  . ALA A 1 172 ? 1.574   21.715  3.895   1.00 24.50 ? 168 ALA A CB  1 
ATOM   1139 N N   . HIS A 1 173 ? -1.209  20.231  4.684   1.00 20.32 ? 169 HIS A N   1 
ATOM   1140 C CA  . HIS A 1 173 ? -1.767  18.979  5.061   1.00 18.67 ? 169 HIS A CA  1 
ATOM   1141 C C   . HIS A 1 173 ? -2.949  18.612  4.177   1.00 19.63 ? 169 HIS A C   1 
ATOM   1142 O O   . HIS A 1 173 ? -3.141  17.435  3.863   1.00 19.94 ? 169 HIS A O   1 
ATOM   1143 C CB  . HIS A 1 173 ? -2.287  19.058  6.548   1.00 22.62 ? 169 HIS A CB  1 
ATOM   1144 C CG  . HIS A 1 173 ? -2.521  17.695  7.154   1.00 20.53 ? 169 HIS A CG  1 
ATOM   1145 N ND1 . HIS A 1 173 ? -3.704  17.132  7.121   1.00 22.07 ? 169 HIS A ND1 1 
ATOM   1146 C CD2 . HIS A 1 173 ? -1.647  16.757  7.738   1.00 21.34 ? 169 HIS A CD2 1 
ATOM   1147 C CE1 . HIS A 1 173 ? -3.651  15.905  7.690   1.00 20.01 ? 169 HIS A CE1 1 
ATOM   1148 N NE2 . HIS A 1 173 ? -2.375  15.696  8.066   1.00 22.42 ? 169 HIS A NE2 1 
ATOM   1149 N N   . GLU A 1 174 ? -3.697  19.602  3.657   1.00 15.79 ? 170 GLU A N   1 
ATOM   1150 C CA  . GLU A 1 174 ? -4.806  19.328  2.719   1.00 15.78 ? 170 GLU A CA  1 
ATOM   1151 C C   . GLU A 1 174 ? -4.224  18.888  1.357   1.00 16.94 ? 170 GLU A C   1 
ATOM   1152 O O   . GLU A 1 174 ? -4.749  17.947  0.756   1.00 15.86 ? 170 GLU A O   1 
ATOM   1153 C CB  . GLU A 1 174 ? -5.693  20.634  2.489   1.00 18.98 ? 170 GLU A CB  1 
ATOM   1154 C CG  . GLU A 1 174 ? -6.358  20.884  3.849   1.00 23.48 ? 170 GLU A CG  1 
ATOM   1155 C CD  . GLU A 1 174 ? -7.174  22.198  3.979   1.00 31.20 ? 170 GLU A CD  1 
ATOM   1156 O OE1 . GLU A 1 174 ? -7.252  22.930  2.960   1.00 26.63 ? 170 GLU A OE1 1 
ATOM   1157 O OE2 . GLU A 1 174 ? -7.646  22.489  5.164   1.00 33.47 ? 170 GLU A OE2 1 
ATOM   1158 N N   . LEU A 1 175 ? -3.163  19.568  0.894   1.00 17.18 ? 171 LEU A N   1 
ATOM   1159 C CA  . LEU A 1 175 ? -2.510  19.206  -0.382  1.00 15.87 ? 171 LEU A CA  1 
ATOM   1160 C C   . LEU A 1 175 ? -1.956  17.802  -0.237  1.00 16.01 ? 171 LEU A C   1 
ATOM   1161 O O   . LEU A 1 175 ? -2.184  16.937  -1.165  1.00 15.32 ? 171 LEU A O   1 
ATOM   1162 C CB  . LEU A 1 175 ? -1.351  20.199  -0.693  1.00 16.15 ? 171 LEU A CB  1 
ATOM   1163 C CG  . LEU A 1 175 ? -0.438  19.892  -1.853  1.00 16.81 ? 171 LEU A CG  1 
ATOM   1164 C CD1 . LEU A 1 175 ? -1.287  19.647  -3.128  1.00 20.38 ? 171 LEU A CD1 1 
ATOM   1165 C CD2 . LEU A 1 175 ? 0.474   21.153  -2.104  1.00 17.69 ? 171 LEU A CD2 1 
ATOM   1166 N N   . ALA A 1 176 ? -1.278  17.531  0.895   1.00 14.61 ? 172 ALA A N   1 
ATOM   1167 C CA  . ALA A 1 176 ? -0.689  16.169  1.057   1.00 15.57 ? 172 ALA A CA  1 
ATOM   1168 C C   . ALA A 1 176 ? -1.801  15.127  1.051   1.00 16.06 ? 172 ALA A C   1 
ATOM   1169 O O   . ALA A 1 176 ? -1.615  13.992  0.577   1.00 15.08 ? 172 ALA A O   1 
ATOM   1170 C CB  . ALA A 1 176 ? 0.078   16.109  2.411   1.00 17.24 ? 172 ALA A CB  1 
ATOM   1171 N N   . THR A 1 177 ? -2.965  15.402  1.715   1.00 14.54 ? 173 THR A N   1 
ATOM   1172 C CA  . THR A 1 177 ? -4.048  14.415  1.749   1.00 15.23 ? 173 THR A CA  1 
ATOM   1173 C C   . THR A 1 177 ? -4.532  14.082  0.293   1.00 15.22 ? 173 THR A C   1 
ATOM   1174 O O   . THR A 1 177 ? -4.644  12.931  -0.064  1.00 16.18 ? 173 THR A O   1 
ATOM   1175 C CB  . THR A 1 177 ? -5.204  14.965  2.566   1.00 15.56 ? 173 THR A CB  1 
ATOM   1176 O OG1 . THR A 1 177 ? -4.748  15.123  3.967   1.00 16.11 ? 173 THR A OG1 1 
ATOM   1177 C CG2 . THR A 1 177 ? -6.363  13.903  2.558   1.00 16.84 ? 173 THR A CG2 1 
ATOM   1178 N N   . ALA A 1 178 ? -4.819  15.104  -0.493  1.00 13.36 ? 174 ALA A N   1 
ATOM   1179 C CA  . ALA A 1 178 ? -5.305  14.815  -1.860  1.00 13.23 ? 174 ALA A CA  1 
ATOM   1180 C C   . ALA A 1 178 ? -4.256  14.081  -2.684  1.00 14.97 ? 174 ALA A C   1 
ATOM   1181 O O   . ALA A 1 178 ? -4.682  13.187  -3.417  1.00 14.09 ? 174 ALA A O   1 
ATOM   1182 C CB  . ALA A 1 178 ? -5.608  16.164  -2.550  1.00 14.25 ? 174 ALA A CB  1 
ATOM   1183 N N   . LEU A 1 179 ? -2.985  14.456  -2.567  1.00 14.45 ? 175 LEU A N   1 
ATOM   1184 C CA  . LEU A 1 179 ? -1.982  13.800  -3.437  1.00 12.93 ? 175 LEU A CA  1 
ATOM   1185 C C   . LEU A 1 179 ? -1.828  12.322  -2.976  1.00 13.38 ? 175 LEU A C   1 
ATOM   1186 O O   . LEU A 1 179 ? -1.659  11.435  -3.854  1.00 13.11 ? 175 LEU A O   1 
ATOM   1187 C CB  . LEU A 1 179 ? -0.629  14.530  -3.246  1.00 13.09 ? 175 LEU A CB  1 
ATOM   1188 C CG  . LEU A 1 179 ? -0.656  15.894  -3.937  1.00 13.34 ? 175 LEU A CG  1 
ATOM   1189 C CD1 . LEU A 1 179 ? 0.726   16.582  -3.679  1.00 15.45 ? 175 LEU A CD1 1 
ATOM   1190 C CD2 . LEU A 1 179 ? -0.867  15.822  -5.458  1.00 15.84 ? 175 LEU A CD2 1 
ATOM   1191 N N   . ASN A 1 180 ? -1.811  12.037  -1.685  1.00 13.97 ? 176 ASN A N   1 
ATOM   1192 C CA  . ASN A 1 180 ? -1.710  10.633  -1.284  1.00 13.71 ? 176 ASN A CA  1 
ATOM   1193 C C   . ASN A 1 180 ? -2.955  9.824   -1.660  1.00 13.95 ? 176 ASN A C   1 
ATOM   1194 O O   . ASN A 1 180 ? -2.822  8.678   -2.061  1.00 16.10 ? 176 ASN A O   1 
ATOM   1195 C CB  . ASN A 1 180 ? -1.465  10.546  0.211   1.00 14.41 ? 176 ASN A CB  1 
ATOM   1196 C CG  . ASN A 1 180 ? 0.057   10.780  0.542   1.00 16.21 ? 176 ASN A CG  1 
ATOM   1197 O OD1 . ASN A 1 180 ? 0.834   9.815   0.511   1.00 19.71 ? 176 ASN A OD1 1 
ATOM   1198 N ND2 . ASN A 1 180 ? 0.458   12.012  0.916   1.00 14.92 ? 176 ASN A ND2 1 
ATOM   1199 N N   . LEU A 1 181 ? -4.140  10.425  -1.565  1.00 13.36 ? 177 LEU A N   1 
ATOM   1200 C CA  . LEU A 1 181 ? -5.345  9.735   -2.046  1.00 12.31 ? 177 LEU A CA  1 
ATOM   1201 C C   . LEU A 1 181 ? -5.311  9.466   -3.575  1.00 12.88 ? 177 LEU A C   1 
ATOM   1202 O O   . LEU A 1 181 ? -5.752  8.424   -4.051  1.00 14.58 ? 177 LEU A O   1 
ATOM   1203 C CB  . LEU A 1 181 ? -6.659  10.478  -1.628  1.00 13.63 ? 177 LEU A CB  1 
ATOM   1204 C CG  . LEU A 1 181 ? -6.916  10.455  -0.092  1.00 14.68 ? 177 LEU A CG  1 
ATOM   1205 C CD1 . LEU A 1 181 ? -8.109  11.386  0.200   1.00 17.28 ? 177 LEU A CD1 1 
ATOM   1206 C CD2 . LEU A 1 181 ? -7.392  9.069   0.266   1.00 17.16 ? 177 LEU A CD2 1 
ATOM   1207 N N   . MET A 1 182 ? -4.869  10.439  -4.345  1.00 12.19 ? 178 MET A N   1 
ATOM   1208 C CA  . MET A 1 182 ? -4.683  10.234  -5.782  1.00 13.18 ? 178 MET A CA  1 
ATOM   1209 C C   . MET A 1 182 ? -3.801  9.007   -5.982  1.00 14.33 ? 178 MET A C   1 
ATOM   1210 O O   . MET A 1 182 ? -4.144  8.180   -6.860  1.00 14.32 ? 178 MET A O   1 
ATOM   1211 C CB  . MET A 1 182 ? -4.014  11.430  -6.417  1.00 12.70 ? 178 MET A CB  1 
ATOM   1212 C CG  . MET A 1 182 ? -3.684  11.141  -7.931  1.00 15.40 ? 178 MET A CG  1 
ATOM   1213 S SD  . MET A 1 182 ? -2.925  12.557  -8.739  1.00 17.89 ? 178 MET A SD  1 
ATOM   1214 C CE  . MET A 1 182 ? -1.378  12.753  -7.837  1.00 16.13 ? 178 MET A CE  1 
ATOM   1215 N N   . ASN A 1 183 ? -2.659  8.955   -5.266  1.00 13.66 ? 179 ASN A N   1 
ATOM   1216 C CA  . ASN A 1 183 ? -1.797  7.829   -5.581  1.00 14.50 ? 179 ASN A CA  1 
ATOM   1217 C C   . ASN A 1 183 ? -2.428  6.497   -5.162  1.00 14.65 ? 179 ASN A C   1 
ATOM   1218 O O   . ASN A 1 183 ? -2.316  5.494   -5.951  1.00 14.00 ? 179 ASN A O   1 
ATOM   1219 C CB  . ASN A 1 183 ? -0.464  7.967   -4.858  1.00 13.34 ? 179 ASN A CB  1 
ATOM   1220 C CG  . ASN A 1 183 ? 0.369   9.049   -5.414  1.00 14.83 ? 179 ASN A CG  1 
ATOM   1221 O OD1 . ASN A 1 183 ? -0.055  9.906   -6.229  1.00 15.37 ? 179 ASN A OD1 1 
ATOM   1222 N ND2 . ASN A 1 183 ? 1.662   8.966   -5.015  1.00 14.74 ? 179 ASN A ND2 1 
ATOM   1223 N N   . GLU A 1 184 ? -3.157  6.457   -4.028  1.00 13.90 ? 180 GLU A N   1 
ATOM   1224 C CA  . GLU A 1 184 ? -3.848  5.231   -3.631  1.00 15.65 ? 180 GLU A CA  1 
ATOM   1225 C C   . GLU A 1 184 ? -4.776  4.748   -4.746  1.00 15.67 ? 180 GLU A C   1 
ATOM   1226 O O   . GLU A 1 184 ? -4.704  3.583   -5.223  1.00 15.94 ? 180 GLU A O   1 
ATOM   1227 C CB  . GLU A 1 184 ? -4.693  5.560   -2.429  1.00 17.68 ? 180 GLU A CB  1 
ATOM   1228 C CG  . GLU A 1 184 ? -5.575  4.389   -1.947  1.00 19.21 ? 180 GLU A CG  1 
ATOM   1229 C CD  . GLU A 1 184 ? -6.487  4.819   -0.820  1.00 20.00 ? 180 GLU A CD  1 
ATOM   1230 O OE1 . GLU A 1 184 ? -6.004  5.364   0.174   1.00 21.03 ? 180 GLU A OE1 1 
ATOM   1231 O OE2 . GLU A 1 184 ? -7.707  4.544   -0.949  1.00 23.32 ? 180 GLU A OE2 1 
ATOM   1232 N N   . ARG A 1 185 ? -5.606  5.663   -5.283  1.00 13.12 ? 181 ARG A N   1 
ATOM   1233 C CA  . ARG A 1 185 ? -6.636  5.213   -6.212  1.00 13.36 ? 181 ARG A CA  1 
ATOM   1234 C C   . ARG A 1 185 ? -6.018  4.930   -7.601  1.00 14.31 ? 181 ARG A C   1 
ATOM   1235 O O   . ARG A 1 185 ? -6.395  3.963   -8.238  1.00 16.31 ? 181 ARG A O   1 
ATOM   1236 C CB  . ARG A 1 185 ? -7.630  6.373   -6.420  1.00 13.84 ? 181 ARG A CB  1 
ATOM   1237 C CG  . ARG A 1 185 ? -8.782  6.019   -7.443  1.00 15.62 ? 181 ARG A CG  1 
ATOM   1238 C CD  . ARG A 1 185 ? -9.648  4.884   -6.907  1.00 17.85 ? 181 ARG A CD  1 
ATOM   1239 N NE  . ARG A 1 185 ? -10.627 4.489   -7.906  1.00 20.98 ? 181 ARG A NE  1 
ATOM   1240 C CZ  . ARG A 1 185 ? -10.435 3.463   -8.727  1.00 25.75 ? 181 ARG A CZ  1 
ATOM   1241 N NH1 . ARG A 1 185 ? -9.332  2.716   -8.644  1.00 28.23 ? 181 ARG A NH1 1 
ATOM   1242 N NH2 . ARG A 1 185 ? -11.356 3.089   -9.645  1.00 27.15 ? 181 ARG A NH2 1 
ATOM   1243 N N   . THR A 1 186 ? -5.054  5.791   -8.020  1.00 14.25 ? 182 THR A N   1 
ATOM   1244 C CA  . THR A 1 186 ? -4.457  5.633   -9.370  1.00 14.12 ? 182 THR A CA  1 
ATOM   1245 C C   . THR A 1 186 ? -3.556  4.398   -9.413  1.00 15.72 ? 182 THR A C   1 
ATOM   1246 O O   . THR A 1 186 ? -3.618  3.659   -10.427 1.00 16.92 ? 182 THR A O   1 
ATOM   1247 C CB  . THR A 1 186 ? -3.659  6.891   -9.721  1.00 15.74 ? 182 THR A CB  1 
ATOM   1248 O OG1 . THR A 1 186 ? -4.589  7.993   -9.620  1.00 16.67 ? 182 THR A OG1 1 
ATOM   1249 C CG2 . THR A 1 186 ? -3.196  6.842   -11.210 1.00 18.36 ? 182 THR A CG2 1 
ATOM   1250 N N   . LEU A 1 187 ? -2.696  4.156   -8.403  1.00 14.76 ? 183 LEU A N   1 
ATOM   1251 C CA  . LEU A 1 187 ? -1.907  2.913   -8.420  1.00 15.44 ? 183 LEU A CA  1 
ATOM   1252 C C   . LEU A 1 187 ? -2.822  1.729   -8.370  1.00 16.01 ? 183 LEU A C   1 
ATOM   1253 O O   . LEU A 1 187 ? -2.584  0.773   -9.136  1.00 18.06 ? 183 LEU A O   1 
ATOM   1254 C CB  . LEU A 1 187 ? -0.938  2.904   -7.244  1.00 15.22 ? 183 LEU A CB  1 
ATOM   1255 C CG  . LEU A 1 187 ? 0.197   3.947   -7.323  1.00 15.88 ? 183 LEU A CG  1 
ATOM   1256 C CD1 . LEU A 1 187 ? 0.992   3.832   -6.043  1.00 17.65 ? 183 LEU A CD1 1 
ATOM   1257 C CD2 . LEU A 1 187 ? 1.145   3.633   -8.530  1.00 21.97 ? 183 LEU A CD2 1 
ATOM   1258 N N   . PHE A 1 188 ? -3.904  1.770   -7.556  1.00 16.72 ? 184 PHE A N   1 
ATOM   1259 C CA  . PHE A 1 188 ? -4.834  0.626   -7.552  1.00 16.84 ? 184 PHE A CA  1 
ATOM   1260 C C   . PHE A 1 188 ? -5.377  0.283   -8.935  1.00 16.66 ? 184 PHE A C   1 
ATOM   1261 O O   . PHE A 1 188 ? -5.373  -0.884  -9.441  1.00 18.78 ? 184 PHE A O   1 
ATOM   1262 C CB  . PHE A 1 188 ? -5.972  0.860   -6.575  1.00 18.17 ? 184 PHE A CB  1 
ATOM   1263 C CG  . PHE A 1 188 ? -6.795  -0.421  -6.370  1.00 20.21 ? 184 PHE A CG  1 
ATOM   1264 C CD1 . PHE A 1 188 ? -6.408  -1.364  -5.427  1.00 22.75 ? 184 PHE A CD1 1 
ATOM   1265 C CD2 . PHE A 1 188 ? -7.824  -0.694  -7.253  1.00 24.78 ? 184 PHE A CD2 1 
ATOM   1266 C CE1 . PHE A 1 188 ? -7.154  -2.556  -5.247  1.00 24.82 ? 184 PHE A CE1 1 
ATOM   1267 C CE2 . PHE A 1 188 ? -8.534  -1.893  -7.128  1.00 25.33 ? 184 PHE A CE2 1 
ATOM   1268 C CZ  . PHE A 1 188 ? -8.186  -2.829  -6.138  1.00 26.13 ? 184 PHE A CZ  1 
ATOM   1269 N N   . ALA A 1 189 ? -5.834  1.343   -9.638  1.00 15.27 ? 185 ALA A N   1 
ATOM   1270 C CA  . ALA A 1 189 ? -6.466  1.152   -10.952 1.00 15.82 ? 185 ALA A CA  1 
ATOM   1271 C C   . ALA A 1 189 ? -5.424  0.571   -11.912 1.00 18.20 ? 185 ALA A C   1 
ATOM   1272 O O   . ALA A 1 189 ? -5.755  -0.264  -12.763 1.00 20.61 ? 185 ALA A O   1 
ATOM   1273 C CB  . ALA A 1 189 ? -6.981  2.532   -11.496 1.00 17.46 ? 185 ALA A CB  1 
ATOM   1274 N N   . SER A 1 190 ? -4.215  1.112   -11.831 1.00 16.30 ? 186 SER A N   1 
ATOM   1275 C CA  . SER A 1 190 ? -3.155  0.684   -12.803 1.00 17.67 ? 186 SER A CA  1 
ATOM   1276 C C   . SER A 1 190 ? -2.878  -0.778  -12.507 1.00 19.11 ? 186 SER A C   1 
ATOM   1277 O O   . SER A 1 190 ? -2.727  -1.561  -13.502 1.00 22.29 ? 186 SER A O   1 
ATOM   1278 C CB  . SER A 1 190 ? -1.871  1.499   -12.651 1.00 19.59 ? 186 SER A CB  1 
ATOM   1279 O OG  . SER A 1 190 ? -2.049  2.797   -13.249 1.00 24.45 ? 186 SER A OG  1 
ATOM   1280 N N   . PHE A 1 191 ? -2.714  -1.141  -11.235 1.00 19.66 ? 187 PHE A N   1 
ATOM   1281 C CA  . PHE A 1 191 ? -2.317  -2.558  -10.908 1.00 21.95 ? 187 PHE A CA  1 
ATOM   1282 C C   . PHE A 1 191 ? -3.369  -3.555  -11.310 1.00 30.16 ? 187 PHE A C   1 
ATOM   1283 O O   . PHE A 1 191 ? -3.033  -4.706  -11.669 1.00 27.25 ? 187 PHE A O   1 
ATOM   1284 C CB  . PHE A 1 191 ? -2.077  -2.720  -9.409  1.00 24.24 ? 187 PHE A CB  1 
ATOM   1285 C CG  . PHE A 1 191 ? -0.838  -2.041  -8.947  1.00 25.62 ? 187 PHE A CG  1 
ATOM   1286 C CD1 . PHE A 1 191 ? 0.120   -1.617  -9.868  1.00 27.82 ? 187 PHE A CD1 1 
ATOM   1287 C CD2 . PHE A 1 191 ? -0.583  -1.882  -7.576  1.00 29.05 ? 187 PHE A CD2 1 
ATOM   1288 C CE1 . PHE A 1 191 ? 1.288   -0.977  -9.470  1.00 36.42 ? 187 PHE A CE1 1 
ATOM   1289 C CE2 . PHE A 1 191 ? 0.598   -1.229  -7.179  1.00 31.24 ? 187 PHE A CE2 1 
ATOM   1290 C CZ  . PHE A 1 191 ? 1.513   -0.793  -8.102  1.00 29.44 ? 187 PHE A CZ  1 
ATOM   1291 N N   . ALA A 1 192 ? -4.624  -3.136  -11.182 1.00 24.92 ? 188 ALA A N   1 
ATOM   1292 C CA  . ALA A 1 192 ? -5.822  -3.910  -11.566 1.00 27.27 ? 188 ALA A CA  1 
ATOM   1293 C C   . ALA A 1 192 ? -6.121  -3.988  -13.037 1.00 31.54 ? 188 ALA A C   1 
ATOM   1294 O O   . ALA A 1 192 ? -6.916  -4.837  -13.435 1.00 38.97 ? 188 ALA A O   1 
ATOM   1295 C CB  . ALA A 1 192 ? -7.056  -3.398  -10.754 1.00 27.78 ? 188 ALA A CB  1 
ATOM   1296 N N   . GLY A 1 193 ? -5.547  -3.124  -13.843 1.00 27.18 ? 189 GLY A N   1 
ATOM   1297 C CA  . GLY A 1 193 ? -5.898  -2.970  -15.282 1.00 29.34 ? 189 GLY A CA  1 
ATOM   1298 C C   . GLY A 1 193 ? -7.333  -2.536  -15.398 1.00 34.73 ? 189 GLY A C   1 
ATOM   1299 O O   . GLY A 1 193 ? -8.067  -2.973  -16.289 1.00 31.04 ? 189 GLY A O   1 
ATOM   1300 N N   . GLU A 1 194 ? -7.778  -1.684  -14.478 1.00 27.22 ? 190 GLU A N   1 
ATOM   1301 C CA  . GLU A 1 194 ? -9.159  -1.152  -14.605 1.00 26.88 ? 190 GLU A CA  1 
ATOM   1302 C C   . GLU A 1 194 ? -9.288  -0.351  -15.888 1.00 26.65 ? 190 GLU A C   1 
ATOM   1303 O O   . GLU A 1 194 ? -8.331  0.167   -16.441 1.00 26.85 ? 190 GLU A O   1 
ATOM   1304 C CB  . GLU A 1 194 ? -9.488  -0.261  -13.341 1.00 24.28 ? 190 GLU A CB  1 
ATOM   1305 C CG  . GLU A 1 194 ? -9.664  -1.003  -12.032 1.00 26.77 ? 190 GLU A CG  1 
ATOM   1306 C CD  . GLU A 1 194 ? -9.978  -0.007  -10.931 1.00 38.36 ? 190 GLU A CD  1 
ATOM   1307 O OE1 . GLU A 1 194 ? -10.486 1.076   -11.257 1.00 41.17 ? 190 GLU A OE1 1 
ATOM   1308 O OE2 . GLU A 1 194 ? -9.789  -0.319  -9.778  1.00 43.60 ? 190 GLU A OE2 1 
ATOM   1309 N N   . GLN A 1 195 ? -10.531 -0.207  -16.393 1.00 27.69 ? 191 GLN A N   1 
ATOM   1310 C CA  . GLN A 1 195 ? -10.801 0.687   -17.522 1.00 29.95 ? 191 GLN A CA  1 
ATOM   1311 C C   . GLN A 1 195 ? -11.705 1.771   -16.947 1.00 32.64 ? 191 GLN A C   1 
ATOM   1312 O O   . GLN A 1 195 ? -12.821 1.476   -16.513 1.00 32.51 ? 191 GLN A O   1 
ATOM   1313 C CB  . GLN A 1 195 ? -11.589 -0.067  -18.620 1.00 38.85 ? 191 GLN A CB  1 
ATOM   1314 C CG  . GLN A 1 195 ? -10.747 -1.049  -19.421 1.00 44.33 ? 191 GLN A CG  1 
ATOM   1315 C CD  . GLN A 1 195 ? -9.561  -0.399  -20.126 1.00 57.39 ? 191 GLN A CD  1 
ATOM   1316 O OE1 . GLN A 1 195 ? -9.572  0.808   -20.416 1.00 60.22 ? 191 GLN A OE1 1 
ATOM   1317 N NE2 . GLN A 1 195 ? -8.530  -1.200  -20.419 1.00 56.04 ? 191 GLN A NE2 1 
ATOM   1318 N N   . PRO A 1 196 ? -11.230 3.013   -16.854 1.00 29.99 ? 192 PRO A N   1 
ATOM   1319 C CA  . PRO A 1 196 ? -9.961  3.641   -17.206 1.00 24.01 ? 192 PRO A CA  1 
ATOM   1320 C C   . PRO A 1 196 ? -8.851  3.453   -16.133 1.00 20.46 ? 192 PRO A C   1 
ATOM   1321 O O   . PRO A 1 196 ? -9.106  3.226   -14.904 1.00 22.44 ? 192 PRO A O   1 
ATOM   1322 C CB  . PRO A 1 196 ? -10.340 5.159   -17.158 1.00 26.93 ? 192 PRO A CB  1 
ATOM   1323 C CG  . PRO A 1 196 ? -11.231 5.207   -15.953 1.00 29.87 ? 192 PRO A CG  1 
ATOM   1324 C CD  . PRO A 1 196 ? -12.090 3.932   -16.055 1.00 31.83 ? 192 PRO A CD  1 
ATOM   1325 N N   . SER A 1 197 ? -7.603  3.481   -16.637 1.00 19.70 ? 193 SER A N   1 
ATOM   1326 C CA  . SER A 1 197 ? -6.431  3.477   -15.748 1.00 18.98 ? 193 SER A CA  1 
ATOM   1327 C C   . SER A 1 197 ? -5.271  3.947   -16.544 1.00 20.09 ? 193 SER A C   1 
ATOM   1328 O O   . SER A 1 197 ? -5.297  3.931   -17.777 1.00 24.02 ? 193 SER A O   1 
ATOM   1329 C CB  . SER A 1 197 ? -6.119  2.069   -15.147 1.00 22.83 ? 193 SER A CB  1 
ATOM   1330 O OG  . SER A 1 197 ? -5.830  1.122   -16.222 1.00 23.77 ? 193 SER A OG  1 
ATOM   1331 N N   . VAL A 1 198 ? -4.247  4.466   -15.869 1.00 17.61 ? 194 VAL A N   1 
ATOM   1332 C CA  . VAL A 1 198 ? -2.980  4.808   -16.538 1.00 18.34 ? 194 VAL A CA  1 
ATOM   1333 C C   . VAL A 1 198 ? -2.185  3.510   -16.630 1.00 18.42 ? 194 VAL A C   1 
ATOM   1334 O O   . VAL A 1 198 ? -2.130  2.702   -15.678 1.00 18.66 ? 194 VAL A O   1 
ATOM   1335 C CB  . VAL A 1 198 ? -2.213  5.781   -15.568 1.00 17.67 ? 194 VAL A CB  1 
ATOM   1336 C CG1 . VAL A 1 198 ? -0.874  6.198   -16.236 1.00 18.16 ? 194 VAL A CG1 1 
ATOM   1337 C CG2 . VAL A 1 198 ? -3.047  7.110   -15.463 1.00 19.91 ? 194 VAL A CG2 1 
ATOM   1338 N N   . PRO A 1 199 ? -1.568  3.254   -17.782 1.00 18.08 ? 195 PRO A N   1 
ATOM   1339 C CA  . PRO A 1 199 ? -0.817  1.985   -17.831 1.00 19.30 ? 195 PRO A CA  1 
ATOM   1340 C C   . PRO A 1 199 ? 0.287   1.892   -16.757 1.00 19.42 ? 195 PRO A C   1 
ATOM   1341 O O   . PRO A 1 199 ? 0.950   2.896   -16.437 1.00 18.28 ? 195 PRO A O   1 
ATOM   1342 C CB  . PRO A 1 199 ? -0.142  2.016   -19.210 1.00 25.08 ? 195 PRO A CB  1 
ATOM   1343 C CG  . PRO A 1 199 ? -0.936  3.010   -20.002 1.00 22.77 ? 195 PRO A CG  1 
ATOM   1344 C CD  . PRO A 1 199 ? -1.556  4.025   -19.077 1.00 23.07 ? 195 PRO A CD  1 
ATOM   1345 N N   . GLU A 1 200 ? 0.516   0.705   -16.234 1.00 19.74 ? 196 GLU A N   1 
ATOM   1346 C CA  . GLU A 1 200 ? 1.488   0.607   -15.167 1.00 20.45 ? 196 GLU A CA  1 
ATOM   1347 C C   . GLU A 1 200 ? 2.850   1.156   -15.536 1.00 19.76 ? 196 GLU A C   1 
ATOM   1348 O O   . GLU A 1 200 ? 3.574   1.725   -14.704 1.00 19.17 ? 196 GLU A O   1 
ATOM   1349 C CB  . GLU A 1 200 ? 1.549   -0.916  -14.825 1.00 26.28 ? 196 GLU A CB  1 
ATOM   1350 C CG  . GLU A 1 200 ? 2.332   -1.222  -13.618 1.00 33.51 ? 196 GLU A CG  1 
ATOM   1351 C CD  . GLU A 1 200 ? 2.255   -2.708  -13.276 1.00 43.46 ? 196 GLU A CD  1 
ATOM   1352 O OE1 . GLU A 1 200 ? 1.130   -3.271  -13.346 1.00 46.33 ? 196 GLU A OE1 1 
ATOM   1353 O OE2 . GLU A 1 200 ? 3.313   -3.284  -12.922 1.00 51.16 ? 196 GLU A OE2 1 
ATOM   1354 N N   . ALA A 1 201 ? 3.266   0.992   -16.826 1.00 18.90 ? 197 ALA A N   1 
ATOM   1355 C CA  . ALA A 1 201 ? 4.569   1.596   -17.218 1.00 19.80 ? 197 ALA A CA  1 
ATOM   1356 C C   . ALA A 1 201 ? 4.651   3.118   -17.367 1.00 18.43 ? 197 ALA A C   1 
ATOM   1357 O O   . ALA A 1 201 ? 5.731   3.713   -17.519 1.00 22.64 ? 197 ALA A O   1 
ATOM   1358 C CB  . ALA A 1 201 ? 4.911   0.999   -18.603 1.00 23.27 ? 197 ALA A CB  1 
ATOM   1359 N N   . ARG A 1 202 ? 3.502   3.777   -17.168 1.00 17.10 ? 198 ARG A N   1 
ATOM   1360 C CA  . ARG A 1 202 ? 3.432   5.210   -17.246 1.00 17.42 ? 198 ARG A CA  1 
ATOM   1361 C C   . ARG A 1 202 ? 2.971   5.842   -15.957 1.00 16.81 ? 198 ARG A C   1 
ATOM   1362 O O   . ARG A 1 202 ? 3.036   7.094   -15.855 1.00 17.78 ? 198 ARG A O   1 
ATOM   1363 C CB  . ARG A 1 202 ? 2.396   5.683   -18.219 1.00 18.49 ? 198 ARG A CB  1 
ATOM   1364 C CG  . ARG A 1 202 ? 2.813   5.306   -19.671 1.00 20.09 ? 198 ARG A CG  1 
ATOM   1365 C CD  . ARG A 1 202 ? 4.005   6.199   -20.148 1.00 24.08 ? 198 ARG A CD  1 
ATOM   1366 N NE  . ARG A 1 202 ? 3.759   7.662   -19.885 1.00 25.50 ? 198 ARG A NE  1 
ATOM   1367 C CZ  . ARG A 1 202 ? 4.704   8.521   -19.519 1.00 26.58 ? 198 ARG A CZ  1 
ATOM   1368 N NH1 . ARG A 1 202 ? 5.996   8.109   -19.515 1.00 30.17 ? 198 ARG A NH1 1 
ATOM   1369 N NH2 . ARG A 1 202 ? 4.452   9.802   -19.255 1.00 30.18 ? 198 ARG A NH2 1 
ATOM   1370 N N   . VAL A 1 203 ? 2.572   5.044   -15.007 1.00 14.87 ? 199 VAL A N   1 
ATOM   1371 C CA  . VAL A 1 203 ? 1.850   5.690   -13.859 1.00 16.86 ? 199 VAL A CA  1 
ATOM   1372 C C   . VAL A 1 203 ? 2.816   6.431   -12.920 1.00 16.50 ? 199 VAL A C   1 
ATOM   1373 O O   . VAL A 1 203 ? 2.433   7.468   -12.346 1.00 15.58 ? 199 VAL A O   1 
ATOM   1374 C CB  . VAL A 1 203 ? 0.942   4.677   -13.161 1.00 17.19 ? 199 VAL A CB  1 
ATOM   1375 C CG1 . VAL A 1 203 ? 1.705   3.584   -12.414 1.00 18.07 ? 199 VAL A CG1 1 
ATOM   1376 C CG2 . VAL A 1 203 ? -0.022  5.394   -12.161 1.00 19.88 ? 199 VAL A CG2 1 
ATOM   1377 N N   . LEU A 1 204 ? 4.046   5.956   -12.741 1.00 15.44 ? 200 LEU A N   1 
ATOM   1378 C CA  . LEU A 1 204 ? 4.970   6.691   -11.872 1.00 17.34 ? 200 LEU A CA  1 
ATOM   1379 C C   . LEU A 1 204 ? 5.263   8.098   -12.442 1.00 17.80 ? 200 LEU A C   1 
ATOM   1380 O O   . LEU A 1 204 ? 5.204   9.092   -11.683 1.00 17.41 ? 200 LEU A O   1 
ATOM   1381 C CB  . LEU A 1 204 ? 6.222   5.813   -11.592 1.00 20.52 ? 200 LEU A CB  1 
ATOM   1382 C CG  . LEU A 1 204 ? 7.234   6.300   -10.623 1.00 26.12 ? 200 LEU A CG  1 
ATOM   1383 C CD1 . LEU A 1 204 ? 6.580   6.527   -9.224  1.00 24.55 ? 200 LEU A CD1 1 
ATOM   1384 C CD2 . LEU A 1 204 ? 8.329   5.175   -10.625 1.00 28.24 ? 200 LEU A CD2 1 
ATOM   1385 N N   . ASP A 1 205 ? 5.556   8.203   -13.750 1.00 17.85 ? 201 ASP A N   1 
ATOM   1386 C CA  . ASP A 1 205 ? 5.863   9.527   -14.318 1.00 18.44 ? 201 ASP A CA  1 
ATOM   1387 C C   . ASP A 1 205 ? 4.609   10.429  -14.216 1.00 18.65 ? 201 ASP A C   1 
ATOM   1388 O O   . ASP A 1 205 ? 4.756   11.617  -14.020 1.00 15.65 ? 201 ASP A O   1 
ATOM   1389 C CB  . ASP A 1 205 ? 6.131   9.427   -15.847 1.00 22.47 ? 201 ASP A CB  1 
ATOM   1390 C CG  . ASP A 1 205 ? 7.564   9.053   -16.193 1.00 30.55 ? 201 ASP A CG  1 
ATOM   1391 O OD1 . ASP A 1 205 ? 8.432   9.035   -15.304 1.00 28.01 ? 201 ASP A OD1 1 
ATOM   1392 O OD2 . ASP A 1 205 ? 7.840   8.889   -17.417 1.00 33.02 ? 201 ASP A OD2 1 
ATOM   1393 N N   . THR A 1 206 ? 3.417   9.833   -14.372 1.00 16.22 ? 202 THR A N   1 
ATOM   1394 C CA  . THR A 1 206 ? 2.171   10.644  -14.356 1.00 13.64 ? 202 THR A CA  1 
ATOM   1395 C C   . THR A 1 206 ? 1.997   11.233  -12.943 1.00 14.63 ? 202 THR A C   1 
ATOM   1396 O O   . THR A 1 206 ? 1.769   12.435  -12.739 1.00 14.69 ? 202 THR A O   1 
ATOM   1397 C CB  . THR A 1 206 ? 1.016   9.728   -14.665 1.00 16.26 ? 202 THR A CB  1 
ATOM   1398 O OG1 . THR A 1 206 ? 1.202   9.214   -16.013 1.00 17.83 ? 202 THR A OG1 1 
ATOM   1399 C CG2 . THR A 1 206 ? -0.310  10.590  -14.625 1.00 16.57 ? 202 THR A CG2 1 
ATOM   1400 N N   . LEU A 1 207 ? 2.128   10.350  -11.968 1.00 14.56 ? 203 LEU A N   1 
ATOM   1401 C CA  . LEU A 1 207 ? 1.975   10.844  -10.547 1.00 12.42 ? 203 LEU A CA  1 
ATOM   1402 C C   . LEU A 1 207 ? 3.059   11.833  -10.133 1.00 14.39 ? 203 LEU A C   1 
ATOM   1403 O O   . LEU A 1 207 ? 2.765   12.865  -9.507  1.00 14.55 ? 203 LEU A O   1 
ATOM   1404 C CB  . LEU A 1 207 ? 1.964   9.676   -9.547  1.00 13.52 ? 203 LEU A CB  1 
ATOM   1405 C CG  . LEU A 1 207 ? 0.751   8.691   -9.847  1.00 13.41 ? 203 LEU A CG  1 
ATOM   1406 C CD1 . LEU A 1 207 ? 0.901   7.464   -8.931  1.00 13.33 ? 203 LEU A CD1 1 
ATOM   1407 C CD2 . LEU A 1 207 ? -0.618  9.362   -9.637  1.00 15.27 ? 203 LEU A CD2 1 
ATOM   1408 N N   . VAL A 1 208 ? 4.296   11.573  -10.538 1.00 14.56 ? 204 VAL A N   1 
ATOM   1409 C CA  . VAL A 1 208 ? 5.394   12.446  -10.088 1.00 13.94 ? 204 VAL A CA  1 
ATOM   1410 C C   . VAL A 1 208 ? 5.172   13.867  -10.730 1.00 14.37 ? 204 VAL A C   1 
ATOM   1411 O O   . VAL A 1 208 ? 5.339   14.854  -10.020 1.00 15.92 ? 204 VAL A O   1 
ATOM   1412 C CB  . VAL A 1 208 ? 6.705   11.897  -10.604 1.00 15.25 ? 204 VAL A CB  1 
ATOM   1413 C CG1 . VAL A 1 208 ? 7.803   12.940  -10.348 1.00 19.60 ? 204 VAL A CG1 1 
ATOM   1414 C CG2 . VAL A 1 208 ? 7.044   10.693  -9.720  1.00 16.33 ? 204 VAL A CG2 1 
ATOM   1415 N N   . HIS A 1 209 ? 4.710   13.907  -11.957 1.00 15.27 ? 205 HIS A N   1 
ATOM   1416 C CA  . HIS A 1 209 ? 4.363   15.210  -12.582 1.00 14.84 ? 205 HIS A CA  1 
ATOM   1417 C C   . HIS A 1 209 ? 3.338   15.989  -11.749 1.00 14.40 ? 205 HIS A C   1 
ATOM   1418 O O   . HIS A 1 209 ? 3.538   17.200  -11.446 1.00 17.94 ? 205 HIS A O   1 
ATOM   1419 C CB  . HIS A 1 209 ? 3.870   15.018  -14.006 1.00 14.16 ? 205 HIS A CB  1 
ATOM   1420 C CG  . HIS A 1 209 ? 3.303   16.276  -14.605 1.00 15.59 ? 205 HIS A CG  1 
ATOM   1421 N ND1 . HIS A 1 209 ? 4.100   17.186  -15.235 1.00 19.62 ? 205 HIS A ND1 1 
ATOM   1422 C CD2 . HIS A 1 209 ? 2.015   16.779  -14.579 1.00 18.20 ? 205 HIS A CD2 1 
ATOM   1423 C CE1 . HIS A 1 209 ? 3.320   18.258  -15.617 1.00 17.73 ? 205 HIS A CE1 1 
ATOM   1424 N NE2 . HIS A 1 209 ? 2.029   17.994  -15.237 1.00 18.61 ? 205 HIS A NE2 1 
ATOM   1425 N N   . ILE A 1 210 ? 2.278   15.308  -11.369 1.00 13.61 ? 206 ILE A N   1 
ATOM   1426 C CA  . ILE A 1 210 ? 1.240   16.024  -10.634 1.00 13.64 ? 206 ILE A CA  1 
ATOM   1427 C C   . ILE A 1 210 ? 1.750   16.466  -9.233  1.00 14.64 ? 206 ILE A C   1 
ATOM   1428 O O   . ILE A 1 210 ? 1.372   17.579  -8.790  1.00 14.59 ? 206 ILE A O   1 
ATOM   1429 C CB  . ILE A 1 210 ? 0.027   15.123  -10.547 1.00 13.05 ? 206 ILE A CB  1 
ATOM   1430 C CG1 . ILE A 1 210 ? -0.488  14.901  -11.975 1.00 15.19 ? 206 ILE A CG1 1 
ATOM   1431 C CG2 . ILE A 1 210 ? -1.085  15.795  -9.670  1.00 13.96 ? 206 ILE A CG2 1 
ATOM   1432 C CD1 . ILE A 1 210 ? -1.568  13.775  -12.087 1.00 17.02 ? 206 ILE A CD1 1 
ATOM   1433 N N   . TRP A 1 211 ? 2.511   15.608  -8.535  1.00 16.26 ? 207 TRP A N   1 
ATOM   1434 C CA  . TRP A 1 211 ? 3.091   16.007  -7.218  1.00 16.08 ? 207 TRP A CA  1 
ATOM   1435 C C   . TRP A 1 211 ? 3.991   17.251  -7.420  1.00 16.18 ? 207 TRP A C   1 
ATOM   1436 O O   . TRP A 1 211 ? 3.884   18.224  -6.667  1.00 15.40 ? 207 TRP A O   1 
ATOM   1437 C CB  . TRP A 1 211 ? 3.890   14.861  -6.659  1.00 14.27 ? 207 TRP A CB  1 
ATOM   1438 C CG  . TRP A 1 211 ? 3.028   13.825  -6.037  1.00 15.11 ? 207 TRP A CG  1 
ATOM   1439 C CD1 . TRP A 1 211 ? 1.973   13.072  -6.576  1.00 14.60 ? 207 TRP A CD1 1 
ATOM   1440 C CD2 . TRP A 1 211 ? 3.075   13.467  -4.628  1.00 14.62 ? 207 TRP A CD2 1 
ATOM   1441 N NE1 . TRP A 1 211 ? 1.417   12.211  -5.620  1.00 14.92 ? 207 TRP A NE1 1 
ATOM   1442 C CE2 . TRP A 1 211 ? 2.068   12.398  -4.411  1.00 14.07 ? 207 TRP A CE2 1 
ATOM   1443 C CE3 . TRP A 1 211 ? 3.832   13.915  -3.541  1.00 15.47 ? 207 TRP A CE3 1 
ATOM   1444 C CZ2 . TRP A 1 211 ? 1.778   11.847  -3.155  1.00 15.21 ? 207 TRP A CZ2 1 
ATOM   1445 C CZ3 . TRP A 1 211 ? 3.542   13.276  -2.293  1.00 16.77 ? 207 TRP A CZ3 1 
ATOM   1446 C CH2 . TRP A 1 211 ? 2.556   12.334  -2.089  1.00 15.42 ? 207 TRP A CH2 1 
ATOM   1447 N N   . VAL A 1 212 ? 4.911   17.208  -8.397  1.00 15.85 ? 208 VAL A N   1 
ATOM   1448 C CA  . VAL A 1 212 ? 5.897   18.275  -8.440  1.00 17.40 ? 208 VAL A CA  1 
ATOM   1449 C C   . VAL A 1 212 ? 5.272   19.559  -8.905  1.00 17.18 ? 208 VAL A C   1 
ATOM   1450 O O   . VAL A 1 212 ? 5.558   20.629  -8.335  1.00 19.16 ? 208 VAL A O   1 
ATOM   1451 C CB  . VAL A 1 212 ? 7.085   17.911  -9.362  1.00 20.53 ? 208 VAL A CB  1 
ATOM   1452 C CG1 . VAL A 1 212 ? 7.993   19.105  -9.581  1.00 29.87 ? 208 VAL A CG1 1 
ATOM   1453 C CG2 . VAL A 1 212 ? 7.822   16.750  -8.689  1.00 19.49 ? 208 VAL A CG2 1 
ATOM   1454 N N   . THR A 1 213 ? 4.353   19.502  -9.857  1.00 16.11 ? 209 THR A N   1 
ATOM   1455 C CA  . THR A 1 213 ? 3.722   20.771  -10.264 1.00 16.97 ? 209 THR A CA  1 
ATOM   1456 C C   . THR A 1 213 ? 2.817   21.353  -9.147  1.00 18.73 ? 209 THR A C   1 
ATOM   1457 O O   . THR A 1 213 ? 2.788   22.584  -8.971  1.00 18.75 ? 209 THR A O   1 
ATOM   1458 C CB  . THR A 1 213 ? 2.916   20.643  -11.544 1.00 17.42 ? 209 THR A CB  1 
ATOM   1459 O OG1 . THR A 1 213 ? 1.974   19.562  -11.385 1.00 17.36 ? 209 THR A OG1 1 
ATOM   1460 C CG2 . THR A 1 213 ? 3.864   20.339  -12.693 1.00 20.86 ? 209 THR A CG2 1 
ATOM   1461 N N   . SER A 1 214 ? 2.094   20.500  -8.444  1.00 16.70 ? 210 SER A N   1 
ATOM   1462 C CA  . SER A 1 214 ? 1.197   21.035  -7.403  1.00 15.47 ? 210 SER A CA  1 
ATOM   1463 C C   . SER A 1 214 ? 1.932   21.481  -6.164  1.00 16.96 ? 210 SER A C   1 
ATOM   1464 O O   . SER A 1 214 ? 1.484   22.408  -5.452  1.00 17.95 ? 210 SER A O   1 
ATOM   1465 C CB  . SER A 1 214 ? 0.061   20.057  -7.119  1.00 16.64 ? 210 SER A CB  1 
ATOM   1466 O OG  . SER A 1 214 ? 0.579   18.918  -6.412  1.00 17.76 ? 210 SER A OG  1 
ATOM   1467 N N   . ILE A 1 215 ? 3.085   20.897  -5.862  1.00 15.94 ? 211 ILE A N   1 
ATOM   1468 C CA  . ILE A 1 215 ? 3.821   21.332  -4.677  1.00 16.55 ? 211 ILE A CA  1 
ATOM   1469 C C   . ILE A 1 215 ? 4.671   22.576  -5.031  1.00 18.06 ? 211 ILE A C   1 
ATOM   1470 O O   . ILE A 1 215 ? 4.764   23.469  -4.162  1.00 18.87 ? 211 ILE A O   1 
ATOM   1471 C CB  . ILE A 1 215 ? 4.694   20.163  -4.180  1.00 16.58 ? 211 ILE A CB  1 
ATOM   1472 C CG1 . ILE A 1 215 ? 3.750   19.082  -3.572  1.00 17.05 ? 211 ILE A CG1 1 
ATOM   1473 C CG2 . ILE A 1 215 ? 5.755   20.646  -3.126  1.00 18.59 ? 211 ILE A CG2 1 
ATOM   1474 C CD1 . ILE A 1 215 ? 4.494   17.700  -3.314  1.00 18.97 ? 211 ILE A CD1 1 
ATOM   1475 N N   . TYR A 1 216 ? 5.285   22.628  -6.209  1.00 17.75 ? 212 TYR A N   1 
ATOM   1476 C CA  . TYR A 1 216 ? 6.273   23.736  -6.432  1.00 19.34 ? 212 TYR A CA  1 
ATOM   1477 C C   . TYR A 1 216 ? 5.686   24.843  -7.265  1.00 20.37 ? 212 TYR A C   1 
ATOM   1478 O O   . TYR A 1 216 ? 6.314   25.892  -7.429  1.00 25.44 ? 212 TYR A O   1 
ATOM   1479 C CB  . TYR A 1 216 ? 7.582   23.184  -7.045  1.00 18.91 ? 212 TYR A CB  1 
ATOM   1480 C CG  . TYR A 1 216 ? 8.248   22.246  -6.090  1.00 19.68 ? 212 TYR A CG  1 
ATOM   1481 C CD1 . TYR A 1 216 ? 9.045   22.710  -5.000  1.00 19.52 ? 212 TYR A CD1 1 
ATOM   1482 C CD2 . TYR A 1 216 ? 8.062   20.847  -6.257  1.00 18.27 ? 212 TYR A CD2 1 
ATOM   1483 C CE1 . TYR A 1 216 ? 9.618   21.816  -4.090  1.00 19.80 ? 212 TYR A CE1 1 
ATOM   1484 C CE2 . TYR A 1 216 ? 8.601   19.948  -5.364  1.00 19.64 ? 212 TYR A CE2 1 
ATOM   1485 C CZ  . TYR A 1 216 ? 9.423   20.432  -4.315  1.00 20.32 ? 212 TYR A CZ  1 
ATOM   1486 O OH  . TYR A 1 216 ? 9.975   19.575  -3.457  1.00 22.39 ? 212 TYR A OH  1 
ATOM   1487 N N   . GLY A 1 217 ? 4.520   24.604  -7.870  1.00 21.91 ? 213 GLY A N   1 
ATOM   1488 C CA  . GLY A 1 217 ? 3.867   25.492  -8.869  1.00 25.71 ? 213 GLY A CA  1 
ATOM   1489 C C   . GLY A 1 217 ? 3.095   26.624  -8.161  1.00 28.68 ? 213 GLY A C   1 
ATOM   1490 O O   . GLY A 1 217 ? 2.442   26.411  -7.154  1.00 28.85 ? 213 GLY A O   1 
ATOM   1491 N N   . GLU A 1 218 ? 3.263   27.862  -8.667  1.00 35.35 ? 214 GLU A N   1 
ATOM   1492 C CA  . GLU A 1 218 ? 2.623   29.039  -8.056  1.00 45.45 ? 214 GLU A CA  1 
ATOM   1493 C C   . GLU A 1 218 ? 1.147   28.969  -8.413  1.00 42.10 ? 214 GLU A C   1 
ATOM   1494 O O   . GLU A 1 218 ? 0.799   28.601  -9.574  1.00 38.52 ? 214 GLU A O   1 
ATOM   1495 C CB  . GLU A 1 218 ? 3.259   30.350  -8.588  1.00 46.93 ? 214 GLU A CB  1 
ATOM   1496 C CG  . GLU A 1 218 ? 4.777   30.479  -8.356  1.00 48.23 ? 214 GLU A CG  1 
HETATM 1497 O O   . 841 B 2 .   ? -5.122  0.575   -3.148  1.00 21.89 ? 301 841 A O   1 
HETATM 1498 C C11 . 841 B 2 .   ? -4.099  0.849   -2.476  1.00 19.93 ? 301 841 A C11 1 
HETATM 1499 N N3  . 841 B 2 .   ? -2.926  0.851   -3.069  1.00 21.13 ? 301 841 A N3  1 
HETATM 1500 C C15 . 841 B 2 .   ? -2.838  0.568   -4.547  1.00 21.10 ? 301 841 A C15 1 
HETATM 1501 C C14 . 841 B 2 .   ? -1.339  0.282   -4.562  1.00 24.13 ? 301 841 A C14 1 
HETATM 1502 C C13 . 841 B 2 .   ? -0.661  1.083   -3.470  1.00 23.26 ? 301 841 A C13 1 
HETATM 1503 C C12 . 841 B 2 .   ? -1.670  1.048   -2.351  1.00 23.24 ? 301 841 A C12 1 
HETATM 1504 N N2  . 841 B 2 .   ? -4.201  1.163   -1.154  1.00 21.26 ? 301 841 A N2  1 
HETATM 1505 C C10 . 841 B 2 .   ? -5.460  0.972   -0.374  1.00 24.22 ? 301 841 A C10 1 
HETATM 1506 C C7  . 841 B 2 .   ? -5.817  -0.534  -0.150  1.00 23.45 ? 301 841 A C7  1 
HETATM 1507 C C6  . 841 B 2 .   ? -6.589  -0.597  1.170   1.00 22.25 ? 301 841 A C6  1 
HETATM 1508 C C5  . 841 B 2 .   ? -6.910  -2.057  1.495   1.00 23.68 ? 301 841 A C5  1 
HETATM 1509 C C8  . 841 B 2 .   ? -4.574  -1.426  -0.064  1.00 24.49 ? 301 841 A C8  1 
HETATM 1510 C C9  . 841 B 2 .   ? -4.987  -2.896  0.276   1.00 25.24 ? 301 841 A C9  1 
HETATM 1511 N N1  . 841 B 2 .   ? -5.604  -2.669  1.590   1.00 25.50 ? 301 841 A N1  1 
HETATM 1512 C C3  . 841 B 2 .   ? -4.830  -2.693  2.777   1.00 28.18 ? 301 841 A C3  1 
HETATM 1513 C C4  . 841 B 2 .   ? -5.366  -2.339  4.034   1.00 25.42 ? 301 841 A C4  1 
HETATM 1514 C C   . 841 B 2 .   ? -4.545  -2.329  5.195   1.00 25.90 ? 301 841 A C   1 
HETATM 1515 N N   . 841 B 2 .   ? -3.505  -2.992  2.652   1.00 28.05 ? 301 841 A N   1 
HETATM 1516 C C2  . 841 B 2 .   ? -2.661  -2.968  3.728   1.00 24.63 ? 301 841 A C2  1 
HETATM 1517 C C1  . 841 B 2 .   ? -3.159  -2.650  5.052   1.00 24.63 ? 301 841 A C1  1 
HETATM 1518 O O   . 841 C 2 .   ? 2.378   6.917   -3.271  1.00 19.13 ? 302 841 A O   1 
HETATM 1519 C C11 . 841 C 2 .   ? 1.899   7.157   -2.101  1.00 18.10 ? 302 841 A C11 1 
HETATM 1520 N N3  . 841 C 2 .   ? 0.812   6.468   -1.664  1.00 19.04 ? 302 841 A N3  1 
HETATM 1521 C C15 . 841 C 2 .   ? 0.193   5.363   -2.408  1.00 16.92 ? 302 841 A C15 1 
HETATM 1522 C C14 . 841 C 2 .   ? -0.651  4.627   -1.382  1.00 18.41 ? 302 841 A C14 1 
HETATM 1523 C C13 . 841 C 2 .   ? -0.954  5.697   -0.351  1.00 20.68 ? 302 841 A C13 1 
HETATM 1524 C C12 . 841 C 2 .   ? 0.299   6.612   -0.312  1.00 18.18 ? 302 841 A C12 1 
HETATM 1525 N N2  . 841 C 2 .   ? 2.463   8.077   -1.257  1.00 16.98 ? 302 841 A N2  1 
HETATM 1526 C C10 . 841 C 2 .   ? 3.731   8.722   -1.664  1.00 16.94 ? 302 841 A C10 1 
HETATM 1527 C C7  . 841 C 2 .   ? 4.330   9.521   -0.532  1.00 19.98 ? 302 841 A C7  1 
HETATM 1528 C C6  . 841 C 2 .   ? 5.497   10.364  -1.054  1.00 20.80 ? 302 841 A C6  1 
HETATM 1529 C C5  . 841 C 2 .   ? 6.257   11.119  0.090   1.00 20.65 ? 302 841 A C5  1 
HETATM 1530 C C8  . 841 C 2 .   ? 4.832   8.606   0.588   1.00 21.69 ? 302 841 A C8  1 
HETATM 1531 C C9  . 841 C 2 .   ? 5.547   9.361   1.778   1.00 20.65 ? 302 841 A C9  1 
HETATM 1532 N N1  . 841 C 2 .   ? 6.585   10.095  1.072   1.00 22.13 ? 302 841 A N1  1 
HETATM 1533 C C3  . 841 C 2 .   ? 8.002   9.725   1.156   1.00 24.48 ? 302 841 A C3  1 
HETATM 1534 C C4  . 841 C 2 .   ? 8.842   10.212  0.184   1.00 24.95 ? 302 841 A C4  1 
HETATM 1535 C C   . 841 C 2 .   ? 10.208  9.891   0.186   1.00 30.13 ? 302 841 A C   1 
HETATM 1536 N N   . 841 C 2 .   ? 8.419   8.888   2.128   1.00 30.31 ? 302 841 A N   1 
HETATM 1537 C C2  . 841 C 2 .   ? 9.773   8.560   2.240   1.00 30.89 ? 302 841 A C2  1 
HETATM 1538 C C1  . 841 C 2 .   ? 10.600  9.084   1.284   1.00 29.50 ? 302 841 A C1  1 
HETATM 1539 S S   . SO4 D 3 .   ? 15.838  20.681  -7.839  1.00 53.71 ? 303 SO4 A S   1 
HETATM 1540 O O1  . SO4 D 3 .   ? 14.677  20.451  -8.763  1.00 61.08 ? 303 SO4 A O1  1 
HETATM 1541 O O2  . SO4 D 3 .   ? 17.115  20.755  -8.623  1.00 56.08 ? 303 SO4 A O2  1 
HETATM 1542 O O3  . SO4 D 3 .   ? 15.613  21.934  -7.037  1.00 52.83 ? 303 SO4 A O3  1 
HETATM 1543 O O4  . SO4 D 3 .   ? 16.054  19.597  -6.847  1.00 59.99 ? 303 SO4 A O4  1 
HETATM 1544 O O   . HOH E 4 .   ? -8.015  1.431   -2.795  1.00 50.10 ? 401 HOH A O   1 
HETATM 1545 O O   . HOH E 4 .   ? -6.479  23.075  0.643   1.00 27.01 ? 402 HOH A O   1 
HETATM 1546 O O   . HOH E 4 .   ? 10.407  0.766   -10.069 1.00 24.61 ? 403 HOH A O   1 
HETATM 1547 O O   . HOH E 4 .   ? -14.352 -24.317 5.234   1.00 45.81 ? 404 HOH A O   1 
HETATM 1548 O O   . HOH E 4 .   ? -11.038 3.012   -12.960 1.00 31.17 ? 405 HOH A O   1 
HETATM 1549 O O   . HOH E 4 .   ? -7.600  5.828   2.227   1.00 27.45 ? 406 HOH A O   1 
HETATM 1550 O O   . HOH E 4 .   ? -8.791  3.978   -3.301  1.00 29.88 ? 407 HOH A O   1 
HETATM 1551 O O   . HOH E 4 .   ? 1.919   25.022  -4.793  1.00 21.41 ? 408 HOH A O   1 
HETATM 1552 O O   . HOH E 4 .   ? 2.853   16.948  9.371   1.00 29.26 ? 409 HOH A O   1 
HETATM 1553 O O   . HOH E 4 .   ? 7.184   12.728  -14.425 1.00 30.74 ? 410 HOH A O   1 
HETATM 1554 O O   . HOH E 4 .   ? 3.669   24.463  -1.883  1.00 20.46 ? 411 HOH A O   1 
HETATM 1555 O O   . HOH E 4 .   ? 1.524   20.756  8.179   1.00 37.28 ? 412 HOH A O   1 
HETATM 1556 O O   . HOH E 4 .   ? -7.166  20.911  7.327   0.50 30.35 ? 413 HOH A O   1 
HETATM 1557 O O   . HOH E 4 .   ? -7.393  -11.097 -4.847  1.00 39.53 ? 414 HOH A O   1 
HETATM 1558 O O   . HOH E 4 .   ? 5.406   3.640   -14.029 1.00 21.39 ? 415 HOH A O   1 
HETATM 1559 O O   . HOH E 4 .   ? -0.482  -10.803 -3.794  1.00 26.03 ? 416 HOH A O   1 
HETATM 1560 O O   . HOH E 4 .   ? -0.923  7.162   12.316  1.00 37.62 ? 417 HOH A O   1 
HETATM 1561 O O   . HOH E 4 .   ? -7.706  1.319   -3.747  1.00 34.40 ? 418 HOH A O   1 
HETATM 1562 O O   . HOH E 4 .   ? -11.109 -9.759  0.438   1.00 30.08 ? 419 HOH A O   1 
HETATM 1563 O O   . HOH E 4 .   ? -6.188  -25.662 -1.426  1.00 43.49 ? 420 HOH A O   1 
HETATM 1564 O O   . HOH E 4 .   ? -4.504  4.426   -13.100 1.00 23.92 ? 421 HOH A O   1 
HETATM 1565 O O   . HOH E 4 .   ? 14.121  8.417   -8.712  1.00 29.52 ? 422 HOH A O   1 
HETATM 1566 O O   . HOH E 4 .   ? 2.368   -1.070  -18.547 1.00 24.34 ? 423 HOH A O   1 
HETATM 1567 O O   . HOH E 4 .   ? 5.061   31.850  -1.073  1.00 37.57 ? 424 HOH A O   1 
HETATM 1568 O O   . HOH E 4 .   ? 12.249  3.628   -4.411  1.00 23.86 ? 425 HOH A O   1 
HETATM 1569 O O   . HOH E 4 .   ? -2.090  13.038  9.054   1.00 24.32 ? 426 HOH A O   1 
HETATM 1570 O O   . HOH E 4 .   ? -9.044  3.173   5.226   1.00 32.90 ? 427 HOH A O   1 
HETATM 1571 O O   . HOH E 4 .   ? 6.342   5.973   -15.406 1.00 20.64 ? 428 HOH A O   1 
HETATM 1572 O O   . HOH E 4 .   ? -0.409  -11.236 -6.749  1.00 36.09 ? 429 HOH A O   1 
HETATM 1573 O O   . HOH E 4 .   ? 1.012   -2.695  11.991  1.00 37.98 ? 430 HOH A O   1 
HETATM 1574 O O   . HOH E 4 .   ? 1.609   -9.436  -7.723  1.00 31.94 ? 431 HOH A O   1 
HETATM 1575 O O   . HOH E 4 .   ? -13.155 -18.236 8.208   1.00 31.05 ? 432 HOH A O   1 
HETATM 1576 O O   . HOH E 4 .   ? -2.637  -30.881 11.237  1.00 29.99 ? 433 HOH A O   1 
HETATM 1577 O O   . HOH E 4 .   ? 13.260  0.996   8.360   1.00 46.71 ? 434 HOH A O   1 
HETATM 1578 O O   . HOH E 4 .   ? 5.132   -3.115  -10.018 1.00 54.22 ? 435 HOH A O   1 
HETATM 1579 O O   . HOH E 4 .   ? -8.543  3.602   -4.044  1.00 43.77 ? 436 HOH A O   1 
HETATM 1580 O O   . HOH E 4 .   ? -4.996  -18.160 16.887  1.00 40.82 ? 437 HOH A O   1 
HETATM 1581 O O   . HOH E 4 .   ? 15.246  10.304  -1.727  1.00 41.59 ? 438 HOH A O   1 
HETATM 1582 O O   . HOH E 4 .   ? -12.179 3.386   -0.450  1.00 44.08 ? 439 HOH A O   1 
HETATM 1583 O O   . HOH E 4 .   ? 5.950   3.704   -21.025 1.00 38.94 ? 440 HOH A O   1 
HETATM 1584 O O   . HOH E 4 .   ? 11.310  21.621  -8.057  1.00 51.39 ? 441 HOH A O   1 
HETATM 1585 O O   . HOH E 4 .   ? -10.168 -10.176 -4.004  1.00 33.85 ? 442 HOH A O   1 
HETATM 1586 O O   . HOH E 4 .   ? -4.604  12.410  8.035   1.00 36.10 ? 443 HOH A O   1 
HETATM 1587 O O   . HOH E 4 .   ? -7.247  -34.306 11.488  1.00 34.24 ? 444 HOH A O   1 
HETATM 1588 O O   . HOH E 4 .   ? 11.880  0.268   -3.429  1.00 48.96 ? 445 HOH A O   1 
HETATM 1589 O O   . HOH E 4 .   ? -11.418 3.679   -4.048  0.50 37.83 ? 446 HOH A O   1 
HETATM 1590 O O   . HOH E 4 .   ? 10.587  16.745  7.348   1.00 50.79 ? 447 HOH A O   1 
HETATM 1591 O O   . HOH E 4 .   ? 7.819   2.274   -13.736 1.00 38.96 ? 448 HOH A O   1 
HETATM 1592 O O   . HOH E 4 .   ? 12.445  15.724  -0.676  1.00 41.53 ? 449 HOH A O   1 
# 
